data_6W4P
#
_entry.id   6W4P
#
_cell.length_a   1.00
_cell.length_b   1.00
_cell.length_c   1.00
_cell.angle_alpha   90.00
_cell.angle_beta   90.00
_cell.angle_gamma   90.00
#
_symmetry.space_group_name_H-M   'P 1'
#
loop_
_entity.id
_entity.type
_entity.pdbx_description
1 polymer 'Calcium/calmodulin-dependent protein kinase type II subunit alpha'
2 polymer 'Calcium/calmodulin-dependent protein kinase type II subunit alpha'
#
loop_
_entity_poly.entity_id
_entity_poly.type
_entity_poly.pdbx_seq_one_letter_code
_entity_poly.pdbx_strand_id
1 'polypeptide(L)'
;STRFTEEYQLFEELGKGAFSVVRRCVKVLAGQEYAAKIINTKKLSARDHQKLEREARICRLLKHPNIVRLHDSISEEGHH
YLIFDLVTGGELFEDIVAREYYSEADASHCIQQILEAVLHCHQMGVVHRDLKPENLLLASKLKGAAVKLADFGLAIEVEG
EQQAWFGFAGTPGYLSPEVLRKDPYGKPVDLWACGVILYILLVGYPPFWDEDQHRLYQQIKAGAYDFPSPEWDTVTPEAK
DLINKMLTINPSKRITAAEALKHPWISHRSTVASCMHRQETVDCLKKFNARRKLKGAILTTMLATRNFSGGKSGGNKKSD
GVKESSESTNTTIEDEDTKVRKQEIIKVTEQLIEAISNGDFESYTKMCDPGMTAFEPEALGNLVEGLDFHRFYFENLWSR
NSKPVHTTILNPHIHLMGDESACIAYIRITQYLDAGGIPRTAQSEETRVWHRRDGKWQIVHFHRSGAPSVLPH
;
A,B,C,D,E,F,G,I,J,K,L,M
2 'polypeptide(L)'
;STRFTEEYQLFEELGKGAFSVVRRCVKVLAGQEYAAMIINTKKLSARDHQKLEREARICRLLKHPNIVRLHDSISEEGHH
YLIFDLVTGGELFEDIVAREYYSEADASHCIQQILEAVLHCHQMGVVHRNLKPENLLLASKLKGAAVKLADFGLAIEVEG
EQQAWFGFAGTPGYLSPEVLRKDPYGKPVDLWACGVILYILLVGYPPFWDEDQHRLYQQIKAGAYDFPSPEWDTVTPEAK
DLINKMLTINPSKRITAAEALKHPWISHRSTVASCMHRQETVDCLKKFNARRKLKGAILTTMLATRNFSGGKSGGNKKSD
GVKESSESTNTTIEDEDTKVRKQEIIKVTEQLIEAISNGDFESYTKMCDPGMTAFEPEALGNLVEGLDFHRFYFENLWSR
NSKPVHTTILNPHIHLMGDESACIAYIRITQYLDAGGIPRTAQSEETRVWHRRDGKWQIVHFHRSGAPSVLPH
;
H
#
# COMPACT_ATOMS: atom_id res chain seq x y z
N VAL A 340 -48.29 -16.10 -14.04
CA VAL A 340 -48.47 -16.96 -12.88
C VAL A 340 -47.24 -17.82 -12.63
N ARG A 341 -46.78 -18.54 -13.67
CA ARG A 341 -45.65 -19.44 -13.49
C ARG A 341 -44.37 -18.67 -13.19
N LYS A 342 -44.16 -17.53 -13.87
CA LYS A 342 -43.04 -16.67 -13.52
C LYS A 342 -43.05 -16.33 -12.03
N GLN A 343 -44.23 -15.96 -11.51
CA GLN A 343 -44.35 -15.65 -10.09
C GLN A 343 -44.04 -16.86 -9.22
N GLU A 344 -44.42 -18.05 -9.69
CA GLU A 344 -44.11 -19.28 -8.94
C GLU A 344 -42.60 -19.46 -8.83
N ILE A 345 -41.89 -19.29 -9.94
CA ILE A 345 -40.44 -19.51 -9.94
C ILE A 345 -39.73 -18.45 -9.10
N ILE A 346 -40.20 -17.20 -9.17
CA ILE A 346 -39.64 -16.16 -8.31
C ILE A 346 -39.92 -16.46 -6.84
N LYS A 347 -41.10 -17.03 -6.55
CA LYS A 347 -41.42 -17.39 -5.18
C LYS A 347 -40.47 -18.44 -4.63
N VAL A 348 -40.30 -19.56 -5.37
CA VAL A 348 -39.41 -20.60 -4.86
C VAL A 348 -37.96 -20.14 -4.86
N THR A 349 -37.59 -19.23 -5.77
CA THR A 349 -36.24 -18.68 -5.76
C THR A 349 -35.99 -17.83 -4.52
N GLU A 350 -36.94 -16.94 -4.20
CA GLU A 350 -36.81 -16.12 -2.99
C GLU A 350 -36.86 -16.96 -1.73
N GLN A 351 -37.60 -18.09 -1.76
CA GLN A 351 -37.56 -19.01 -0.63
C GLN A 351 -36.20 -19.70 -0.53
N LEU A 352 -35.56 -19.98 -1.66
CA LEU A 352 -34.21 -20.55 -1.63
C LEU A 352 -33.23 -19.57 -1.02
N ILE A 353 -33.21 -18.33 -1.53
CA ILE A 353 -32.30 -17.32 -1.01
C ILE A 353 -32.60 -17.03 0.46
N GLU A 354 -33.87 -17.11 0.84
CA GLU A 354 -34.23 -16.91 2.25
C GLU A 354 -33.70 -18.05 3.11
N ALA A 355 -33.72 -19.28 2.59
CA ALA A 355 -33.15 -20.39 3.33
C ALA A 355 -31.64 -20.28 3.43
N ILE A 356 -31.00 -19.68 2.43
CA ILE A 356 -29.55 -19.50 2.49
C ILE A 356 -29.18 -18.41 3.47
N SER A 357 -29.92 -17.29 3.47
CA SER A 357 -29.60 -16.17 4.34
C SER A 357 -29.77 -16.53 5.81
N ASN A 358 -30.68 -17.45 6.12
CA ASN A 358 -30.93 -17.86 7.49
C ASN A 358 -30.16 -19.12 7.88
N GLY A 359 -29.38 -19.69 6.97
CA GLY A 359 -28.67 -20.91 7.28
C GLY A 359 -29.55 -22.11 7.54
N ASP A 360 -30.78 -22.11 7.01
CA ASP A 360 -31.73 -23.20 7.22
C ASP A 360 -31.43 -24.30 6.21
N PHE A 361 -30.62 -25.27 6.63
CA PHE A 361 -30.24 -26.38 5.76
C PHE A 361 -31.40 -27.35 5.51
N GLU A 362 -32.40 -27.37 6.39
CA GLU A 362 -33.56 -28.24 6.19
C GLU A 362 -34.38 -27.78 4.99
N SER A 363 -34.79 -26.51 4.99
CA SER A 363 -35.56 -25.98 3.86
C SER A 363 -34.75 -26.03 2.58
N TYR A 364 -33.46 -25.69 2.64
CA TYR A 364 -32.62 -25.75 1.45
C TYR A 364 -32.55 -27.17 0.92
N THR A 365 -32.47 -28.16 1.81
CA THR A 365 -32.46 -29.55 1.37
C THR A 365 -33.78 -29.92 0.71
N LYS A 366 -34.88 -29.42 1.23
CA LYS A 366 -36.18 -29.74 0.64
C LYS A 366 -36.35 -29.12 -0.74
N MET A 367 -35.71 -27.99 -1.00
CA MET A 367 -35.83 -27.31 -2.28
C MET A 367 -34.81 -27.75 -3.32
N CYS A 368 -33.94 -28.70 -2.99
CA CYS A 368 -32.85 -29.12 -3.86
C CYS A 368 -32.97 -30.60 -4.19
N ASP A 369 -32.71 -30.94 -5.44
CA ASP A 369 -32.70 -32.33 -5.85
C ASP A 369 -31.49 -33.04 -5.24
N PRO A 370 -31.63 -34.32 -4.87
CA PRO A 370 -30.48 -35.05 -4.33
C PRO A 370 -29.28 -35.12 -5.27
N GLY A 371 -29.52 -35.25 -6.57
CA GLY A 371 -28.44 -35.30 -7.54
C GLY A 371 -28.13 -33.95 -8.16
N MET A 372 -28.28 -32.88 -7.37
CA MET A 372 -28.05 -31.54 -7.86
C MET A 372 -26.57 -31.29 -8.10
N THR A 373 -26.26 -30.67 -9.23
CA THR A 373 -24.89 -30.27 -9.56
C THR A 373 -24.74 -28.76 -9.37
N ALA A 374 -23.50 -28.32 -9.28
CA ALA A 374 -23.23 -26.92 -8.92
C ALA A 374 -21.91 -26.46 -9.49
N PHE A 375 -21.90 -25.22 -9.98
CA PHE A 375 -20.70 -24.47 -10.32
C PHE A 375 -20.70 -23.20 -9.49
N GLU A 376 -19.63 -22.98 -8.73
CA GLU A 376 -19.53 -21.78 -7.89
C GLU A 376 -18.06 -21.55 -7.56
N PRO A 377 -17.69 -20.31 -7.20
CA PRO A 377 -16.28 -20.05 -6.87
C PRO A 377 -15.75 -20.89 -5.73
N GLU A 378 -16.61 -21.34 -4.83
CA GLU A 378 -16.18 -22.21 -3.75
C GLU A 378 -15.75 -23.59 -4.24
N ALA A 379 -16.19 -23.99 -5.43
CA ALA A 379 -15.80 -25.27 -6.00
C ALA A 379 -14.50 -25.21 -6.79
N LEU A 380 -13.92 -24.02 -6.95
CA LEU A 380 -12.63 -23.85 -7.63
C LEU A 380 -12.64 -24.45 -9.03
N GLY A 381 -13.67 -24.08 -9.80
CA GLY A 381 -13.75 -24.53 -11.17
C GLY A 381 -14.15 -25.98 -11.35
N ASN A 382 -14.61 -26.63 -10.30
CA ASN A 382 -15.05 -28.02 -10.38
C ASN A 382 -16.57 -28.09 -10.29
N LEU A 383 -17.11 -29.21 -10.75
CA LEU A 383 -18.55 -29.47 -10.74
C LEU A 383 -18.84 -30.39 -9.56
N VAL A 384 -19.33 -29.82 -8.46
CA VAL A 384 -19.68 -30.60 -7.28
C VAL A 384 -21.11 -31.10 -7.43
N GLU A 385 -21.36 -32.29 -6.88
CA GLU A 385 -22.67 -32.92 -6.96
C GLU A 385 -23.12 -33.29 -5.56
N GLY A 386 -24.40 -33.07 -5.29
CA GLY A 386 -24.97 -33.36 -3.99
C GLY A 386 -25.21 -32.12 -3.17
N LEU A 387 -25.29 -32.32 -1.86
CA LEU A 387 -25.52 -31.23 -0.94
C LEU A 387 -24.50 -31.14 0.19
N ASP A 388 -23.60 -32.12 0.32
CA ASP A 388 -22.64 -32.08 1.42
C ASP A 388 -21.63 -30.94 1.26
N PHE A 389 -21.36 -30.53 0.02
CA PHE A 389 -20.42 -29.44 -0.20
C PHE A 389 -20.98 -28.11 0.33
N HIS A 390 -22.27 -27.89 0.15
CA HIS A 390 -22.91 -26.68 0.67
C HIS A 390 -23.24 -26.81 2.16
N ARG A 391 -23.34 -28.04 2.66
CA ARG A 391 -23.61 -28.26 4.08
C ARG A 391 -22.53 -27.66 4.95
N PHE A 392 -21.28 -27.67 4.48
CA PHE A 392 -20.19 -27.05 5.24
C PHE A 392 -20.49 -25.58 5.48
N TYR A 393 -20.93 -24.87 4.45
CA TYR A 393 -21.21 -23.45 4.59
C TYR A 393 -22.48 -23.21 5.39
N PHE A 394 -23.46 -24.10 5.29
CA PHE A 394 -24.65 -23.95 6.13
C PHE A 394 -24.30 -24.12 7.61
N GLU A 395 -23.50 -25.13 7.93
CA GLU A 395 -23.19 -25.42 9.33
C GLU A 395 -22.28 -24.37 9.92
N ASN A 396 -21.20 -24.03 9.23
CA ASN A 396 -20.17 -23.19 9.83
C ASN A 396 -20.43 -21.70 9.58
N LEU A 397 -20.54 -21.30 8.31
CA LEU A 397 -20.61 -19.88 8.00
C LEU A 397 -22.02 -19.31 8.26
N TRP A 398 -23.04 -19.87 7.61
CA TRP A 398 -24.36 -19.24 7.62
C TRP A 398 -25.16 -19.53 8.89
N SER A 399 -24.86 -20.61 9.61
CA SER A 399 -25.53 -20.82 10.88
C SER A 399 -25.08 -19.81 11.93
N ARG A 400 -23.85 -19.35 11.86
CA ARG A 400 -23.32 -18.43 12.86
C ARG A 400 -23.81 -17.00 12.68
N ASN A 401 -24.31 -16.65 11.50
CA ASN A 401 -24.64 -15.25 11.20
C ASN A 401 -25.71 -14.69 12.12
N SER A 402 -25.31 -13.76 12.99
CA SER A 402 -26.24 -12.90 13.70
C SER A 402 -26.21 -11.47 13.19
N LYS A 403 -25.23 -11.12 12.36
CA LYS A 403 -25.13 -9.80 11.77
C LYS A 403 -26.21 -9.61 10.70
N PRO A 404 -26.57 -8.36 10.40
CA PRO A 404 -27.58 -8.14 9.36
C PRO A 404 -27.02 -8.38 7.97
N VAL A 405 -27.84 -9.01 7.13
CA VAL A 405 -27.51 -9.27 5.72
C VAL A 405 -28.75 -8.98 4.89
N HIS A 406 -28.59 -8.19 3.83
CA HIS A 406 -29.70 -7.82 2.96
C HIS A 406 -29.36 -8.23 1.53
N THR A 407 -30.26 -8.99 0.90
CA THR A 407 -30.05 -9.51 -0.43
C THR A 407 -30.98 -8.82 -1.42
N THR A 408 -30.44 -8.51 -2.60
CA THR A 408 -31.18 -7.86 -3.66
C THR A 408 -31.06 -8.69 -4.93
N ILE A 409 -32.19 -8.96 -5.56
CA ILE A 409 -32.26 -9.73 -6.80
C ILE A 409 -32.52 -8.74 -7.93
N LEU A 410 -31.50 -8.45 -8.72
CA LEU A 410 -31.60 -7.47 -9.81
C LEU A 410 -31.80 -8.19 -11.14
N ASN A 411 -32.74 -7.67 -11.93
CA ASN A 411 -33.00 -8.08 -13.31
C ASN A 411 -33.22 -9.57 -13.46
N PRO A 412 -34.28 -10.13 -12.87
CA PRO A 412 -34.55 -11.56 -13.02
C PRO A 412 -35.12 -11.85 -14.41
N HIS A 413 -34.56 -12.85 -15.08
CA HIS A 413 -35.05 -13.34 -16.35
C HIS A 413 -35.44 -14.80 -16.19
N ILE A 414 -36.62 -15.16 -16.69
CA ILE A 414 -37.17 -16.49 -16.54
C ILE A 414 -37.42 -17.08 -17.93
N HIS A 415 -36.93 -18.29 -18.14
CA HIS A 415 -37.21 -19.08 -19.34
C HIS A 415 -38.06 -20.27 -18.93
N LEU A 416 -39.29 -20.34 -19.45
CA LEU A 416 -40.17 -21.47 -19.21
C LEU A 416 -39.96 -22.51 -20.31
N MET A 417 -39.76 -23.76 -19.91
CA MET A 417 -39.48 -24.86 -20.84
C MET A 417 -40.44 -26.01 -20.52
N GLY A 418 -41.71 -25.81 -20.86
CA GLY A 418 -42.73 -26.79 -20.57
C GLY A 418 -43.35 -26.58 -19.20
N ASP A 419 -44.30 -27.45 -18.88
CA ASP A 419 -45.04 -27.32 -17.62
C ASP A 419 -44.18 -27.67 -16.41
N GLU A 420 -43.12 -28.46 -16.58
CA GLU A 420 -42.38 -29.02 -15.45
C GLU A 420 -40.94 -28.54 -15.39
N SER A 421 -40.60 -27.45 -16.06
CA SER A 421 -39.22 -26.98 -16.05
C SER A 421 -39.19 -25.47 -16.22
N ALA A 422 -38.20 -24.84 -15.59
CA ALA A 422 -38.00 -23.40 -15.71
C ALA A 422 -36.55 -23.09 -15.38
N CYS A 423 -36.13 -21.87 -15.73
CA CYS A 423 -34.75 -21.47 -15.52
C CYS A 423 -34.72 -19.96 -15.24
N ILE A 424 -34.17 -19.56 -14.10
CA ILE A 424 -34.12 -18.16 -13.74
C ILE A 424 -32.67 -17.71 -13.64
N ALA A 425 -32.38 -16.51 -14.12
CA ALA A 425 -31.05 -15.92 -14.04
C ALA A 425 -31.16 -14.51 -13.49
N TYR A 426 -30.28 -14.16 -12.56
CA TYR A 426 -30.39 -12.86 -11.91
C TYR A 426 -29.05 -12.43 -11.37
N ILE A 427 -28.96 -11.16 -11.00
CA ILE A 427 -27.79 -10.61 -10.34
C ILE A 427 -28.09 -10.52 -8.85
N ARG A 428 -27.28 -11.19 -8.04
CA ARG A 428 -27.48 -11.22 -6.59
C ARG A 428 -26.49 -10.25 -5.94
N ILE A 429 -27.02 -9.23 -5.28
CA ILE A 429 -26.19 -8.24 -4.58
C ILE A 429 -26.43 -8.38 -3.09
N THR A 430 -25.36 -8.59 -2.34
CA THR A 430 -25.42 -8.85 -0.90
C THR A 430 -24.78 -7.69 -0.16
N GLN A 431 -25.56 -7.02 0.68
CA GLN A 431 -25.07 -6.02 1.62
C GLN A 431 -24.88 -6.70 2.98
N TYR A 432 -23.67 -6.63 3.52
CA TYR A 432 -23.37 -7.33 4.76
C TYR A 432 -22.37 -6.52 5.57
N LEU A 433 -22.10 -6.99 6.78
CA LEU A 433 -21.07 -6.42 7.65
C LEU A 433 -19.90 -7.39 7.74
N ASP A 434 -18.70 -6.89 7.51
CA ASP A 434 -17.52 -7.76 7.47
C ASP A 434 -17.07 -8.16 8.88
N ALA A 435 -15.82 -8.58 9.01
CA ALA A 435 -15.25 -8.86 10.33
C ALA A 435 -15.36 -7.65 11.23
N GLY A 436 -14.84 -6.52 10.78
CA GLY A 436 -15.10 -5.25 11.42
C GLY A 436 -16.51 -4.77 11.11
N GLY A 437 -16.85 -3.63 11.69
CA GLY A 437 -18.19 -3.09 11.50
C GLY A 437 -18.34 -2.25 10.25
N ILE A 438 -17.69 -2.64 9.16
CA ILE A 438 -17.68 -1.87 7.91
C ILE A 438 -18.65 -2.53 6.94
N PRO A 439 -19.60 -1.79 6.37
CA PRO A 439 -20.51 -2.39 5.39
C PRO A 439 -19.77 -2.71 4.09
N ARG A 440 -19.98 -3.92 3.60
CA ARG A 440 -19.42 -4.38 2.34
C ARG A 440 -20.53 -4.89 1.44
N THR A 441 -20.26 -4.90 0.13
CA THR A 441 -21.19 -5.34 -0.88
C THR A 441 -20.51 -6.38 -1.77
N ALA A 442 -21.26 -7.44 -2.11
CA ALA A 442 -20.75 -8.48 -2.98
C ALA A 442 -21.74 -8.73 -4.11
N GLN A 443 -21.22 -8.99 -5.31
CA GLN A 443 -22.05 -9.30 -6.47
C GLN A 443 -21.79 -10.73 -6.91
N SER A 444 -22.86 -11.42 -7.32
CA SER A 444 -22.75 -12.79 -7.80
C SER A 444 -23.82 -13.02 -8.85
N GLU A 445 -23.41 -13.36 -10.06
CA GLU A 445 -24.36 -13.73 -11.10
C GLU A 445 -24.82 -15.16 -10.86
N GLU A 446 -26.14 -15.36 -10.81
CA GLU A 446 -26.70 -16.64 -10.42
C GLU A 446 -27.67 -17.17 -11.45
N THR A 447 -27.52 -18.45 -11.79
CA THR A 447 -28.43 -19.19 -12.65
C THR A 447 -28.98 -20.36 -11.86
N ARG A 448 -30.30 -20.41 -11.70
CA ARG A 448 -30.98 -21.49 -11.00
C ARG A 448 -31.86 -22.24 -12.00
N VAL A 449 -31.70 -23.56 -12.05
CA VAL A 449 -32.44 -24.43 -12.96
C VAL A 449 -33.47 -25.21 -12.15
N TRP A 450 -34.75 -24.89 -12.33
CA TRP A 450 -35.83 -25.48 -11.55
C TRP A 450 -36.53 -26.57 -12.35
N HIS A 451 -36.83 -27.67 -11.66
CA HIS A 451 -37.57 -28.78 -12.24
C HIS A 451 -38.58 -29.26 -11.22
N ARG A 452 -39.83 -29.41 -11.64
CA ARG A 452 -40.90 -29.82 -10.74
C ARG A 452 -41.02 -31.35 -10.72
N ARG A 453 -40.77 -31.95 -9.56
CA ARG A 453 -40.98 -33.37 -9.34
C ARG A 453 -41.81 -33.53 -8.08
N ASP A 454 -42.77 -34.45 -8.13
CA ASP A 454 -43.70 -34.69 -7.02
C ASP A 454 -44.47 -33.42 -6.67
N GLY A 455 -44.88 -32.67 -7.70
CA GLY A 455 -45.64 -31.46 -7.49
C GLY A 455 -44.91 -30.35 -6.77
N LYS A 456 -43.58 -30.39 -6.74
CA LYS A 456 -42.79 -29.38 -6.05
C LYS A 456 -41.57 -29.02 -6.87
N TRP A 457 -41.29 -27.72 -6.97
CA TRP A 457 -40.11 -27.28 -7.70
C TRP A 457 -38.85 -27.58 -6.90
N GLN A 458 -37.81 -28.02 -7.60
CA GLN A 458 -36.52 -28.31 -6.97
C GLN A 458 -35.40 -27.89 -7.89
N ILE A 459 -34.28 -27.50 -7.30
CA ILE A 459 -33.09 -27.13 -8.05
C ILE A 459 -32.37 -28.41 -8.47
N VAL A 460 -32.17 -28.58 -9.77
CA VAL A 460 -31.33 -29.66 -10.28
C VAL A 460 -29.92 -29.19 -10.61
N HIS A 461 -29.70 -27.88 -10.73
CA HIS A 461 -28.40 -27.33 -11.08
C HIS A 461 -28.44 -25.83 -10.88
N PHE A 462 -27.32 -25.27 -10.40
CA PHE A 462 -27.17 -23.83 -10.33
C PHE A 462 -25.72 -23.48 -10.67
N HIS A 463 -25.51 -22.20 -11.00
CA HIS A 463 -24.23 -21.71 -11.47
C HIS A 463 -24.04 -20.29 -10.94
N ARG A 464 -22.96 -20.08 -10.19
CA ARG A 464 -22.66 -18.77 -9.60
C ARG A 464 -21.33 -18.24 -10.09
N SER A 465 -21.26 -16.92 -10.24
CA SER A 465 -20.04 -16.23 -10.64
C SER A 465 -19.85 -15.01 -9.75
N GLY A 466 -18.58 -14.69 -9.49
CA GLY A 466 -18.22 -13.54 -8.69
C GLY A 466 -18.19 -13.85 -7.20
N ALA A 467 -17.50 -12.99 -6.46
CA ALA A 467 -17.38 -13.13 -5.02
C ALA A 467 -17.36 -11.78 -4.32
N VAL B 340 16.99 42.09 7.52
CA VAL B 340 16.14 42.25 8.70
C VAL B 340 14.69 41.97 8.36
N ARG B 341 14.25 42.34 7.15
CA ARG B 341 12.85 42.17 6.78
C ARG B 341 12.47 40.71 6.65
N LYS B 342 13.42 39.84 6.27
CA LYS B 342 13.11 38.42 6.12
C LYS B 342 13.04 37.70 7.46
N GLN B 343 13.74 38.21 8.48
CA GLN B 343 13.72 37.58 9.79
C GLN B 343 12.31 37.59 10.38
N GLU B 344 11.52 38.62 10.10
CA GLU B 344 10.15 38.67 10.56
C GLU B 344 9.33 37.52 9.96
N ILE B 345 9.49 37.28 8.66
CA ILE B 345 8.80 36.19 8.00
C ILE B 345 9.25 34.85 8.58
N ILE B 346 10.54 34.72 8.88
CA ILE B 346 11.03 33.51 9.53
C ILE B 346 10.34 33.32 10.88
N LYS B 347 10.20 34.41 11.64
CA LYS B 347 9.56 34.34 12.95
C LYS B 347 8.12 33.85 12.85
N VAL B 348 7.30 34.54 12.02
CA VAL B 348 5.89 34.16 11.94
C VAL B 348 5.72 32.77 11.35
N THR B 349 6.62 32.37 10.45
CA THR B 349 6.53 31.03 9.88
C THR B 349 6.83 29.96 10.94
N GLU B 350 7.88 30.18 11.74
CA GLU B 350 8.20 29.23 12.80
C GLU B 350 7.10 29.17 13.83
N GLN B 351 6.47 30.31 14.11
CA GLN B 351 5.31 30.31 15.01
C GLN B 351 4.17 29.50 14.42
N LEU B 352 3.96 29.59 13.10
CA LEU B 352 2.92 28.81 12.46
C LEU B 352 3.19 27.31 12.58
N ILE B 353 4.42 26.88 12.26
CA ILE B 353 4.77 25.47 12.36
C ILE B 353 4.70 24.98 13.80
N GLU B 354 5.03 25.86 14.76
CA GLU B 354 4.88 25.50 16.16
C GLU B 354 3.42 25.31 16.53
N ALA B 355 2.54 26.15 15.98
CA ALA B 355 1.11 26.00 16.27
C ALA B 355 0.57 24.70 15.69
N ILE B 356 1.02 24.34 14.48
CA ILE B 356 0.60 23.08 13.88
C ILE B 356 1.15 21.89 14.66
N SER B 357 2.41 21.98 15.11
CA SER B 357 3.02 20.86 15.82
C SER B 357 2.38 20.66 17.19
N ASN B 358 2.12 21.74 17.91
CA ASN B 358 1.49 21.65 19.22
C ASN B 358 -0.03 21.53 19.14
N GLY B 359 -0.61 21.55 17.94
CA GLY B 359 -2.05 21.44 17.81
C GLY B 359 -2.81 22.62 18.36
N ASP B 360 -2.19 23.80 18.41
CA ASP B 360 -2.84 25.00 18.93
C ASP B 360 -3.63 25.64 17.79
N PHE B 361 -4.93 25.35 17.74
CA PHE B 361 -5.77 25.82 16.64
C PHE B 361 -6.15 27.29 16.76
N GLU B 362 -6.20 27.84 17.98
CA GLU B 362 -6.56 29.24 18.15
C GLU B 362 -5.45 30.15 17.63
N SER B 363 -4.20 29.90 18.05
CA SER B 363 -3.08 30.62 17.48
C SER B 363 -2.99 30.42 15.98
N TYR B 364 -3.37 29.23 15.50
CA TYR B 364 -3.38 28.99 14.06
C TYR B 364 -4.40 29.88 13.37
N THR B 365 -5.57 30.05 13.97
CA THR B 365 -6.59 30.90 13.36
C THR B 365 -6.17 32.37 13.38
N LYS B 366 -5.40 32.79 14.38
CA LYS B 366 -4.95 34.17 14.40
C LYS B 366 -3.98 34.47 13.25
N MET B 367 -3.12 33.51 12.91
CA MET B 367 -2.11 33.71 11.87
C MET B 367 -2.61 33.38 10.47
N CYS B 368 -3.91 33.08 10.32
CA CYS B 368 -4.49 32.74 9.03
C CYS B 368 -5.61 33.71 8.69
N ASP B 369 -5.66 34.13 7.42
CA ASP B 369 -6.75 34.95 6.95
C ASP B 369 -8.03 34.12 6.92
N PRO B 370 -9.19 34.71 7.26
CA PRO B 370 -10.44 33.94 7.22
C PRO B 370 -10.78 33.38 5.85
N GLY B 371 -10.30 34.01 4.78
CA GLY B 371 -10.55 33.53 3.44
C GLY B 371 -9.35 32.87 2.81
N MET B 372 -8.56 32.18 3.63
CA MET B 372 -7.35 31.53 3.16
C MET B 372 -7.68 30.35 2.27
N THR B 373 -6.89 30.17 1.20
CA THR B 373 -7.01 29.01 0.32
C THR B 373 -5.77 28.13 0.48
N ALA B 374 -5.95 26.85 0.20
CA ALA B 374 -4.90 25.88 0.43
C ALA B 374 -4.96 24.75 -0.59
N PHE B 375 -3.81 24.43 -1.17
CA PHE B 375 -3.59 23.17 -1.88
C PHE B 375 -2.79 22.27 -0.96
N GLU B 376 -3.32 21.08 -0.65
CA GLU B 376 -2.59 20.17 0.22
C GLU B 376 -2.96 18.74 -0.13
N PRO B 377 -2.06 17.77 0.13
CA PRO B 377 -2.37 16.37 -0.22
C PRO B 377 -3.63 15.84 0.45
N GLU B 378 -3.98 16.36 1.63
CA GLU B 378 -5.20 15.93 2.30
C GLU B 378 -6.46 16.42 1.58
N ALA B 379 -6.34 17.37 0.66
CA ALA B 379 -7.47 17.88 -0.09
C ALA B 379 -7.72 17.10 -1.38
N LEU B 380 -6.88 16.12 -1.69
CA LEU B 380 -7.07 15.22 -2.83
C LEU B 380 -7.13 16.01 -4.14
N GLY B 381 -6.16 16.90 -4.33
CA GLY B 381 -6.07 17.68 -5.54
C GLY B 381 -7.08 18.79 -5.66
N ASN B 382 -7.95 18.97 -4.67
CA ASN B 382 -8.93 20.04 -4.67
C ASN B 382 -8.39 21.25 -3.93
N LEU B 383 -8.94 22.42 -4.26
CA LEU B 383 -8.64 23.67 -3.57
C LEU B 383 -9.71 23.90 -2.52
N VAL B 384 -9.30 24.01 -1.26
CA VAL B 384 -10.23 24.22 -0.16
C VAL B 384 -10.01 25.63 0.40
N GLU B 385 -11.10 26.25 0.82
CA GLU B 385 -11.07 27.62 1.31
C GLU B 385 -11.52 27.65 2.77
N GLY B 386 -10.94 28.56 3.53
CA GLY B 386 -11.29 28.68 4.94
C GLY B 386 -10.47 27.74 5.81
N LEU B 387 -10.68 27.89 7.11
CA LEU B 387 -9.96 27.11 8.11
C LEU B 387 -10.78 25.91 8.60
N ASP B 388 -12.03 25.79 8.17
CA ASP B 388 -12.88 24.69 8.63
C ASP B 388 -12.32 23.32 8.24
N PHE B 389 -11.51 23.27 7.18
CA PHE B 389 -10.97 22.00 6.71
C PHE B 389 -9.79 21.51 7.53
N HIS B 390 -9.04 22.43 8.14
CA HIS B 390 -7.88 22.08 8.94
C HIS B 390 -8.23 21.82 10.40
N ARG B 391 -9.36 22.37 10.86
CA ARG B 391 -9.81 22.13 12.23
C ARG B 391 -9.92 20.64 12.52
N PHE B 392 -10.41 19.87 11.54
CA PHE B 392 -10.56 18.43 11.73
C PHE B 392 -9.23 17.78 12.08
N TYR B 393 -8.15 18.21 11.41
CA TYR B 393 -6.84 17.66 11.72
C TYR B 393 -6.33 18.16 13.06
N PHE B 394 -6.68 19.39 13.45
CA PHE B 394 -6.24 19.87 14.76
C PHE B 394 -6.90 19.08 15.90
N GLU B 395 -8.20 18.81 15.78
CA GLU B 395 -8.91 18.11 16.85
C GLU B 395 -8.49 16.66 16.95
N ASN B 396 -8.73 15.89 15.88
CA ASN B 396 -8.67 14.44 15.96
C ASN B 396 -7.24 13.92 15.95
N LEU B 397 -6.47 14.29 14.93
CA LEU B 397 -5.14 13.72 14.76
C LEU B 397 -4.22 14.11 15.92
N TRP B 398 -4.25 15.38 16.32
CA TRP B 398 -3.42 15.83 17.43
C TRP B 398 -4.17 15.71 18.76
N SER B 402 0.24 12.22 22.22
CA SER B 402 1.41 12.88 22.75
C SER B 402 2.69 12.13 22.40
N LYS B 403 2.80 11.75 21.11
CA LYS B 403 3.99 11.04 20.65
C LYS B 403 5.07 12.03 20.25
N PRO B 404 6.33 11.72 20.56
CA PRO B 404 7.43 12.65 20.23
C PRO B 404 7.60 12.81 18.73
N VAL B 405 7.66 14.07 18.29
CA VAL B 405 7.78 14.42 16.88
C VAL B 405 8.76 15.58 16.77
N HIS B 406 9.64 15.52 15.77
CA HIS B 406 10.63 16.56 15.53
C HIS B 406 10.50 17.07 14.11
N THR B 407 10.48 18.38 13.95
CA THR B 407 10.30 19.03 12.65
C THR B 407 11.55 19.81 12.28
N THR B 408 11.99 19.66 11.03
CA THR B 408 13.19 20.30 10.51
C THR B 408 12.84 21.10 9.27
N ILE B 409 13.35 22.33 9.20
CA ILE B 409 13.10 23.23 8.08
C ILE B 409 14.39 23.38 7.29
N LEU B 410 14.36 22.93 6.04
CA LEU B 410 15.53 22.89 5.17
C LEU B 410 15.35 23.88 4.02
N ASN B 411 16.38 24.68 3.78
CA ASN B 411 16.56 25.57 2.64
C ASN B 411 15.37 26.50 2.43
N PRO B 412 15.11 27.43 3.35
CA PRO B 412 14.03 28.39 3.12
C PRO B 412 14.45 29.44 2.11
N HIS B 413 13.48 29.87 1.32
CA HIS B 413 13.66 30.97 0.39
C HIS B 413 12.51 31.95 0.56
N ILE B 414 12.85 33.23 0.70
CA ILE B 414 11.88 34.28 0.97
C ILE B 414 11.91 35.29 -0.17
N HIS B 415 10.73 35.60 -0.72
CA HIS B 415 10.55 36.64 -1.70
C HIS B 415 9.74 37.77 -1.05
N LEU B 416 10.36 38.93 -0.93
CA LEU B 416 9.71 40.12 -0.40
C LEU B 416 9.04 40.87 -1.55
N MET B 417 7.76 41.20 -1.37
CA MET B 417 6.97 41.88 -2.40
C MET B 417 6.31 43.12 -1.79
N GLY B 418 7.14 44.06 -1.37
CA GLY B 418 6.67 45.24 -0.68
C GLY B 418 6.85 45.12 0.82
N ASP B 419 6.20 46.05 1.53
CA ASP B 419 6.24 46.07 2.99
C ASP B 419 5.03 45.40 3.62
N GLU B 420 4.15 44.80 2.83
CA GLU B 420 2.94 44.18 3.34
C GLU B 420 2.69 42.79 2.80
N SER B 421 3.53 42.27 1.90
CA SER B 421 3.31 40.97 1.29
C SER B 421 4.65 40.25 1.16
N ALA B 422 4.65 38.97 1.51
CA ALA B 422 5.87 38.17 1.40
C ALA B 422 5.49 36.73 1.10
N CYS B 423 6.47 35.96 0.62
CA CYS B 423 6.25 34.56 0.29
C CYS B 423 7.47 33.76 0.72
N ILE B 424 7.24 32.60 1.34
CA ILE B 424 8.33 31.76 1.80
C ILE B 424 8.08 30.33 1.34
N ALA B 425 9.13 29.67 0.82
CA ALA B 425 9.05 28.29 0.38
C ALA B 425 10.19 27.49 1.00
N TYR B 426 9.86 26.29 1.49
CA TYR B 426 10.84 25.54 2.25
C TYR B 426 10.51 24.05 2.20
N ILE B 427 11.48 23.25 2.61
CA ILE B 427 11.31 21.80 2.74
C ILE B 427 11.12 21.48 4.21
N ARG B 428 10.12 20.67 4.53
CA ARG B 428 9.79 20.31 5.89
C ARG B 428 9.97 18.81 6.08
N ILE B 429 10.84 18.43 7.02
CA ILE B 429 11.10 17.04 7.38
C ILE B 429 10.45 16.79 8.74
N THR B 430 9.85 15.62 8.89
CA THR B 430 9.16 15.25 10.12
C THR B 430 9.61 13.86 10.56
N GLN B 431 10.29 13.79 11.69
CA GLN B 431 10.66 12.53 12.33
C GLN B 431 9.62 12.21 13.39
N TYR B 432 9.04 11.01 13.32
CA TYR B 432 7.94 10.66 14.20
C TYR B 432 8.02 9.17 14.53
N LEU B 433 7.01 8.67 15.23
CA LEU B 433 6.89 7.26 15.56
C LEU B 433 5.53 6.76 15.09
N ASP B 434 5.53 5.58 14.46
CA ASP B 434 4.30 4.98 13.96
C ASP B 434 3.62 4.17 15.06
N ALA B 435 2.68 3.30 14.65
CA ALA B 435 1.97 2.49 15.61
C ALA B 435 2.90 1.46 16.25
N GLY B 436 3.87 0.99 15.49
CA GLY B 436 4.82 0.04 16.00
C GLY B 436 5.95 0.64 16.80
N GLY B 437 5.95 1.96 17.00
CA GLY B 437 7.03 2.62 17.69
C GLY B 437 8.30 2.79 16.90
N ILE B 438 8.31 2.39 15.64
CA ILE B 438 9.52 2.49 14.81
C ILE B 438 9.74 3.95 14.43
N PRO B 439 10.97 4.46 14.48
CA PRO B 439 11.22 5.82 14.00
C PRO B 439 11.01 5.93 12.50
N ARG B 440 10.33 7.00 12.09
CA ARG B 440 9.99 7.24 10.69
C ARG B 440 10.28 8.70 10.36
N THR B 441 10.31 8.99 9.06
CA THR B 441 10.60 10.33 8.57
C THR B 441 9.79 10.59 7.31
N ALA B 442 9.36 11.84 7.15
CA ALA B 442 8.51 12.24 6.03
C ALA B 442 8.91 13.61 5.53
N GLN B 443 8.94 13.76 4.20
CA GLN B 443 9.30 15.02 3.57
C GLN B 443 8.04 15.70 3.03
N SER B 444 8.10 17.02 2.94
CA SER B 444 6.95 17.78 2.47
C SER B 444 7.42 19.13 1.97
N GLU B 445 7.08 19.48 0.73
CA GLU B 445 7.44 20.78 0.17
C GLU B 445 6.31 21.76 0.46
N GLU B 446 6.64 22.91 1.05
CA GLU B 446 5.63 23.83 1.52
C GLU B 446 5.88 25.26 1.04
N THR B 447 4.79 25.94 0.67
CA THR B 447 4.78 27.33 0.26
C THR B 447 3.76 28.09 1.09
N ARG B 448 4.19 29.20 1.69
CA ARG B 448 3.33 30.04 2.52
C ARG B 448 3.31 31.45 1.96
N VAL B 449 2.11 31.99 1.75
CA VAL B 449 1.91 33.33 1.21
C VAL B 449 1.38 34.22 2.32
N TRP B 450 2.24 35.10 2.83
CA TRP B 450 1.95 35.98 3.94
C TRP B 450 1.53 37.36 3.46
N HIS B 451 0.55 37.94 4.15
CA HIS B 451 0.04 39.27 3.86
C HIS B 451 -0.12 40.01 5.18
N ARG B 452 0.47 41.20 5.28
CA ARG B 452 0.43 41.98 6.51
C ARG B 452 -0.87 42.79 6.53
N ARG B 453 -1.75 42.46 7.48
CA ARG B 453 -3.00 43.17 7.68
C ARG B 453 -3.06 43.66 9.12
N ASP B 454 -3.33 44.96 9.29
CA ASP B 454 -3.37 45.60 10.61
C ASP B 454 -2.07 45.33 11.38
N GLY B 455 -0.95 45.42 10.66
CA GLY B 455 0.35 45.16 11.27
C GLY B 455 0.58 43.74 11.72
N LYS B 456 -0.18 42.78 11.18
CA LYS B 456 -0.08 41.39 11.57
C LYS B 456 -0.06 40.51 10.33
N TRP B 457 0.99 39.70 10.17
CA TRP B 457 1.09 38.82 9.03
C TRP B 457 0.10 37.66 9.15
N GLN B 458 -0.56 37.34 8.04
CA GLN B 458 -1.53 36.26 7.99
C GLN B 458 -1.39 35.49 6.68
N ILE B 459 -1.63 34.19 6.73
CA ILE B 459 -1.57 33.34 5.55
C ILE B 459 -2.83 33.57 4.72
N VAL B 460 -2.64 33.90 3.43
CA VAL B 460 -3.78 34.05 2.54
C VAL B 460 -3.95 32.79 1.70
N HIS B 461 -2.86 32.04 1.53
CA HIS B 461 -2.87 30.84 0.71
C HIS B 461 -1.62 30.04 1.04
N PHE B 462 -1.74 28.72 1.08
CA PHE B 462 -0.56 27.89 1.22
C PHE B 462 -0.69 26.63 0.36
N HIS B 463 0.46 26.05 0.05
CA HIS B 463 0.56 24.93 -0.88
C HIS B 463 1.58 23.93 -0.34
N ARG B 464 1.10 22.73 0.00
CA ARG B 464 1.93 21.65 0.50
C ARG B 464 1.88 20.49 -0.48
N SER B 465 3.02 19.82 -0.65
CA SER B 465 3.09 18.65 -1.53
C SER B 465 4.01 17.61 -0.89
N GLY B 466 4.20 16.50 -1.60
CA GLY B 466 4.87 15.36 -1.03
C GLY B 466 3.91 14.54 -0.20
N ALA B 467 4.48 13.64 0.60
CA ALA B 467 3.66 12.91 1.55
C ALA B 467 3.04 13.90 2.55
N PRO B 468 1.80 13.65 3.00
CA PRO B 468 1.10 14.57 3.91
C PRO B 468 1.86 14.83 5.22
N VAL C 340 50.20 3.42 12.03
CA VAL C 340 49.84 3.87 13.38
C VAL C 340 48.67 4.84 13.32
N ARG C 341 48.76 5.82 12.41
CA ARG C 341 47.69 6.80 12.24
C ARG C 341 46.40 6.15 11.76
N LYS C 342 46.51 5.24 10.78
CA LYS C 342 45.35 4.46 10.36
C LYS C 342 44.66 3.82 11.56
N GLN C 343 45.44 3.17 12.43
CA GLN C 343 44.87 2.56 13.63
C GLN C 343 44.21 3.61 14.51
N GLU C 344 44.78 4.81 14.59
CA GLU C 344 44.15 5.88 15.38
C GLU C 344 42.74 6.17 14.85
N ILE C 345 42.61 6.29 13.53
CA ILE C 345 41.29 6.48 12.93
C ILE C 345 40.37 5.32 13.29
N ILE C 346 40.89 4.09 13.24
CA ILE C 346 40.08 2.92 13.62
C ILE C 346 39.60 3.05 15.05
N LYS C 347 40.46 3.58 15.94
CA LYS C 347 40.09 3.76 17.33
C LYS C 347 38.91 4.71 17.48
N VAL C 348 39.03 5.92 16.93
CA VAL C 348 37.94 6.89 17.10
C VAL C 348 36.68 6.38 16.40
N THR C 349 36.83 5.59 15.34
CA THR C 349 35.65 5.08 14.64
C THR C 349 34.92 4.03 15.47
N GLU C 350 35.67 3.09 16.06
CA GLU C 350 35.06 2.10 16.94
C GLU C 350 34.37 2.78 18.11
N GLN C 351 35.00 3.81 18.70
CA GLN C 351 34.34 4.57 19.75
C GLN C 351 33.06 5.22 19.24
N LEU C 352 33.04 5.66 17.98
CA LEU C 352 31.82 6.23 17.42
C LEU C 352 30.71 5.18 17.35
N ILE C 353 31.02 4.01 16.78
CA ILE C 353 30.02 2.96 16.64
C ILE C 353 29.50 2.53 18.01
N GLU C 354 30.39 2.42 18.99
CA GLU C 354 29.95 2.04 20.32
C GLU C 354 29.07 3.13 20.94
N ALA C 355 29.39 4.40 20.68
CA ALA C 355 28.56 5.48 21.20
C ALA C 355 27.17 5.47 20.59
N ILE C 356 27.08 5.19 19.30
CA ILE C 356 25.77 5.10 18.65
C ILE C 356 25.00 3.90 19.20
N SER C 357 25.68 2.76 19.38
CA SER C 357 25.00 1.55 19.84
C SER C 357 24.48 1.72 21.26
N ASN C 358 25.26 2.36 22.13
CA ASN C 358 24.83 2.55 23.52
C ASN C 358 23.78 3.64 23.66
N GLY C 359 23.46 4.36 22.59
CA GLY C 359 22.54 5.48 22.71
C GLY C 359 23.10 6.63 23.52
N ASP C 360 24.42 6.77 23.57
CA ASP C 360 25.07 7.83 24.34
C ASP C 360 25.27 9.03 23.44
N PHE C 361 24.29 9.93 23.44
CA PHE C 361 24.39 11.15 22.65
C PHE C 361 25.47 12.09 23.18
N GLU C 362 25.80 11.99 24.47
CA GLU C 362 26.84 12.84 25.04
C GLU C 362 28.19 12.60 24.36
N SER C 363 28.62 11.34 24.31
CA SER C 363 29.88 11.02 23.66
C SER C 363 29.79 11.22 22.15
N TYR C 364 28.61 10.99 21.57
CA TYR C 364 28.43 11.22 20.14
C TYR C 364 28.62 12.69 19.78
N THR C 365 28.25 13.60 20.69
CA THR C 365 28.41 15.02 20.41
C THR C 365 29.88 15.42 20.36
N LYS C 366 30.71 14.86 21.25
CA LYS C 366 32.12 15.24 21.31
C LYS C 366 32.85 14.85 20.03
N MET C 367 32.56 13.66 19.50
CA MET C 367 33.24 13.17 18.30
C MET C 367 32.72 13.78 17.02
N CYS C 368 31.70 14.63 17.08
CA CYS C 368 31.11 15.25 15.89
C CYS C 368 31.30 16.75 15.94
N ASP C 369 31.61 17.33 14.78
CA ASP C 369 31.68 18.78 14.66
C ASP C 369 30.29 19.38 14.83
N PRO C 370 30.18 20.54 15.48
CA PRO C 370 28.87 21.18 15.63
C PRO C 370 28.16 21.44 14.31
N GLY C 371 28.91 21.69 13.23
CA GLY C 371 28.33 21.89 11.93
C GLY C 371 28.49 20.67 11.04
N MET C 372 28.23 19.49 11.60
CA MET C 372 28.47 18.25 10.87
C MET C 372 27.49 18.11 9.72
N THR C 373 28.01 17.71 8.56
CA THR C 373 27.20 17.45 7.38
C THR C 373 26.85 15.97 7.30
N ALA C 374 25.66 15.68 6.78
CA ALA C 374 25.16 14.30 6.80
C ALA C 374 24.26 14.01 5.60
N PHE C 375 24.52 12.87 4.96
CA PHE C 375 23.63 12.26 3.96
C PHE C 375 23.24 10.89 4.50
N GLU C 376 21.94 10.65 4.64
CA GLU C 376 21.48 9.37 5.16
C GLU C 376 20.06 9.13 4.68
N PRO C 377 19.63 7.86 4.60
CA PRO C 377 18.26 7.58 4.15
C PRO C 377 17.19 8.16 5.06
N GLU C 378 17.48 8.41 6.33
CA GLU C 378 16.53 9.06 7.22
C GLU C 378 16.28 10.51 6.85
N ALA C 379 17.14 11.10 6.01
CA ALA C 379 16.96 12.46 5.53
C ALA C 379 16.26 12.53 4.19
N LEU C 380 15.95 11.39 3.58
CA LEU C 380 15.14 11.31 2.36
C LEU C 380 15.78 12.12 1.22
N GLY C 381 17.05 11.87 0.98
CA GLY C 381 17.76 12.51 -0.10
C GLY C 381 18.20 13.94 0.16
N ASN C 382 17.95 14.46 1.36
CA ASN C 382 18.34 15.81 1.71
C ASN C 382 19.65 15.81 2.50
N LEU C 383 20.31 16.96 2.51
CA LEU C 383 21.55 17.16 3.25
C LEU C 383 21.23 17.79 4.59
N VAL C 384 21.65 17.15 5.68
CA VAL C 384 21.31 17.57 7.03
C VAL C 384 22.55 18.12 7.72
N GLU C 385 22.43 19.26 8.38
CA GLU C 385 23.53 19.89 9.08
C GLU C 385 23.25 19.91 10.58
N GLY C 386 24.27 19.62 11.37
CA GLY C 386 24.10 19.61 12.80
C GLY C 386 23.83 18.23 13.36
N LEU C 387 23.60 18.21 14.67
CA LEU C 387 23.30 16.98 15.40
C LEU C 387 21.86 16.91 15.89
N ASP C 388 21.06 17.96 15.63
CA ASP C 388 19.66 17.93 16.02
C ASP C 388 18.91 16.77 15.35
N PHE C 389 19.30 16.41 14.14
CA PHE C 389 18.55 15.41 13.38
C PHE C 389 18.73 14.01 13.96
N HIS C 390 19.94 13.67 14.36
CA HIS C 390 20.20 12.33 14.92
C HIS C 390 19.76 12.24 16.36
N ARG C 391 19.53 13.37 17.02
CA ARG C 391 19.08 13.37 18.41
C ARG C 391 17.76 12.62 18.54
N PHE C 392 16.87 12.75 17.55
CA PHE C 392 15.59 12.05 17.60
C PHE C 392 15.79 10.54 17.66
N TYR C 393 16.84 10.02 17.01
CA TYR C 393 17.10 8.59 17.07
C TYR C 393 17.85 8.21 18.34
N PHE C 394 18.66 9.12 18.88
CA PHE C 394 19.30 8.82 20.17
C PHE C 394 18.28 8.82 21.31
N GLU C 395 17.34 9.76 21.29
CA GLU C 395 16.36 9.84 22.37
C GLU C 395 15.37 8.68 22.32
N ASN C 396 14.78 8.43 21.14
CA ASN C 396 13.66 7.50 21.04
C ASN C 396 14.12 6.06 20.94
N LEU C 397 14.64 5.68 19.77
CA LEU C 397 14.88 4.27 19.46
C LEU C 397 15.96 3.68 20.36
N TRP C 398 17.12 4.34 20.44
CA TRP C 398 18.30 3.69 21.00
C TRP C 398 18.34 3.72 22.53
N SER C 399 17.51 4.52 23.18
CA SER C 399 17.43 4.48 24.63
C SER C 399 16.72 3.22 25.09
N SER C 402 15.69 -1.35 23.39
CA SER C 402 17.09 -1.72 23.43
C SER C 402 17.24 -3.24 23.55
N LYS C 403 17.02 -3.92 22.43
CA LYS C 403 17.16 -5.37 22.34
C LYS C 403 18.55 -5.73 21.87
N PRO C 404 18.95 -7.00 21.98
CA PRO C 404 20.29 -7.40 21.53
C PRO C 404 20.53 -7.06 20.06
N VAL C 405 21.67 -6.41 19.81
CA VAL C 405 22.06 -5.94 18.49
C VAL C 405 23.55 -6.16 18.32
N HIS C 406 23.96 -6.72 17.19
CA HIS C 406 25.37 -6.97 16.90
C HIS C 406 25.75 -6.32 15.59
N THR C 407 26.79 -5.49 15.62
CA THR C 407 27.28 -4.80 14.44
C THR C 407 28.53 -5.51 13.92
N THR C 408 28.74 -5.42 12.61
CA THR C 408 29.88 -6.06 11.96
C THR C 408 30.38 -5.13 10.87
N ILE C 409 31.66 -4.78 10.92
CA ILE C 409 32.28 -3.89 9.95
C ILE C 409 33.07 -4.72 8.96
N LEU C 410 32.81 -4.51 7.67
CA LEU C 410 33.42 -5.28 6.60
C LEU C 410 34.13 -4.37 5.62
N ASN C 411 35.34 -4.77 5.24
CA ASN C 411 36.17 -4.12 4.22
C ASN C 411 36.39 -2.64 4.50
N PRO C 412 37.03 -2.28 5.63
CA PRO C 412 37.30 -0.87 5.91
C PRO C 412 38.49 -0.38 5.10
N HIS C 413 38.35 0.83 4.55
CA HIS C 413 39.42 1.50 3.81
C HIS C 413 39.62 2.89 4.39
N ILE C 414 40.88 3.27 4.57
CA ILE C 414 41.24 4.55 5.18
C ILE C 414 42.14 5.32 4.23
N HIS C 415 41.77 6.57 3.98
CA HIS C 415 42.57 7.52 3.22
C HIS C 415 43.07 8.58 4.18
N LEU C 416 44.39 8.67 4.32
CA LEU C 416 45.03 9.70 5.12
C LEU C 416 45.39 10.88 4.23
N MET C 417 44.92 12.06 4.62
CA MET C 417 45.09 13.28 3.82
C MET C 417 45.76 14.34 4.68
N GLY C 418 47.03 14.11 5.00
CA GLY C 418 47.76 15.00 5.87
C GLY C 418 47.60 14.62 7.33
N ASP C 419 48.22 15.44 8.18
CA ASP C 419 48.22 15.15 9.62
C ASP C 419 46.85 15.36 10.23
N GLU C 420 46.04 16.24 9.65
CA GLU C 420 44.83 16.72 10.31
C GLU C 420 43.55 16.27 9.64
N SER C 421 43.63 15.40 8.65
CA SER C 421 42.45 14.99 7.89
C SER C 421 42.52 13.53 7.51
N ALA C 422 41.37 12.85 7.54
CA ALA C 422 41.30 11.45 7.16
C ALA C 422 39.87 11.12 6.73
N CYS C 423 39.72 9.98 6.08
CA CYS C 423 38.41 9.52 5.61
C CYS C 423 38.38 8.00 5.60
N ILE C 424 37.34 7.42 6.20
CA ILE C 424 37.20 5.98 6.28
C ILE C 424 35.86 5.58 5.64
N ALA C 425 35.88 4.49 4.87
CA ALA C 425 34.69 3.96 4.24
C ALA C 425 34.60 2.47 4.50
N TYR C 426 33.40 1.99 4.82
CA TYR C 426 33.24 0.59 5.19
C TYR C 426 31.80 0.15 5.01
N ILE C 427 31.58 -1.15 5.16
CA ILE C 427 30.25 -1.74 5.09
C ILE C 427 29.83 -2.12 6.50
N ARG C 428 28.68 -1.59 6.94
CA ARG C 428 28.12 -1.93 8.25
C ARG C 428 26.98 -2.93 8.06
N ILE C 429 27.07 -4.05 8.77
CA ILE C 429 26.00 -5.04 8.79
C ILE C 429 25.49 -5.15 10.22
N THR C 430 24.18 -5.02 10.40
CA THR C 430 23.55 -5.03 11.71
C THR C 430 22.63 -6.24 11.83
N GLN C 431 22.86 -7.07 12.84
CA GLN C 431 21.97 -8.16 13.21
C GLN C 431 21.12 -7.72 14.40
N TYR C 432 19.81 -7.91 14.28
CA TYR C 432 18.87 -7.44 15.29
C TYR C 432 17.66 -8.36 15.33
N LEU C 433 16.61 -7.91 16.05
CA LEU C 433 15.36 -8.63 16.17
C LEU C 433 14.21 -7.64 16.01
N ASP C 434 13.21 -8.02 15.23
CA ASP C 434 12.04 -7.18 15.01
C ASP C 434 10.83 -7.76 15.72
N ALA C 435 10.20 -6.94 16.56
CA ALA C 435 9.04 -7.35 17.35
C ALA C 435 9.35 -8.63 18.12
N GLY C 436 8.76 -9.74 17.69
CA GLY C 436 9.10 -11.03 18.24
C GLY C 436 10.02 -11.80 17.31
N GLY C 437 11.32 -11.56 17.44
CA GLY C 437 12.31 -12.14 16.55
C GLY C 437 12.26 -13.65 16.40
N ILE C 438 12.43 -14.22 15.20
CA ILE C 438 12.69 -13.58 13.90
C ILE C 438 13.94 -12.68 13.89
N PRO C 439 15.12 -13.30 13.81
CA PRO C 439 16.35 -12.51 13.68
C PRO C 439 16.48 -11.93 12.29
N ARG C 440 16.86 -10.65 12.23
CA ARG C 440 16.98 -9.94 10.97
C ARG C 440 18.38 -9.36 10.82
N THR C 441 18.70 -8.97 9.59
CA THR C 441 20.00 -8.42 9.26
C THR C 441 19.83 -7.32 8.21
N ALA C 442 20.63 -6.26 8.32
CA ALA C 442 20.54 -5.13 7.41
C ALA C 442 21.94 -4.65 7.03
N GLN C 443 22.07 -4.19 5.79
CA GLN C 443 23.35 -3.72 5.27
C GLN C 443 23.28 -2.22 5.00
N SER C 444 24.39 -1.53 5.23
CA SER C 444 24.52 -0.13 4.88
C SER C 444 25.98 0.14 4.52
N GLU C 445 26.19 1.12 3.64
CA GLU C 445 27.53 1.51 3.22
C GLU C 445 27.80 2.91 3.77
N GLU C 446 28.83 3.02 4.60
CA GLU C 446 29.05 4.23 5.38
C GLU C 446 30.40 4.85 5.08
N THR C 447 30.40 6.18 5.00
CA THR C 447 31.60 6.98 4.81
C THR C 447 31.68 8.03 5.91
N ARG C 448 32.81 8.09 6.62
CA ARG C 448 33.05 9.08 7.64
C ARG C 448 34.25 9.93 7.25
N VAL C 449 34.13 11.24 7.43
CA VAL C 449 35.19 12.20 7.09
C VAL C 449 35.65 12.85 8.40
N TRP C 450 36.82 12.43 8.89
CA TRP C 450 37.37 12.88 10.15
C TRP C 450 38.38 14.01 9.95
N HIS C 451 38.43 14.90 10.93
CA HIS C 451 39.27 16.09 10.88
C HIS C 451 39.70 16.41 12.31
N ARG C 452 41.01 16.47 12.54
CA ARG C 452 41.54 16.77 13.85
C ARG C 452 41.51 18.28 14.10
N ARG C 453 40.73 18.71 15.08
CA ARG C 453 40.62 20.12 15.45
C ARG C 453 41.03 20.26 16.90
N ASP C 454 42.12 20.98 17.14
CA ASP C 454 42.64 21.21 18.49
C ASP C 454 42.95 19.89 19.19
N GLY C 455 43.65 19.02 18.47
CA GLY C 455 44.07 17.74 19.03
C GLY C 455 42.94 16.79 19.35
N LYS C 456 41.96 16.68 18.46
CA LYS C 456 40.82 15.79 18.68
C LYS C 456 40.14 15.53 17.34
N TRP C 457 39.95 14.26 17.02
CA TRP C 457 39.28 13.90 15.76
C TRP C 457 37.78 14.15 15.87
N GLN C 458 37.24 14.88 14.89
CA GLN C 458 35.81 15.15 14.82
C GLN C 458 35.29 14.87 13.42
N ILE C 459 34.05 14.39 13.35
CA ILE C 459 33.41 14.13 12.07
C ILE C 459 32.90 15.44 11.50
N VAL C 460 33.33 15.77 10.28
CA VAL C 460 32.83 16.96 9.61
C VAL C 460 31.69 16.63 8.64
N HIS C 461 31.58 15.38 8.19
CA HIS C 461 30.57 14.96 7.24
C HIS C 461 30.55 13.44 7.19
N PHE C 462 29.36 12.87 6.99
CA PHE C 462 29.27 11.43 6.83
C PHE C 462 28.13 11.09 5.89
N HIS C 463 28.25 9.91 5.28
CA HIS C 463 27.36 9.47 4.22
C HIS C 463 26.98 8.01 4.47
N ARG C 464 25.70 7.72 4.34
CA ARG C 464 25.14 6.38 4.58
C ARG C 464 24.21 6.02 3.44
N SER C 465 24.15 4.73 3.12
CA SER C 465 23.34 4.22 2.02
C SER C 465 22.62 2.94 2.41
N GLY C 466 21.39 2.81 1.95
CA GLY C 466 20.61 1.58 2.10
C GLY C 466 20.23 1.20 3.52
N ALA C 467 19.89 2.17 4.36
CA ALA C 467 19.52 1.89 5.74
C ALA C 467 18.24 2.61 6.14
N VAL D 340 34.52 -45.47 3.21
CA VAL D 340 34.73 -45.40 4.67
C VAL D 340 35.04 -43.98 5.11
N ARG D 341 35.83 -43.24 4.32
CA ARG D 341 36.17 -41.88 4.69
C ARG D 341 34.99 -40.93 4.50
N LYS D 342 34.14 -41.20 3.51
CA LYS D 342 32.98 -40.33 3.29
C LYS D 342 32.07 -40.29 4.50
N GLN D 343 31.90 -41.45 5.17
CA GLN D 343 31.07 -41.50 6.37
C GLN D 343 31.67 -40.70 7.52
N GLU D 344 32.97 -40.42 7.49
CA GLU D 344 33.57 -39.56 8.50
C GLU D 344 33.12 -38.12 8.28
N ILE D 345 33.18 -37.64 7.04
CA ILE D 345 32.68 -36.31 6.72
C ILE D 345 31.19 -36.21 7.03
N ILE D 346 30.43 -37.25 6.68
CA ILE D 346 29.01 -37.25 6.98
C ILE D 346 28.78 -37.22 8.49
N LYS D 347 29.61 -37.92 9.25
CA LYS D 347 29.46 -37.96 10.69
C LYS D 347 29.71 -36.59 11.31
N VAL D 348 30.85 -35.97 10.98
CA VAL D 348 31.14 -34.66 11.54
C VAL D 348 30.15 -33.61 11.04
N THR D 349 29.57 -33.83 9.86
CA THR D 349 28.56 -32.91 9.35
C THR D 349 27.26 -33.03 10.12
N GLU D 350 26.81 -34.27 10.40
CA GLU D 350 25.60 -34.44 11.20
C GLU D 350 25.80 -33.89 12.61
N GLN D 351 26.97 -34.15 13.20
CA GLN D 351 27.30 -33.52 14.49
C GLN D 351 27.26 -32.00 14.39
N LEU D 352 27.66 -31.45 13.25
CA LEU D 352 27.59 -29.99 13.05
C LEU D 352 26.15 -29.51 13.05
N ILE D 353 25.30 -30.12 12.21
CA ILE D 353 23.91 -29.68 12.09
C ILE D 353 23.18 -29.82 13.42
N GLU D 354 23.43 -30.91 14.15
CA GLU D 354 22.82 -31.04 15.47
C GLU D 354 23.38 -30.01 16.45
N ALA D 355 24.68 -29.67 16.33
CA ALA D 355 25.24 -28.64 17.19
C ALA D 355 24.61 -27.28 16.90
N ILE D 356 24.14 -27.07 15.68
CA ILE D 356 23.46 -25.82 15.35
C ILE D 356 22.01 -25.85 15.84
N SER D 357 21.35 -27.00 15.70
CA SER D 357 19.94 -27.09 16.07
C SER D 357 19.74 -26.96 17.58
N ASN D 358 20.68 -27.46 18.37
CA ASN D 358 20.58 -27.35 19.82
C ASN D 358 21.07 -26.01 20.36
N GLY D 359 21.73 -25.21 19.53
CA GLY D 359 22.28 -23.96 19.99
C GLY D 359 23.59 -24.10 20.75
N ASP D 360 24.37 -25.14 20.44
CA ASP D 360 25.61 -25.41 21.15
C ASP D 360 26.76 -24.73 20.39
N PHE D 361 27.07 -23.50 20.79
CA PHE D 361 28.13 -22.73 20.15
C PHE D 361 29.51 -23.26 20.53
N GLU D 362 29.62 -24.02 21.61
CA GLU D 362 30.91 -24.56 22.01
C GLU D 362 31.39 -25.62 21.03
N SER D 363 30.60 -26.69 20.86
CA SER D 363 30.96 -27.74 19.91
C SER D 363 31.02 -27.19 18.49
N TYR D 364 30.17 -26.23 18.16
CA TYR D 364 30.24 -25.60 16.84
C TYR D 364 31.57 -24.88 16.66
N THR D 365 32.06 -24.21 17.71
CA THR D 365 33.34 -23.53 17.62
C THR D 365 34.48 -24.53 17.49
N LYS D 366 34.37 -25.68 18.17
CA LYS D 366 35.42 -26.68 18.05
C LYS D 366 35.49 -27.27 16.64
N MET D 367 34.35 -27.38 15.95
CA MET D 367 34.30 -27.99 14.63
C MET D 367 34.59 -26.99 13.51
N CYS D 368 34.87 -25.73 13.82
CA CYS D 368 35.09 -24.71 12.82
C CYS D 368 36.48 -24.10 12.99
N ASP D 369 37.11 -23.77 11.87
CA ASP D 369 38.38 -23.08 11.90
C ASP D 369 38.17 -21.63 12.33
N PRO D 370 39.11 -21.05 13.09
CA PRO D 370 38.97 -19.64 13.47
C PRO D 370 38.89 -18.68 12.29
N GLY D 371 39.53 -19.02 11.16
CA GLY D 371 39.48 -18.17 9.98
C GLY D 371 38.44 -18.62 9.00
N MET D 372 37.40 -19.29 9.50
CA MET D 372 36.34 -19.80 8.65
C MET D 372 35.63 -18.67 7.93
N THR D 373 35.44 -18.83 6.61
CA THR D 373 34.71 -17.86 5.82
C THR D 373 33.36 -18.44 5.42
N ALA D 374 32.40 -17.54 5.18
CA ALA D 374 31.02 -17.95 4.99
C ALA D 374 30.32 -17.04 3.99
N PHE D 375 29.61 -17.67 3.06
CA PHE D 375 28.58 -17.04 2.24
C PHE D 375 27.22 -17.55 2.72
N GLU D 376 26.29 -16.64 3.01
CA GLU D 376 24.98 -17.07 3.44
C GLU D 376 24.00 -15.91 3.29
N PRO D 377 22.70 -16.18 3.14
CA PRO D 377 21.74 -15.07 2.96
C PRO D 377 21.74 -14.08 4.11
N GLU D 378 22.06 -14.54 5.32
CA GLU D 378 22.16 -13.65 6.46
C GLU D 378 23.28 -12.64 6.31
N ALA D 379 24.29 -12.93 5.49
CA ALA D 379 25.38 -12.00 5.25
C ALA D 379 25.06 -11.00 4.14
N LEU D 380 23.93 -11.15 3.46
CA LEU D 380 23.42 -10.18 2.49
C LEU D 380 24.42 -9.99 1.33
N GLY D 381 24.89 -11.10 0.79
CA GLY D 381 25.79 -11.04 -0.33
C GLY D 381 27.24 -10.78 0.02
N ASN D 382 27.55 -10.55 1.28
CA ASN D 382 28.92 -10.33 1.70
C ASN D 382 29.55 -11.63 2.19
N LEU D 383 30.88 -11.61 2.29
CA LEU D 383 31.64 -12.74 2.78
C LEU D 383 32.07 -12.45 4.21
N VAL D 384 31.59 -13.26 5.17
CA VAL D 384 31.89 -13.02 6.58
C VAL D 384 32.99 -13.96 7.02
N GLU D 385 33.88 -13.46 7.88
CA GLU D 385 35.02 -14.23 8.36
C GLU D 385 34.90 -14.47 9.86
N GLY D 386 35.37 -15.63 10.29
CA GLY D 386 35.32 -15.99 11.69
C GLY D 386 33.94 -16.49 12.11
N LEU D 387 33.83 -16.76 13.40
CA LEU D 387 32.59 -17.25 13.99
C LEU D 387 31.81 -16.15 14.72
N ASP D 388 32.32 -14.92 14.71
CA ASP D 388 31.64 -13.84 15.40
C ASP D 388 30.28 -13.53 14.79
N PHE D 389 30.14 -13.75 13.48
CA PHE D 389 28.87 -13.47 12.82
C PHE D 389 27.81 -14.51 13.16
N HIS D 390 28.21 -15.75 13.42
CA HIS D 390 27.28 -16.83 13.71
C HIS D 390 26.92 -16.92 15.20
N ARG D 391 27.64 -16.22 16.07
CA ARG D 391 27.33 -16.25 17.49
C ARG D 391 25.96 -15.63 17.78
N PHE D 392 25.64 -14.55 17.06
CA PHE D 392 24.37 -13.86 17.21
C PHE D 392 23.19 -14.82 17.17
N TYR D 393 23.32 -15.89 16.38
CA TYR D 393 22.19 -16.82 16.21
C TYR D 393 22.13 -17.84 17.35
N PHE D 394 23.27 -18.44 17.72
CA PHE D 394 23.26 -19.33 18.87
C PHE D 394 22.75 -18.63 20.11
N GLU D 395 23.14 -17.37 20.31
CA GLU D 395 22.70 -16.65 21.50
C GLU D 395 21.24 -16.23 21.38
N ASN D 396 20.87 -15.60 20.26
CA ASN D 396 19.54 -15.03 20.15
C ASN D 396 18.51 -16.06 19.70
N LEU D 397 18.84 -16.88 18.70
CA LEU D 397 17.91 -17.88 18.20
C LEU D 397 17.93 -19.12 19.09
N PRO D 404 10.67 -26.84 17.76
CA PRO D 404 10.02 -27.85 16.91
C PRO D 404 10.51 -27.76 15.46
N VAL D 405 11.68 -28.31 15.19
CA VAL D 405 12.30 -28.25 13.87
C VAL D 405 12.76 -29.66 13.48
N HIS D 406 12.49 -30.02 12.22
CA HIS D 406 12.94 -31.30 11.68
C HIS D 406 13.73 -31.03 10.40
N THR D 407 15.00 -31.45 10.40
CA THR D 407 15.89 -31.23 9.27
C THR D 407 16.05 -32.52 8.46
N THR D 408 16.13 -32.36 7.14
CA THR D 408 16.30 -33.47 6.22
C THR D 408 17.40 -33.12 5.23
N ILE D 409 18.28 -34.08 4.94
CA ILE D 409 19.39 -33.90 4.03
C ILE D 409 19.13 -34.75 2.79
N LEU D 410 19.22 -34.15 1.61
CA LEU D 410 18.92 -34.81 0.36
C LEU D 410 20.14 -34.78 -0.56
N ASN D 411 20.46 -35.94 -1.14
CA ASN D 411 21.49 -36.18 -2.15
C ASN D 411 22.84 -35.59 -1.75
N PRO D 412 23.48 -36.12 -0.72
CA PRO D 412 24.81 -35.62 -0.33
C PRO D 412 25.87 -36.12 -1.29
N HIS D 413 26.69 -35.20 -1.79
CA HIS D 413 27.84 -35.52 -2.63
C HIS D 413 29.11 -35.12 -1.89
N ILE D 414 30.13 -35.98 -1.97
CA ILE D 414 31.39 -35.77 -1.25
C ILE D 414 32.54 -35.81 -2.24
N HIS D 415 33.43 -34.83 -2.14
CA HIS D 415 34.65 -34.77 -2.93
C HIS D 415 35.83 -34.88 -1.97
N LEU D 416 36.59 -35.96 -2.10
CA LEU D 416 37.82 -36.14 -1.34
C LEU D 416 38.99 -35.61 -2.14
N MET D 417 39.84 -34.81 -1.50
CA MET D 417 41.00 -34.20 -2.14
C MET D 417 42.24 -34.47 -1.30
N GLY D 418 42.58 -35.76 -1.19
CA GLY D 418 43.65 -36.19 -0.32
C GLY D 418 43.12 -36.79 0.96
N ASP D 419 44.04 -36.96 1.92
CA ASP D 419 43.70 -37.50 3.23
C ASP D 419 43.54 -36.42 4.29
N GLU D 420 43.43 -35.15 3.87
CA GLU D 420 43.29 -34.06 4.82
C GLU D 420 42.36 -32.96 4.31
N SER D 421 41.59 -33.22 3.25
CA SER D 421 40.72 -32.21 2.67
C SER D 421 39.52 -32.88 2.04
N ALA D 422 38.33 -32.34 2.29
CA ALA D 422 37.11 -32.86 1.70
C ALA D 422 36.11 -31.73 1.54
N CYS D 423 35.07 -32.00 0.77
CA CYS D 423 34.04 -31.00 0.48
C CYS D 423 32.72 -31.72 0.23
N ILE D 424 31.69 -31.39 1.03
CA ILE D 424 30.40 -32.04 0.94
C ILE D 424 29.35 -31.01 0.54
N ALA D 425 28.47 -31.39 -0.40
CA ALA D 425 27.38 -30.54 -0.84
C ALA D 425 26.07 -31.30 -0.71
N TYR D 426 25.00 -30.62 -0.29
CA TYR D 426 23.74 -31.31 -0.06
C TYR D 426 22.59 -30.32 -0.09
N ILE D 427 21.37 -30.86 -0.19
CA ILE D 427 20.15 -30.10 -0.03
C ILE D 427 19.68 -30.23 1.41
N ARG D 428 19.26 -29.12 2.01
CA ARG D 428 18.78 -29.10 3.38
C ARG D 428 17.34 -28.61 3.39
N ILE D 429 16.41 -29.52 3.68
CA ILE D 429 15.00 -29.18 3.88
C ILE D 429 14.77 -29.02 5.38
N THR D 430 13.97 -28.02 5.73
CA THR D 430 13.67 -27.71 7.13
C THR D 430 12.17 -27.57 7.30
N GLN D 431 11.59 -28.45 8.11
CA GLN D 431 10.19 -28.40 8.47
C GLN D 431 10.06 -27.78 9.85
N TYR D 432 9.32 -26.68 9.96
CA TYR D 432 9.24 -25.92 11.20
C TYR D 432 7.82 -25.38 11.35
N LEU D 433 7.62 -24.56 12.38
CA LEU D 433 6.35 -23.92 12.65
C LEU D 433 6.58 -22.42 12.82
N ASP D 434 5.77 -21.62 12.13
CA ASP D 434 5.81 -20.18 12.34
C ASP D 434 5.05 -19.81 13.61
N ALA D 435 5.14 -18.53 13.97
CA ALA D 435 4.36 -18.03 15.09
C ALA D 435 2.86 -18.17 14.82
N GLY D 436 2.47 -18.17 13.54
CA GLY D 436 1.09 -18.49 13.20
C GLY D 436 0.72 -19.93 13.50
N GLY D 437 1.71 -20.79 13.76
CA GLY D 437 1.47 -22.16 14.14
C GLY D 437 1.43 -23.16 12.99
N ILE D 438 1.33 -22.69 11.76
CA ILE D 438 1.21 -23.54 10.56
C ILE D 438 2.57 -24.16 10.26
N PRO D 439 2.62 -25.42 9.85
CA PRO D 439 3.89 -26.01 9.43
C PRO D 439 4.36 -25.41 8.12
N ARG D 440 5.61 -24.95 8.10
CA ARG D 440 6.24 -24.41 6.91
C ARG D 440 7.47 -25.24 6.58
N THR D 441 7.84 -25.24 5.31
CA THR D 441 9.01 -25.94 4.82
C THR D 441 9.92 -24.99 4.07
N ALA D 442 11.24 -25.16 4.23
CA ALA D 442 12.20 -24.30 3.57
C ALA D 442 13.34 -25.14 3.01
N GLN D 443 13.91 -24.70 1.89
CA GLN D 443 15.02 -25.38 1.24
C GLN D 443 16.24 -24.49 1.22
N SER D 444 17.41 -25.09 1.44
CA SER D 444 18.67 -24.37 1.35
C SER D 444 19.75 -25.32 0.87
N GLU D 445 20.45 -24.94 -0.18
CA GLU D 445 21.56 -25.71 -0.71
C GLU D 445 22.83 -25.34 0.05
N GLU D 446 23.51 -26.34 0.59
CA GLU D 446 24.65 -26.10 1.46
C GLU D 446 25.91 -26.77 0.94
N THR D 447 27.03 -26.06 1.10
CA THR D 447 28.36 -26.55 0.73
C THR D 447 29.29 -26.33 1.91
N ARG D 448 29.90 -27.41 2.39
CA ARG D 448 30.84 -27.38 3.50
C ARG D 448 32.21 -27.83 3.02
N VAL D 449 33.26 -27.12 3.44
CA VAL D 449 34.63 -27.44 3.06
C VAL D 449 35.39 -27.79 4.33
N TRP D 450 35.70 -29.08 4.47
CA TRP D 450 36.34 -29.61 5.66
C TRP D 450 37.83 -29.82 5.41
N HIS D 451 38.64 -29.56 6.44
CA HIS D 451 40.08 -29.73 6.37
C HIS D 451 40.56 -30.36 7.65
N ARG D 452 41.32 -31.44 7.54
CA ARG D 452 41.86 -32.13 8.70
C ARG D 452 43.11 -31.41 9.19
N ARG D 453 43.07 -30.92 10.42
CA ARG D 453 44.19 -30.21 11.04
C ARG D 453 44.47 -30.84 12.38
N ASP D 454 45.68 -31.36 12.57
CA ASP D 454 46.09 -32.04 13.79
C ASP D 454 45.17 -33.21 14.10
N GLY D 455 44.74 -33.91 13.06
CA GLY D 455 43.91 -35.08 13.24
C GLY D 455 42.45 -34.79 13.57
N LYS D 456 41.92 -33.68 13.08
CA LYS D 456 40.53 -33.32 13.33
C LYS D 456 40.00 -32.49 12.18
N TRP D 457 38.84 -32.88 11.66
CA TRP D 457 38.22 -32.12 10.58
C TRP D 457 37.61 -30.83 11.12
N GLN D 458 37.82 -29.73 10.39
CA GLN D 458 37.25 -28.44 10.73
C GLN D 458 36.80 -27.73 9.48
N ILE D 459 35.73 -26.95 9.60
CA ILE D 459 35.21 -26.17 8.48
C ILE D 459 36.10 -24.97 8.25
N VAL D 460 36.56 -24.80 7.01
CA VAL D 460 37.37 -23.63 6.68
C VAL D 460 36.50 -22.60 5.97
N HIS D 461 35.45 -23.07 5.30
CA HIS D 461 34.58 -22.20 4.51
C HIS D 461 33.27 -22.92 4.25
N PHE D 462 32.19 -22.16 4.19
CA PHE D 462 30.90 -22.76 3.88
C PHE D 462 30.04 -21.77 3.10
N HIS D 463 29.16 -22.33 2.27
CA HIS D 463 28.37 -21.55 1.32
C HIS D 463 26.94 -22.08 1.32
N ARG D 464 25.99 -21.24 1.73
CA ARG D 464 24.58 -21.60 1.76
C ARG D 464 23.78 -20.66 0.88
N SER D 465 22.73 -21.20 0.26
CA SER D 465 21.88 -20.42 -0.62
C SER D 465 20.42 -20.78 -0.36
N GLY D 466 19.55 -19.78 -0.45
CA GLY D 466 18.11 -20.02 -0.35
C GLY D 466 17.46 -19.49 0.90
N ALA D 467 17.24 -20.36 1.88
CA ALA D 467 16.50 -20.01 3.08
C ALA D 467 17.31 -19.08 3.98
N PRO D 468 16.82 -17.86 4.28
CA PRO D 468 17.49 -16.92 5.17
C PRO D 468 17.01 -17.05 6.62
N VAL E 340 -34.06 32.41 -7.70
CA VAL E 340 -35.30 32.38 -6.93
C VAL E 340 -35.38 31.10 -6.11
N ARG E 341 -35.29 29.96 -6.79
CA ARG E 341 -35.46 28.67 -6.14
C ARG E 341 -34.14 27.96 -5.86
N LYS E 342 -33.00 28.57 -6.21
CA LYS E 342 -31.73 27.93 -5.93
C LYS E 342 -31.55 27.71 -4.43
N GLN E 343 -31.82 28.74 -3.63
CA GLN E 343 -31.83 28.56 -2.19
C GLN E 343 -32.89 27.56 -1.77
N GLU E 344 -34.02 27.52 -2.49
CA GLU E 344 -35.06 26.56 -2.19
C GLU E 344 -34.58 25.13 -2.43
N ILE E 345 -33.71 24.93 -3.41
CA ILE E 345 -33.12 23.62 -3.62
C ILE E 345 -32.09 23.31 -2.53
N ILE E 346 -31.28 24.31 -2.18
CA ILE E 346 -30.27 24.13 -1.13
C ILE E 346 -30.92 23.75 0.19
N LYS E 347 -32.13 24.25 0.45
CA LYS E 347 -32.81 23.92 1.70
C LYS E 347 -33.11 22.42 1.80
N VAL E 348 -33.77 21.87 0.78
CA VAL E 348 -34.12 20.45 0.83
C VAL E 348 -32.87 19.58 0.70
N THR E 349 -31.84 20.07 0.03
CA THR E 349 -30.57 19.35 0.00
C THR E 349 -29.97 19.26 1.40
N GLU E 350 -29.97 20.37 2.12
CA GLU E 350 -29.46 20.38 3.49
C GLU E 350 -30.29 19.48 4.39
N GLN E 351 -31.60 19.49 4.21
CA GLN E 351 -32.45 18.59 4.98
C GLN E 351 -32.14 17.14 4.67
N LEU E 352 -31.80 16.84 3.41
CA LEU E 352 -31.36 15.50 3.05
C LEU E 352 -30.09 15.13 3.80
N ILE E 353 -29.09 16.02 3.78
CA ILE E 353 -27.84 15.76 4.48
C ILE E 353 -28.09 15.53 5.97
N GLU E 354 -29.02 16.30 6.55
CA GLU E 354 -29.33 16.12 7.97
C GLU E 354 -30.00 14.78 8.23
N ALA E 355 -30.88 14.36 7.33
CA ALA E 355 -31.53 13.06 7.49
C ALA E 355 -30.51 11.93 7.42
N ILE E 356 -29.49 12.08 6.57
CA ILE E 356 -28.44 11.07 6.51
C ILE E 356 -27.58 11.10 7.77
N SER E 357 -27.23 12.30 8.23
CA SER E 357 -26.35 12.43 9.39
C SER E 357 -27.00 11.90 10.65
N ASN E 358 -28.29 12.18 10.85
CA ASN E 358 -29.01 11.69 12.02
C ASN E 358 -29.41 10.23 11.90
N GLY E 359 -29.23 9.61 10.74
CA GLY E 359 -29.70 8.25 10.54
C GLY E 359 -31.20 8.13 10.48
N ASP E 360 -31.91 9.23 10.28
CA ASP E 360 -33.37 9.23 10.25
C ASP E 360 -33.83 8.73 8.88
N PHE E 361 -34.23 7.47 8.82
CA PHE E 361 -34.67 6.87 7.56
C PHE E 361 -36.07 7.31 7.16
N GLU E 362 -36.89 7.73 8.12
CA GLU E 362 -38.25 8.18 7.81
C GLU E 362 -38.22 9.49 7.02
N SER E 363 -37.45 10.46 7.50
CA SER E 363 -37.31 11.71 6.77
C SER E 363 -36.71 11.49 5.38
N TYR E 364 -35.76 10.57 5.29
CA TYR E 364 -35.19 10.23 3.99
C TYR E 364 -36.25 9.62 3.07
N THR E 365 -37.16 8.83 3.64
CA THR E 365 -38.24 8.26 2.85
C THR E 365 -39.19 9.35 2.36
N LYS E 366 -39.46 10.35 3.19
CA LYS E 366 -40.34 11.44 2.78
C LYS E 366 -39.75 12.25 1.63
N MET E 367 -38.42 12.37 1.57
CA MET E 367 -37.76 13.19 0.57
C MET E 367 -37.38 12.44 -0.69
N CYS E 368 -37.72 11.16 -0.81
CA CYS E 368 -37.35 10.34 -1.96
C CYS E 368 -38.60 9.76 -2.60
N ASP E 369 -38.59 9.72 -3.92
CA ASP E 369 -39.68 9.09 -4.66
C ASP E 369 -39.65 7.58 -4.42
N PRO E 370 -40.81 6.94 -4.31
CA PRO E 370 -40.83 5.48 -4.10
C PRO E 370 -40.06 4.70 -5.14
N GLY E 371 -40.00 5.19 -6.38
CA GLY E 371 -39.25 4.51 -7.41
C GLY E 371 -37.97 5.22 -7.76
N MET E 372 -37.18 5.55 -6.74
CA MET E 372 -35.93 6.27 -6.94
C MET E 372 -34.84 5.29 -7.37
N THR E 373 -34.06 5.69 -8.38
CA THR E 373 -32.94 4.90 -8.88
C THR E 373 -31.62 5.52 -8.43
N ALA E 374 -30.60 4.68 -8.31
CA ALA E 374 -29.32 5.11 -7.77
C ALA E 374 -28.17 4.34 -8.40
N PHE E 375 -27.20 5.09 -8.93
CA PHE E 375 -25.86 4.59 -9.23
C PHE E 375 -24.94 5.00 -8.10
N GLU E 376 -24.16 4.05 -7.58
CA GLU E 376 -23.23 4.35 -6.50
C GLU E 376 -22.21 3.23 -6.42
N PRO E 377 -21.01 3.51 -5.88
CA PRO E 377 -20.00 2.45 -5.78
C PRO E 377 -20.46 1.23 -5.00
N GLU E 378 -21.33 1.42 -4.01
CA GLU E 378 -21.87 0.29 -3.28
C GLU E 378 -22.80 -0.56 -4.13
N ALA E 379 -23.29 -0.05 -5.25
CA ALA E 379 -24.11 -0.83 -6.17
C ALA E 379 -23.29 -1.67 -7.14
N LEU E 380 -21.98 -1.51 -7.14
CA LEU E 380 -21.07 -2.33 -7.96
C LEU E 380 -21.40 -2.21 -9.45
N GLY E 381 -21.69 -0.99 -9.89
CA GLY E 381 -22.01 -0.74 -11.28
C GLY E 381 -23.42 -1.09 -11.69
N ASN E 382 -24.25 -1.58 -10.77
CA ASN E 382 -25.62 -1.96 -11.09
C ASN E 382 -26.56 -0.80 -10.78
N LEU E 383 -27.67 -0.75 -11.54
CA LEU E 383 -28.70 0.26 -11.35
C LEU E 383 -29.71 -0.29 -10.34
N VAL E 384 -29.68 0.21 -9.12
CA VAL E 384 -30.56 -0.25 -8.06
C VAL E 384 -31.68 0.76 -7.89
N GLU E 385 -32.91 0.25 -7.75
CA GLU E 385 -34.10 1.08 -7.66
C GLU E 385 -34.64 1.06 -6.24
N GLY E 386 -35.27 2.16 -5.86
CA GLY E 386 -35.94 2.25 -4.57
C GLY E 386 -35.00 2.54 -3.43
N LEU E 387 -35.60 2.76 -2.26
CA LEU E 387 -34.86 3.01 -1.03
C LEU E 387 -34.49 1.73 -0.30
N ASP E 388 -34.86 0.57 -0.86
CA ASP E 388 -34.56 -0.70 -0.20
C ASP E 388 -33.05 -0.92 -0.06
N PHE E 389 -32.26 -0.36 -0.97
CA PHE E 389 -30.82 -0.55 -0.91
C PHE E 389 -30.18 0.35 0.13
N HIS E 390 -30.61 1.61 0.23
CA HIS E 390 -30.05 2.52 1.20
C HIS E 390 -30.49 2.19 2.63
N ARG E 391 -31.58 1.44 2.78
CA ARG E 391 -32.07 1.06 4.10
C ARG E 391 -30.96 0.43 4.94
N PHE E 392 -30.20 -0.48 4.34
CA PHE E 392 -29.14 -1.19 5.07
C PHE E 392 -28.16 -0.23 5.72
N TYR E 393 -27.99 0.97 5.16
CA TYR E 393 -27.06 1.92 5.73
C TYR E 393 -27.70 2.80 6.79
N PHE E 394 -29.00 3.04 6.71
CA PHE E 394 -29.68 3.81 7.74
C PHE E 394 -29.94 3.00 9.00
N GLU E 395 -29.76 1.68 8.96
CA GLU E 395 -30.00 0.81 10.10
C GLU E 395 -28.70 0.23 10.66
N ASN E 396 -27.55 0.67 10.16
CA ASN E 396 -26.27 0.17 10.64
C ASN E 396 -25.20 1.25 10.74
N LEU E 397 -25.58 2.53 10.66
CA LEU E 397 -24.60 3.61 10.74
C LEU E 397 -25.09 4.71 11.67
N PRO E 404 -16.75 10.15 14.14
CA PRO E 404 -16.28 11.53 13.97
C PRO E 404 -15.86 11.83 12.54
N VAL E 405 -16.71 12.55 11.80
CA VAL E 405 -16.44 12.88 10.41
C VAL E 405 -16.73 14.35 10.16
N HIS E 406 -16.24 14.84 9.03
CA HIS E 406 -16.49 16.21 8.60
C HIS E 406 -16.65 16.24 7.08
N THR E 407 -17.71 16.88 6.61
CA THR E 407 -18.06 16.89 5.21
C THR E 407 -17.90 18.29 4.63
N THR E 408 -17.40 18.37 3.40
CA THR E 408 -17.18 19.63 2.70
C THR E 408 -17.76 19.52 1.30
N ILE E 409 -18.51 20.53 0.88
CA ILE E 409 -19.13 20.58 -0.44
C ILE E 409 -18.38 21.61 -1.27
N LEU E 410 -17.84 21.17 -2.40
CA LEU E 410 -17.04 22.02 -3.29
C LEU E 410 -17.70 22.12 -4.64
N ASN E 411 -17.70 23.34 -5.19
CA ASN E 411 -18.13 23.67 -6.54
C ASN E 411 -19.56 23.21 -6.82
N PRO E 412 -20.55 23.71 -6.09
CA PRO E 412 -21.93 23.31 -6.34
C PRO E 412 -22.47 23.99 -7.59
N HIS E 413 -23.13 23.20 -8.43
CA HIS E 413 -23.78 23.72 -9.64
C HIS E 413 -25.23 23.27 -9.63
N ILE E 414 -26.13 24.21 -9.85
CA ILE E 414 -27.57 23.96 -9.85
C ILE E 414 -28.12 24.24 -11.24
N HIS E 415 -28.90 23.31 -11.76
CA HIS E 415 -29.57 23.44 -13.05
C HIS E 415 -31.07 23.48 -12.81
N LEU E 416 -31.66 24.66 -13.04
CA LEU E 416 -33.10 24.84 -12.93
C LEU E 416 -33.74 24.49 -14.26
N MET E 417 -34.66 23.55 -14.26
CA MET E 417 -35.31 23.06 -15.47
C MET E 417 -36.81 23.29 -15.35
N GLY E 418 -37.20 24.57 -15.34
CA GLY E 418 -38.60 24.92 -15.26
C GLY E 418 -39.09 25.13 -13.84
N ASP E 419 -40.38 24.92 -13.61
CA ASP E 419 -41.00 25.13 -12.31
C ASP E 419 -41.31 23.82 -11.59
N GLU E 420 -40.70 22.71 -12.04
CA GLU E 420 -40.97 21.43 -11.41
C GLU E 420 -39.79 20.45 -11.51
N SER E 421 -38.61 20.90 -11.92
CA SER E 421 -37.46 20.01 -12.08
C SER E 421 -36.18 20.78 -11.82
N ALA E 422 -35.26 20.17 -11.08
CA ALA E 422 -33.96 20.76 -10.82
C ALA E 422 -32.93 19.63 -10.74
N CYS E 423 -31.66 20.01 -10.83
CA CYS E 423 -30.58 19.02 -10.77
C CYS E 423 -29.33 19.68 -10.22
N ILE E 424 -28.80 19.14 -9.12
CA ILE E 424 -27.64 19.72 -8.44
C ILE E 424 -26.48 18.73 -8.50
N ALA E 425 -25.29 19.24 -8.77
CA ALA E 425 -24.08 18.43 -8.83
C ALA E 425 -22.98 19.11 -8.02
N TYR E 426 -22.24 18.32 -7.24
CA TYR E 426 -21.19 18.90 -6.40
C TYR E 426 -20.16 17.83 -6.07
N ILE E 427 -19.01 18.29 -5.57
CA ILE E 427 -17.95 17.41 -5.10
C ILE E 427 -18.01 17.34 -3.57
N ARG E 428 -18.06 16.13 -3.03
CA ARG E 428 -18.16 15.92 -1.60
C ARG E 428 -16.84 15.34 -1.07
N ILE E 429 -16.17 16.07 -0.19
CA ILE E 429 -14.94 15.61 0.44
C ILE E 429 -15.25 15.28 1.90
N THR E 430 -14.92 14.05 2.32
CA THR E 430 -15.21 13.58 3.66
C THR E 430 -13.90 13.28 4.38
N GLN E 431 -13.70 13.93 5.52
CA GLN E 431 -12.58 13.66 6.41
C GLN E 431 -13.08 12.77 7.56
N TYR E 432 -12.36 11.68 7.81
CA TYR E 432 -12.78 10.71 8.81
C TYR E 432 -11.55 10.11 9.47
N LEU E 433 -11.80 9.28 10.48
CA LEU E 433 -10.75 8.54 11.17
C LEU E 433 -10.93 7.05 10.88
N ASP E 434 -9.90 6.41 10.35
CA ASP E 434 -9.96 5.00 9.99
C ASP E 434 -9.87 4.14 11.26
N ALA E 435 -9.96 2.81 11.09
CA ALA E 435 -9.75 1.88 12.21
C ALA E 435 -8.39 2.06 12.87
N GLY E 436 -7.33 2.35 12.09
CA GLY E 436 -6.05 2.74 12.69
C GLY E 436 -6.09 4.04 13.51
N GLY E 437 -7.23 4.72 13.62
CA GLY E 437 -7.23 6.06 14.23
C GLY E 437 -6.47 7.14 13.48
N ILE E 438 -6.19 6.90 12.20
CA ILE E 438 -5.40 7.79 11.36
C ILE E 438 -6.36 8.67 10.54
N PRO E 439 -6.09 9.96 10.39
CA PRO E 439 -6.95 10.80 9.54
C PRO E 439 -6.87 10.36 8.09
N ARG E 440 -8.03 10.17 7.48
CA ARG E 440 -8.15 9.83 6.08
C ARG E 440 -9.17 10.75 5.44
N THR E 441 -9.06 10.91 4.12
CA THR E 441 -9.97 11.76 3.37
C THR E 441 -10.41 11.03 2.11
N ALA E 442 -11.66 11.24 1.70
CA ALA E 442 -12.21 10.56 0.55
C ALA E 442 -13.04 11.53 -0.27
N GLN E 443 -12.91 11.46 -1.60
CA GLN E 443 -13.61 12.34 -2.51
C GLN E 443 -14.72 11.58 -3.22
N SER E 444 -15.85 12.24 -3.44
CA SER E 444 -16.95 11.70 -4.23
C SER E 444 -17.50 12.80 -5.11
N GLU E 445 -18.10 12.40 -6.23
CA GLU E 445 -18.78 13.32 -7.13
C GLU E 445 -20.24 12.93 -7.17
N GLU E 446 -21.11 13.84 -6.73
CA GLU E 446 -22.51 13.51 -6.50
C GLU E 446 -23.41 14.34 -7.40
N THR E 447 -24.46 13.69 -7.90
CA THR E 447 -25.47 14.31 -8.75
C THR E 447 -26.85 13.90 -8.23
N ARG E 448 -27.66 14.89 -7.85
CA ARG E 448 -29.02 14.69 -7.37
C ARG E 448 -30.00 15.30 -8.36
N VAL E 449 -31.07 14.56 -8.66
CA VAL E 449 -32.11 14.98 -9.59
C VAL E 449 -33.40 15.16 -8.80
N TRP E 450 -33.87 16.39 -8.70
CA TRP E 450 -35.03 16.73 -7.89
C TRP E 450 -36.24 17.01 -8.76
N HIS E 451 -37.39 16.49 -8.34
CA HIS E 451 -38.66 16.70 -9.03
C HIS E 451 -39.68 17.22 -8.03
N ARG E 452 -40.49 18.18 -8.46
CA ARG E 452 -41.51 18.78 -7.63
C ARG E 452 -42.85 18.10 -7.88
N ARG E 453 -43.46 17.58 -6.82
CA ARG E 453 -44.77 16.95 -6.92
C ARG E 453 -45.56 17.32 -5.67
N ASP E 454 -46.73 17.94 -5.87
CA ASP E 454 -47.59 18.38 -4.78
C ASP E 454 -46.87 19.37 -3.86
N GLY E 455 -46.04 20.21 -4.45
CA GLY E 455 -45.36 21.25 -3.68
C GLY E 455 -44.26 20.75 -2.77
N LYS E 456 -43.51 19.72 -3.19
CA LYS E 456 -42.39 19.24 -2.43
C LYS E 456 -41.34 18.68 -3.38
N TRP E 457 -40.08 18.88 -3.04
CA TRP E 457 -38.97 18.36 -3.84
C TRP E 457 -38.64 16.94 -3.39
N GLN E 458 -38.46 16.05 -4.36
CA GLN E 458 -38.12 14.67 -4.06
C GLN E 458 -37.01 14.21 -5.00
N ILE E 459 -36.14 13.34 -4.48
CA ILE E 459 -35.06 12.76 -5.27
C ILE E 459 -35.65 11.67 -6.16
N VAL E 460 -35.50 11.85 -7.48
CA VAL E 460 -35.95 10.83 -8.42
C VAL E 460 -34.79 10.00 -8.96
N HIS E 461 -33.55 10.48 -8.82
CA HIS E 461 -32.38 9.75 -9.27
C HIS E 461 -31.17 10.26 -8.50
N PHE E 462 -30.24 9.34 -8.24
CA PHE E 462 -29.03 9.66 -7.49
C PHE E 462 -27.84 8.97 -8.16
N HIS E 463 -26.71 9.67 -8.25
CA HIS E 463 -25.53 9.16 -8.93
C HIS E 463 -24.29 9.62 -8.18
N ARG E 464 -23.51 8.66 -7.67
CA ARG E 464 -22.30 8.96 -6.91
C ARG E 464 -21.12 8.19 -7.49
N SER E 465 -19.94 8.79 -7.40
CA SER E 465 -18.70 8.16 -7.82
C SER E 465 -17.53 8.91 -7.18
N GLY E 466 -16.49 8.20 -6.77
CA GLY E 466 -16.44 6.75 -6.85
C GLY E 466 -15.94 6.12 -5.58
N ALA E 467 -16.11 6.83 -4.46
CA ALA E 467 -15.72 6.35 -3.14
C ALA E 467 -16.95 6.08 -2.28
N PRO E 468 -16.96 5.00 -1.49
CA PRO E 468 -18.11 4.67 -0.62
C PRO E 468 -18.31 5.69 0.49
N VAL F 340 -15.05 -54.72 -9.00
CA VAL F 340 -15.03 -55.24 -7.63
C VAL F 340 -13.73 -54.88 -6.93
N ARG F 341 -12.58 -55.16 -7.54
CA ARG F 341 -11.31 -54.84 -6.92
C ARG F 341 -10.98 -53.35 -7.00
N LYS F 342 -11.92 -52.52 -7.45
CA LYS F 342 -11.70 -51.08 -7.40
C LYS F 342 -12.07 -50.52 -6.04
N GLN F 343 -13.13 -51.05 -5.41
CA GLN F 343 -13.52 -50.61 -4.08
C GLN F 343 -12.57 -51.09 -2.99
N GLU F 344 -11.64 -52.00 -3.31
CA GLU F 344 -10.58 -52.33 -2.37
C GLU F 344 -9.49 -51.27 -2.39
N ILE F 345 -9.11 -50.81 -3.58
CA ILE F 345 -8.24 -49.64 -3.69
C ILE F 345 -8.89 -48.43 -3.05
N ILE F 346 -10.19 -48.26 -3.28
CA ILE F 346 -10.94 -47.18 -2.63
C ILE F 346 -10.98 -47.38 -1.12
N LYS F 347 -11.03 -48.64 -0.67
CA LYS F 347 -11.12 -48.90 0.76
C LYS F 347 -9.81 -48.56 1.46
N VAL F 348 -8.69 -49.05 0.94
CA VAL F 348 -7.41 -48.74 1.55
C VAL F 348 -7.07 -47.26 1.38
N THR F 349 -7.60 -46.62 0.33
CA THR F 349 -7.40 -45.18 0.16
C THR F 349 -8.21 -44.39 1.19
N GLU F 350 -9.43 -44.84 1.49
CA GLU F 350 -10.23 -44.17 2.51
C GLU F 350 -9.65 -44.38 3.90
N GLN F 351 -9.12 -45.58 4.18
CA GLN F 351 -8.41 -45.78 5.43
C GLN F 351 -7.15 -44.94 5.49
N LEU F 352 -6.52 -44.68 4.34
CA LEU F 352 -5.34 -43.81 4.31
C LEU F 352 -5.72 -42.37 4.63
N ILE F 353 -6.71 -41.82 3.92
CA ILE F 353 -7.10 -40.43 4.14
C ILE F 353 -7.64 -40.24 5.56
N GLU F 354 -8.42 -41.21 6.05
CA GLU F 354 -8.91 -41.13 7.43
C GLU F 354 -7.77 -41.22 8.43
N ALA F 355 -6.75 -42.04 8.13
CA ALA F 355 -5.57 -42.10 8.99
C ALA F 355 -4.83 -40.77 9.00
N ILE F 356 -4.84 -40.04 7.88
CA ILE F 356 -4.20 -38.73 7.83
C ILE F 356 -5.00 -37.71 8.62
N SER F 357 -6.33 -37.74 8.49
CA SER F 357 -7.17 -36.76 9.17
C SER F 357 -7.16 -36.96 10.68
N ASN F 358 -7.07 -38.20 11.15
CA ASN F 358 -6.99 -38.47 12.57
C ASN F 358 -5.58 -38.31 13.13
N GLY F 359 -4.59 -38.03 12.29
CA GLY F 359 -3.23 -37.94 12.76
C GLY F 359 -2.66 -39.24 13.27
N ASP F 360 -3.10 -40.37 12.71
CA ASP F 360 -2.66 -41.69 13.18
C ASP F 360 -1.45 -42.11 12.36
N PHE F 361 -0.27 -41.75 12.86
CA PHE F 361 0.98 -42.17 12.22
C PHE F 361 1.14 -43.68 12.25
N GLU F 362 0.61 -44.32 13.29
CA GLU F 362 0.76 -45.76 13.45
C GLU F 362 0.17 -46.53 12.28
N SER F 363 -1.06 -46.19 11.89
CA SER F 363 -1.69 -46.87 10.76
C SER F 363 -1.06 -46.47 9.44
N TYR F 364 -0.76 -45.17 9.27
CA TYR F 364 -0.13 -44.68 8.06
C TYR F 364 1.14 -45.45 7.75
N THR F 365 2.00 -45.65 8.76
CA THR F 365 3.21 -46.42 8.56
C THR F 365 2.90 -47.81 8.03
N LYS F 366 1.83 -48.44 8.54
CA LYS F 366 1.45 -49.76 8.05
C LYS F 366 1.00 -49.71 6.61
N MET F 367 0.31 -48.63 6.22
CA MET F 367 -0.18 -48.52 4.85
C MET F 367 0.90 -48.13 3.84
N CYS F 368 2.05 -47.64 4.30
CA CYS F 368 3.12 -47.22 3.41
C CYS F 368 4.28 -48.18 3.46
N ASP F 369 4.85 -48.47 2.28
CA ASP F 369 6.12 -49.16 2.22
C ASP F 369 7.20 -48.32 2.89
N PRO F 370 8.17 -48.94 3.57
CA PRO F 370 9.25 -48.15 4.19
C PRO F 370 10.02 -47.28 3.22
N GLY F 371 10.18 -47.73 1.97
CA GLY F 371 10.90 -46.97 0.97
C GLY F 371 9.98 -46.26 -0.01
N MET F 372 8.91 -45.68 0.51
CA MET F 372 7.94 -44.97 -0.32
C MET F 372 8.49 -43.63 -0.75
N THR F 373 8.33 -43.30 -2.02
CA THR F 373 8.76 -42.02 -2.56
C THR F 373 7.56 -41.10 -2.79
N ALA F 374 7.82 -39.79 -2.74
CA ALA F 374 6.73 -38.81 -2.74
C ALA F 374 7.17 -37.53 -3.43
N PHE F 375 6.28 -37.01 -4.27
CA PHE F 375 6.35 -35.64 -4.77
C PHE F 375 5.17 -34.87 -4.19
N GLU F 376 5.42 -33.70 -3.63
CA GLU F 376 4.37 -32.89 -3.03
C GLU F 376 4.88 -31.48 -2.85
N PRO F 377 3.98 -30.50 -2.76
CA PRO F 377 4.42 -29.11 -2.54
C PRO F 377 5.24 -28.93 -1.28
N GLU F 378 4.95 -29.69 -0.22
CA GLU F 378 5.72 -29.59 1.01
C GLU F 378 7.17 -30.01 0.80
N ALA F 379 7.44 -30.80 -0.25
CA ALA F 379 8.80 -31.24 -0.54
C ALA F 379 9.58 -30.22 -1.38
N LEU F 380 8.92 -29.15 -1.83
CA LEU F 380 9.57 -28.06 -2.57
C LEU F 380 10.29 -28.59 -3.81
N GLY F 381 9.59 -29.43 -4.57
CA GLY F 381 10.10 -29.95 -5.82
C GLY F 381 11.08 -31.09 -5.69
N ASN F 382 11.48 -31.44 -4.47
CA ASN F 382 12.41 -32.55 -4.28
C ASN F 382 11.65 -33.84 -4.06
N LEU F 383 12.33 -34.96 -4.36
CA LEU F 383 11.77 -36.28 -4.13
C LEU F 383 12.18 -36.75 -2.75
N VAL F 384 11.21 -37.01 -1.89
CA VAL F 384 11.46 -37.45 -0.52
C VAL F 384 11.11 -38.93 -0.43
N GLU F 385 11.99 -39.69 0.21
CA GLU F 385 11.82 -41.13 0.34
C GLU F 385 11.60 -41.48 1.81
N GLY F 386 10.77 -42.48 2.05
CA GLY F 386 10.45 -42.89 3.39
C GLY F 386 9.28 -42.10 3.97
N LEU F 387 9.12 -42.26 5.29
CA LEU F 387 8.06 -41.58 6.01
C LEU F 387 8.57 -40.60 7.05
N ASP F 388 9.88 -40.48 7.22
CA ASP F 388 10.42 -39.48 8.14
C ASP F 388 10.01 -38.07 7.75
N PHE F 389 9.81 -37.82 6.46
CA PHE F 389 9.38 -36.50 6.02
C PHE F 389 7.92 -36.25 6.32
N HIS F 390 7.08 -37.29 6.24
CA HIS F 390 5.66 -37.14 6.50
C HIS F 390 5.32 -37.18 7.98
N ARG F 391 6.26 -37.60 8.83
CA ARG F 391 6.00 -37.65 10.26
C ARG F 391 5.68 -36.26 10.82
N PHE F 392 6.45 -35.24 10.40
CA PHE F 392 6.29 -33.90 10.94
C PHE F 392 4.86 -33.38 10.77
N TYR F 393 4.16 -33.81 9.73
CA TYR F 393 2.83 -33.32 9.43
C TYR F 393 1.74 -34.11 10.15
N PHE F 394 2.10 -34.97 11.09
CA PHE F 394 1.10 -35.66 11.90
C PHE F 394 0.94 -35.07 13.29
N GLU F 395 1.97 -34.39 13.81
CA GLU F 395 1.85 -33.72 15.10
C GLU F 395 0.88 -32.54 15.04
N ASN F 396 0.64 -31.99 13.86
CA ASN F 396 -0.25 -30.85 13.71
C ASN F 396 -1.23 -31.06 12.56
N LYS F 403 -10.75 -25.96 13.12
CA LYS F 403 -10.56 -27.38 13.42
C LYS F 403 -11.38 -28.32 12.52
N PRO F 404 -12.67 -28.04 12.28
CA PRO F 404 -13.44 -28.91 11.38
C PRO F 404 -13.11 -28.65 9.92
N VAL F 405 -12.79 -29.72 9.19
CA VAL F 405 -12.53 -29.66 7.77
C VAL F 405 -13.42 -30.67 7.05
N HIS F 406 -13.62 -30.43 5.76
CA HIS F 406 -14.46 -31.30 4.94
C HIS F 406 -13.73 -31.62 3.64
N THR F 407 -13.58 -32.91 3.34
CA THR F 407 -12.86 -33.37 2.18
C THR F 407 -13.83 -33.98 1.17
N THR F 408 -13.66 -33.61 -0.10
CA THR F 408 -14.49 -34.11 -1.19
C THR F 408 -13.58 -34.60 -2.31
N ILE F 409 -13.76 -35.87 -2.71
CA ILE F 409 -12.96 -36.47 -3.76
C ILE F 409 -13.76 -36.47 -5.06
N LEU F 410 -13.16 -35.92 -6.11
CA LEU F 410 -13.81 -35.71 -7.39
C LEU F 410 -13.09 -36.50 -8.48
N ASN F 411 -13.90 -37.09 -9.35
CA ASN F 411 -13.46 -37.81 -10.54
C ASN F 411 -12.35 -38.83 -10.27
N PRO F 412 -12.58 -39.80 -9.37
CA PRO F 412 -11.55 -40.81 -9.12
C PRO F 412 -11.44 -41.75 -10.31
N HIS F 413 -10.22 -41.95 -10.79
CA HIS F 413 -9.91 -42.87 -11.86
C HIS F 413 -8.93 -43.91 -11.36
N ILE F 414 -9.22 -45.18 -11.61
CA ILE F 414 -8.41 -46.29 -11.12
C ILE F 414 -7.87 -47.08 -12.30
N HIS F 415 -6.55 -47.28 -12.32
CA HIS F 415 -5.87 -48.10 -13.30
C HIS F 415 -5.44 -49.39 -12.62
N LEU F 416 -5.97 -50.51 -13.08
CA LEU F 416 -5.61 -51.82 -12.57
C LEU F 416 -4.50 -52.41 -13.44
N MET F 417 -3.42 -52.84 -12.81
CA MET F 417 -2.25 -53.39 -13.51
C MET F 417 -1.95 -54.78 -12.94
N GLY F 418 -2.67 -55.78 -13.43
CA GLY F 418 -2.51 -57.14 -12.95
C GLY F 418 -3.36 -57.44 -11.76
N ASP F 419 -2.81 -58.19 -10.79
CA ASP F 419 -3.54 -58.57 -9.60
C ASP F 419 -2.78 -58.22 -8.32
N GLU F 420 -1.65 -57.51 -8.43
CA GLU F 420 -0.89 -57.14 -7.24
C GLU F 420 -0.42 -55.69 -7.31
N SER F 421 -0.99 -54.88 -8.18
CA SER F 421 -0.55 -53.49 -8.34
C SER F 421 -1.68 -52.69 -8.96
N ALA F 422 -1.87 -51.47 -8.48
CA ALA F 422 -2.88 -50.57 -9.01
C ALA F 422 -2.43 -49.13 -8.80
N CYS F 423 -3.19 -48.20 -9.38
CA CYS F 423 -2.86 -46.79 -9.25
C CYS F 423 -4.13 -45.96 -9.38
N ILE F 424 -4.41 -45.13 -8.38
CA ILE F 424 -5.63 -44.33 -8.34
C ILE F 424 -5.26 -42.86 -8.35
N ALA F 425 -5.91 -42.09 -9.22
CA ALA F 425 -5.70 -40.65 -9.32
C ALA F 425 -7.04 -39.94 -9.14
N TYR F 426 -7.01 -38.82 -8.41
CA TYR F 426 -8.25 -38.14 -8.07
C TYR F 426 -7.96 -36.68 -7.75
N ILE F 427 -9.04 -35.88 -7.70
CA ILE F 427 -8.96 -34.49 -7.28
C ILE F 427 -9.51 -34.38 -5.87
N ARG F 428 -8.76 -33.75 -4.98
CA ARG F 428 -9.16 -33.61 -3.58
C ARG F 428 -9.43 -32.14 -3.27
N ILE F 429 -10.68 -31.83 -2.95
CA ILE F 429 -11.11 -30.50 -2.51
C ILE F 429 -11.22 -30.53 -0.99
N THR F 430 -10.74 -29.46 -0.34
CA THR F 430 -10.75 -29.38 1.12
C THR F 430 -11.30 -28.03 1.55
N GLN F 431 -12.39 -28.05 2.29
CA GLN F 431 -12.97 -26.86 2.90
C GLN F 431 -12.55 -26.80 4.36
N TYR F 432 -12.08 -25.63 4.78
CA TYR F 432 -11.54 -25.46 6.13
C TYR F 432 -11.84 -24.04 6.59
N LEU F 433 -11.21 -23.63 7.69
CA LEU F 433 -11.35 -22.30 8.26
C LEU F 433 -9.97 -21.76 8.59
N ASP F 434 -9.75 -20.48 8.30
CA ASP F 434 -8.46 -19.83 8.51
C ASP F 434 -8.57 -18.91 9.72
N ALA F 435 -7.82 -19.22 10.78
CA ALA F 435 -7.69 -18.44 12.01
C ALA F 435 -8.79 -17.42 12.26
N GLY F 436 -8.93 -16.43 11.38
CA GLY F 436 -10.05 -15.51 11.43
C GLY F 436 -11.40 -16.21 11.25
N GLY F 437 -11.42 -17.45 10.79
CA GLY F 437 -12.64 -18.23 10.72
C GLY F 437 -13.43 -18.14 9.43
N ILE F 438 -12.86 -17.53 8.39
CA ILE F 438 -13.58 -17.46 7.11
C ILE F 438 -13.47 -18.82 6.41
N PRO F 439 -14.55 -19.34 5.82
CA PRO F 439 -14.44 -20.63 5.11
C PRO F 439 -13.56 -20.51 3.88
N ARG F 440 -12.67 -21.48 3.72
CA ARG F 440 -11.76 -21.52 2.58
C ARG F 440 -11.86 -22.88 1.92
N THR F 441 -11.37 -22.96 0.69
CA THR F 441 -11.38 -24.19 -0.09
C THR F 441 -10.09 -24.27 -0.89
N ALA F 442 -9.52 -25.48 -0.95
CA ALA F 442 -8.26 -25.73 -1.64
C ALA F 442 -8.40 -26.96 -2.52
N GLN F 443 -7.71 -26.93 -3.67
CA GLN F 443 -7.74 -28.02 -4.63
C GLN F 443 -6.38 -28.71 -4.69
N SER F 444 -6.41 -30.03 -4.84
CA SER F 444 -5.20 -30.81 -4.94
C SER F 444 -5.40 -31.90 -5.98
N GLU F 445 -4.33 -32.26 -6.66
CA GLU F 445 -4.34 -33.33 -7.66
C GLU F 445 -3.45 -34.45 -7.13
N GLU F 446 -4.05 -35.57 -6.74
CA GLU F 446 -3.32 -36.63 -6.05
C GLU F 446 -3.29 -37.90 -6.87
N THR F 447 -2.14 -38.57 -6.82
CA THR F 447 -1.92 -39.86 -7.48
C THR F 447 -1.27 -40.82 -6.49
N ARG F 448 -1.96 -41.92 -6.19
CA ARG F 448 -1.47 -42.95 -5.29
C ARG F 448 -1.14 -44.20 -6.09
N VAL F 449 -0.02 -44.85 -5.76
CA VAL F 449 0.45 -46.05 -6.44
C VAL F 449 0.47 -47.18 -5.41
N TRP F 450 -0.47 -48.11 -5.52
CA TRP F 450 -0.64 -49.21 -4.59
C TRP F 450 0.01 -50.49 -5.14
N HIS F 451 0.55 -51.29 -4.23
CA HIS F 451 1.17 -52.56 -4.57
C HIS F 451 0.92 -53.55 -3.44
N ARG F 452 0.56 -54.77 -3.81
CA ARG F 452 0.24 -55.83 -2.84
C ARG F 452 1.47 -56.66 -2.58
N ARG F 453 2.04 -56.53 -1.37
CA ARG F 453 3.16 -57.35 -0.93
C ARG F 453 2.80 -57.96 0.42
N ASP F 454 3.09 -59.25 0.57
CA ASP F 454 2.75 -60.00 1.78
C ASP F 454 1.25 -59.93 2.08
N GLY F 455 0.43 -59.88 1.03
CA GLY F 455 -1.01 -59.83 1.18
C GLY F 455 -1.52 -58.56 1.82
N LYS F 456 -1.07 -57.41 1.32
CA LYS F 456 -1.51 -56.12 1.85
C LYS F 456 -1.16 -55.03 0.85
N TRP F 457 -2.15 -54.19 0.54
CA TRP F 457 -1.90 -53.04 -0.33
C TRP F 457 -1.08 -51.98 0.41
N GLN F 458 -0.13 -51.39 -0.30
CA GLN F 458 0.74 -50.38 0.29
C GLN F 458 1.12 -49.35 -0.77
N ILE F 459 1.28 -48.12 -0.32
CA ILE F 459 1.72 -47.03 -1.19
C ILE F 459 3.21 -47.14 -1.40
N VAL F 460 3.63 -47.17 -2.67
CA VAL F 460 5.07 -47.23 -2.97
C VAL F 460 5.57 -45.85 -3.35
N HIS F 461 4.67 -45.02 -3.87
CA HIS F 461 5.00 -43.68 -4.34
C HIS F 461 3.72 -42.91 -4.53
N PHE F 462 3.74 -41.62 -4.17
CA PHE F 462 2.56 -40.79 -4.38
C PHE F 462 2.98 -39.39 -4.80
N HIS F 463 2.12 -38.76 -5.60
CA HIS F 463 2.40 -37.50 -6.29
C HIS F 463 1.22 -36.56 -6.08
N ARG F 464 1.51 -35.35 -5.62
CA ARG F 464 0.50 -34.37 -5.28
C ARG F 464 0.84 -33.03 -5.91
N SER F 465 -0.20 -32.31 -6.35
CA SER F 465 -0.07 -30.99 -6.94
C SER F 465 -1.06 -30.04 -6.28
N GLY F 466 -0.68 -28.77 -6.19
CA GLY F 466 -1.56 -27.75 -5.66
C GLY F 466 -1.20 -27.27 -4.27
N ALA F 467 -2.09 -27.52 -3.31
CA ALA F 467 -1.87 -27.08 -1.93
C ALA F 467 -0.87 -27.98 -1.22
N VAL G 340 -30.50 -42.18 -25.11
CA VAL G 340 -30.77 -41.58 -26.41
C VAL G 340 -30.82 -40.06 -26.31
N ARG G 341 -31.64 -39.55 -25.37
CA ARG G 341 -31.80 -38.10 -25.26
C ARG G 341 -30.51 -37.43 -24.79
N LYS G 342 -29.80 -38.06 -23.85
CA LYS G 342 -28.48 -37.56 -23.47
C LYS G 342 -27.58 -37.40 -24.69
N GLN G 343 -27.57 -38.42 -25.56
CA GLN G 343 -26.77 -38.34 -26.78
C GLN G 343 -27.24 -37.22 -27.69
N GLU G 344 -28.55 -36.98 -27.74
CA GLU G 344 -29.07 -35.88 -28.53
C GLU G 344 -28.53 -34.54 -28.05
N ILE G 345 -28.56 -34.34 -26.73
CA ILE G 345 -28.12 -33.06 -26.16
C ILE G 345 -26.62 -32.89 -26.35
N ILE G 346 -25.85 -33.96 -26.19
CA ILE G 346 -24.42 -33.89 -26.44
C ILE G 346 -24.15 -33.59 -27.92
N LYS G 347 -24.98 -34.14 -28.81
CA LYS G 347 -24.81 -33.88 -30.23
C LYS G 347 -25.03 -32.41 -30.55
N VAL G 348 -26.14 -31.83 -30.11
CA VAL G 348 -26.38 -30.43 -30.42
C VAL G 348 -25.39 -29.52 -29.68
N THR G 349 -24.90 -29.96 -28.53
CA THR G 349 -23.88 -29.17 -27.82
C THR G 349 -22.57 -29.16 -28.60
N GLU G 350 -22.13 -30.32 -29.07
CA GLU G 350 -20.91 -30.39 -29.87
C GLU G 350 -21.07 -29.67 -31.20
N GLN G 351 -22.28 -29.64 -31.76
CA GLN G 351 -22.53 -28.82 -32.94
C GLN G 351 -22.45 -27.33 -32.62
N LEU G 352 -22.89 -26.93 -31.42
CA LEU G 352 -22.75 -25.54 -31.01
C LEU G 352 -21.28 -25.15 -30.90
N ILE G 353 -20.51 -25.94 -30.15
CA ILE G 353 -19.09 -25.65 -29.98
C ILE G 353 -18.37 -25.71 -31.31
N GLU G 354 -18.80 -26.60 -32.21
CA GLU G 354 -18.20 -26.65 -33.54
C GLU G 354 -18.51 -25.38 -34.33
N ALA G 355 -19.72 -24.85 -34.20
CA ALA G 355 -20.06 -23.60 -34.86
C ALA G 355 -19.27 -22.43 -34.27
N ILE G 356 -18.95 -22.49 -32.98
CA ILE G 356 -18.17 -21.42 -32.37
C ILE G 356 -16.71 -21.50 -32.81
N SER G 357 -16.15 -22.72 -32.86
CA SER G 357 -14.74 -22.87 -33.22
C SER G 357 -14.48 -22.46 -34.65
N ASN G 358 -15.47 -22.60 -35.53
CA ASN G 358 -15.32 -22.25 -36.93
C ASN G 358 -15.82 -20.84 -37.25
N GLY G 359 -16.34 -20.12 -36.26
CA GLY G 359 -16.87 -18.80 -36.51
C GLY G 359 -18.10 -18.77 -37.41
N ASP G 360 -18.85 -19.88 -37.46
CA ASP G 360 -20.03 -19.98 -38.31
C ASP G 360 -21.21 -19.38 -37.56
N PHE G 361 -21.47 -18.09 -37.82
CA PHE G 361 -22.56 -17.39 -37.16
C PHE G 361 -23.92 -17.84 -37.66
N GLU G 362 -24.00 -18.41 -38.86
CA GLU G 362 -25.26 -18.89 -39.39
C GLU G 362 -25.77 -20.09 -38.59
N SER G 363 -24.93 -21.11 -38.45
CA SER G 363 -25.31 -22.29 -37.67
C SER G 363 -25.56 -21.93 -36.22
N TYR G 364 -24.71 -21.09 -35.64
CA TYR G 364 -24.91 -20.66 -34.27
C TYR G 364 -26.24 -19.94 -34.10
N THR G 365 -26.60 -19.11 -35.08
CA THR G 365 -27.89 -18.43 -35.03
C THR G 365 -29.03 -19.43 -35.10
N LYS G 366 -28.88 -20.48 -35.91
CA LYS G 366 -29.96 -21.47 -36.03
C LYS G 366 -30.13 -22.28 -34.74
N MET G 367 -29.06 -22.46 -33.97
CA MET G 367 -29.11 -23.24 -32.74
C MET G 367 -29.47 -22.43 -31.51
N CYS G 368 -29.70 -21.12 -31.65
CA CYS G 368 -29.95 -20.24 -30.53
C CYS G 368 -31.32 -19.59 -30.65
N ASP G 369 -32.01 -19.49 -29.51
CA ASP G 369 -33.30 -18.80 -29.49
C ASP G 369 -33.09 -17.30 -29.69
N PRO G 370 -34.01 -16.62 -30.36
CA PRO G 370 -33.86 -15.16 -30.52
C PRO G 370 -33.81 -14.41 -29.20
N GLY G 371 -34.58 -14.83 -28.20
CA GLY G 371 -34.57 -14.17 -26.91
C GLY G 371 -33.61 -14.81 -25.91
N MET G 372 -32.50 -15.33 -26.42
CA MET G 372 -31.54 -16.02 -25.56
C MET G 372 -30.80 -15.03 -24.67
N THR G 373 -30.67 -15.39 -23.40
CA THR G 373 -29.89 -14.61 -22.44
C THR G 373 -28.55 -15.28 -22.17
N ALA G 374 -27.63 -14.50 -21.63
CA ALA G 374 -26.26 -14.98 -21.50
C ALA G 374 -25.54 -14.32 -20.32
N PHE G 375 -24.77 -15.12 -19.59
CA PHE G 375 -23.81 -14.65 -18.61
C PHE G 375 -22.44 -15.16 -19.03
N GLU G 376 -21.49 -14.25 -19.18
CA GLU G 376 -20.14 -14.63 -19.58
C GLU G 376 -19.18 -13.52 -19.19
N PRO G 377 -17.89 -13.81 -19.05
CA PRO G 377 -16.92 -12.76 -18.69
C PRO G 377 -16.89 -11.59 -19.65
N GLU G 378 -17.23 -11.82 -20.92
CA GLU G 378 -17.27 -10.73 -21.89
C GLU G 378 -18.39 -9.75 -21.59
N ALA G 379 -19.41 -10.16 -20.84
CA ALA G 379 -20.52 -9.28 -20.49
C ALA G 379 -20.24 -8.46 -19.23
N LEU G 380 -19.12 -8.69 -18.55
CA LEU G 380 -18.72 -7.92 -17.38
C LEU G 380 -19.80 -7.94 -16.30
N GLY G 381 -20.27 -9.14 -15.96
CA GLY G 381 -21.26 -9.28 -14.91
C GLY G 381 -22.65 -8.84 -15.27
N ASN G 382 -22.93 -8.60 -16.55
CA ASN G 382 -24.24 -8.20 -17.00
C ASN G 382 -24.91 -9.34 -17.74
N LEU G 383 -26.23 -9.26 -17.83
CA LEU G 383 -27.04 -10.26 -18.52
C LEU G 383 -27.41 -9.71 -19.90
N VAL G 384 -26.70 -10.16 -20.92
CA VAL G 384 -26.96 -9.72 -22.28
C VAL G 384 -28.03 -10.62 -22.89
N GLU G 385 -28.85 -10.03 -23.76
CA GLU G 385 -29.95 -10.74 -24.39
C GLU G 385 -29.86 -10.56 -25.90
N GLY G 386 -30.10 -11.64 -26.62
CA GLY G 386 -30.03 -11.63 -28.07
C GLY G 386 -28.78 -12.32 -28.59
N LEU G 387 -28.42 -11.95 -29.82
CA LEU G 387 -27.25 -12.53 -30.46
C LEU G 387 -26.27 -11.50 -30.98
N ASP G 388 -26.60 -10.20 -30.95
CA ASP G 388 -25.71 -9.19 -31.50
C ASP G 388 -24.43 -9.05 -30.66
N PHE G 389 -24.51 -9.36 -29.36
CA PHE G 389 -23.33 -9.27 -28.51
C PHE G 389 -22.29 -10.32 -28.88
N HIS G 390 -22.74 -11.53 -29.23
CA HIS G 390 -21.84 -12.58 -29.68
C HIS G 390 -21.44 -12.42 -31.14
N ARG G 391 -22.25 -11.69 -31.92
CA ARG G 391 -21.94 -11.45 -33.31
C ARG G 391 -20.62 -10.72 -33.47
N PHE G 392 -20.30 -9.83 -32.53
CA PHE G 392 -19.02 -9.12 -32.58
C PHE G 392 -17.87 -10.11 -32.58
N TYR G 393 -17.94 -11.10 -31.69
CA TYR G 393 -16.86 -12.08 -31.59
C TYR G 393 -16.87 -13.04 -32.77
N PHE G 394 -18.04 -13.36 -33.33
CA PHE G 394 -18.07 -14.18 -34.53
C PHE G 394 -17.43 -13.46 -35.70
N GLU G 395 -17.75 -12.18 -35.88
CA GLU G 395 -17.26 -11.44 -37.05
C GLU G 395 -15.78 -11.15 -36.92
N ASN G 396 -15.34 -10.65 -35.78
CA ASN G 396 -13.97 -10.15 -35.66
C ASN G 396 -13.00 -11.24 -35.20
N LEU G 397 -13.27 -11.86 -34.05
CA LEU G 397 -12.31 -12.77 -33.47
C LEU G 397 -12.34 -14.14 -34.16
N TRP G 398 -13.50 -14.81 -34.16
CA TRP G 398 -13.56 -16.20 -34.57
C TRP G 398 -13.58 -16.38 -36.09
N SER G 399 -14.01 -15.36 -36.86
CA SER G 399 -13.93 -15.48 -38.31
C SER G 399 -12.49 -15.44 -38.79
N ARG G 400 -11.61 -14.72 -38.08
CA ARG G 400 -10.23 -14.58 -38.51
C ARG G 400 -9.37 -15.81 -38.23
N ASN G 401 -9.81 -16.68 -37.33
CA ASN G 401 -8.97 -17.79 -36.87
C ASN G 401 -8.59 -18.73 -38.00
N SER G 402 -7.31 -18.72 -38.36
CA SER G 402 -6.71 -19.77 -39.18
C SER G 402 -5.77 -20.66 -38.37
N LYS G 403 -5.44 -20.27 -37.14
CA LYS G 403 -4.59 -21.06 -36.27
C LYS G 403 -5.36 -22.28 -35.76
N PRO G 404 -4.65 -23.33 -35.35
CA PRO G 404 -5.33 -24.51 -34.82
C PRO G 404 -5.89 -24.26 -33.42
N VAL G 405 -7.09 -24.77 -33.19
CA VAL G 405 -7.75 -24.69 -31.89
C VAL G 405 -8.41 -26.04 -31.62
N HIS G 406 -8.16 -26.61 -30.44
CA HIS G 406 -8.71 -27.90 -30.05
C HIS G 406 -9.51 -27.74 -28.77
N THR G 407 -10.76 -28.19 -28.79
CA THR G 407 -11.66 -28.05 -27.65
C THR G 407 -11.93 -29.41 -27.02
N THR G 408 -11.95 -29.43 -25.69
CA THR G 408 -12.20 -30.64 -24.92
C THR G 408 -13.34 -30.38 -23.96
N ILE G 409 -14.32 -31.28 -23.96
CA ILE G 409 -15.48 -31.21 -23.08
C ILE G 409 -15.28 -32.24 -21.98
N LEU G 410 -14.96 -31.77 -20.78
CA LEU G 410 -14.69 -32.64 -19.65
C LEU G 410 -15.91 -32.73 -18.74
N ASN G 411 -16.24 -33.95 -18.33
CA ASN G 411 -17.25 -34.27 -17.32
C ASN G 411 -18.61 -33.64 -17.65
N PRO G 412 -19.25 -34.04 -18.75
CA PRO G 412 -20.58 -33.51 -19.07
C PRO G 412 -21.64 -34.12 -18.17
N HIS G 413 -22.49 -33.27 -17.59
CA HIS G 413 -23.63 -33.71 -16.80
C HIS G 413 -24.89 -33.17 -17.45
N ILE G 414 -25.89 -34.03 -17.61
CA ILE G 414 -27.13 -33.69 -18.29
C ILE G 414 -28.29 -33.89 -17.33
N HIS G 415 -29.14 -32.89 -17.22
CA HIS G 415 -30.40 -32.96 -16.48
C HIS G 415 -31.54 -32.87 -17.49
N LEU G 416 -32.34 -33.93 -17.57
CA LEU G 416 -33.52 -33.96 -18.42
C LEU G 416 -34.72 -33.49 -17.62
N MET G 417 -35.47 -32.54 -18.19
CA MET G 417 -36.62 -31.92 -17.52
C MET G 417 -37.81 -31.98 -18.48
N GLY G 418 -38.34 -33.19 -18.67
CA GLY G 418 -39.43 -33.38 -19.60
C GLY G 418 -38.94 -33.66 -21.00
N ASP G 419 -39.91 -33.87 -21.90
CA ASP G 419 -39.59 -34.22 -23.27
C ASP G 419 -38.98 -33.07 -24.05
N GLU G 420 -39.23 -31.82 -23.65
CA GLU G 420 -38.88 -30.66 -24.45
C GLU G 420 -37.86 -29.74 -23.77
N SER G 421 -37.13 -30.24 -22.78
CA SER G 421 -36.16 -29.39 -22.08
C SER G 421 -35.01 -30.26 -21.57
N ALA G 422 -33.82 -29.66 -21.55
CA ALA G 422 -32.64 -30.33 -21.01
C ALA G 422 -31.63 -29.27 -20.60
N CYS G 423 -30.63 -29.69 -19.83
CA CYS G 423 -29.62 -28.77 -19.34
C CYS G 423 -28.30 -29.51 -19.20
N ILE G 424 -27.25 -29.02 -19.86
CA ILE G 424 -25.95 -29.67 -19.84
C ILE G 424 -24.95 -28.72 -19.19
N ALA G 425 -24.06 -29.29 -18.37
CA ALA G 425 -23.00 -28.53 -17.73
C ALA G 425 -21.69 -29.28 -17.92
N TYR G 426 -20.63 -28.55 -18.27
CA TYR G 426 -19.37 -29.20 -18.58
C TYR G 426 -18.22 -28.23 -18.38
N ILE G 427 -17.01 -28.78 -18.35
CA ILE G 427 -15.79 -27.99 -18.30
C ILE G 427 -15.22 -27.93 -19.72
N ARG G 428 -15.05 -26.73 -20.24
CA ARG G 428 -14.54 -26.52 -21.58
C ARG G 428 -13.08 -26.11 -21.51
N ILE G 429 -12.20 -26.93 -22.06
CA ILE G 429 -10.77 -26.66 -22.09
C ILE G 429 -10.35 -26.42 -23.53
N THR G 430 -9.73 -25.27 -23.78
CA THR G 430 -9.35 -24.84 -25.11
C THR G 430 -7.83 -24.78 -25.22
N GLN G 431 -7.27 -25.58 -26.12
CA GLN G 431 -5.87 -25.53 -26.50
C GLN G 431 -5.76 -24.68 -27.76
N TYR G 432 -4.95 -23.62 -27.70
CA TYR G 432 -4.86 -22.69 -28.82
C TYR G 432 -3.43 -22.16 -28.90
N LEU G 433 -3.17 -21.39 -29.96
CA LEU G 433 -1.91 -20.69 -30.14
C LEU G 433 -2.15 -19.19 -29.97
N ASP G 434 -1.34 -18.55 -29.14
CA ASP G 434 -1.54 -17.15 -28.80
C ASP G 434 -1.07 -16.24 -29.93
N ALA G 435 -0.81 -14.96 -29.61
CA ALA G 435 -0.24 -14.05 -30.60
C ALA G 435 1.07 -14.59 -31.14
N GLY G 436 2.02 -14.91 -30.25
CA GLY G 436 3.18 -15.67 -30.62
C GLY G 436 2.82 -17.13 -30.83
N GLY G 437 3.83 -17.91 -31.21
CA GLY G 437 3.62 -19.31 -31.49
C GLY G 437 3.69 -20.20 -30.26
N ILE G 438 3.20 -19.72 -29.13
CA ILE G 438 3.28 -20.43 -27.85
C ILE G 438 1.92 -21.07 -27.57
N PRO G 439 1.86 -22.38 -27.30
CA PRO G 439 0.58 -23.01 -26.97
C PRO G 439 0.08 -22.54 -25.61
N ARG G 440 -1.19 -22.16 -25.56
CA ARG G 440 -1.84 -21.76 -24.33
C ARG G 440 -3.11 -22.58 -24.14
N THR G 441 -3.55 -22.66 -22.88
CA THR G 441 -4.74 -23.40 -22.49
C THR G 441 -5.66 -22.51 -21.68
N ALA G 442 -6.96 -22.58 -21.94
CA ALA G 442 -7.96 -21.80 -21.22
C ALA G 442 -9.05 -22.73 -20.72
N GLN G 443 -9.55 -22.46 -19.51
CA GLN G 443 -10.65 -23.22 -18.93
C GLN G 443 -11.86 -22.34 -18.77
N SER G 444 -13.04 -22.90 -19.04
CA SER G 444 -14.29 -22.16 -18.89
C SER G 444 -15.38 -23.15 -18.49
N GLU G 445 -16.00 -22.91 -17.34
CA GLU G 445 -17.14 -23.71 -16.92
C GLU G 445 -18.37 -23.24 -17.66
N GLU G 446 -19.07 -24.16 -18.33
CA GLU G 446 -20.16 -23.80 -19.22
C GLU G 446 -21.44 -24.53 -18.84
N THR G 447 -22.54 -23.78 -18.80
CA THR G 447 -23.89 -24.30 -18.60
C THR G 447 -24.73 -23.90 -19.81
N ARG G 448 -25.25 -24.89 -20.53
CA ARG G 448 -26.11 -24.67 -21.68
C ARG G 448 -27.52 -25.19 -21.37
N VAL G 449 -28.53 -24.35 -21.57
CA VAL G 449 -29.91 -24.68 -21.29
C VAL G 449 -30.62 -24.86 -22.62
N TRP G 450 -31.00 -26.11 -22.93
CA TRP G 450 -31.60 -26.46 -24.21
C TRP G 450 -33.10 -26.61 -24.08
N HIS G 451 -33.82 -26.07 -25.07
CA HIS G 451 -35.27 -26.17 -25.14
C HIS G 451 -35.64 -26.48 -26.58
N ARG G 452 -36.49 -27.49 -26.78
CA ARG G 452 -36.88 -27.89 -28.12
C ARG G 452 -38.14 -27.14 -28.54
N ARG G 453 -38.02 -26.34 -29.59
CA ARG G 453 -39.14 -25.66 -30.22
C ARG G 453 -39.09 -25.94 -31.72
N ASP G 454 -40.26 -26.21 -32.30
CA ASP G 454 -40.38 -26.55 -33.73
C ASP G 454 -39.54 -27.79 -34.05
N GLY G 455 -39.56 -28.77 -33.14
CA GLY G 455 -38.83 -30.01 -33.36
C GLY G 455 -37.32 -29.87 -33.42
N LYS G 456 -36.78 -28.77 -32.87
CA LYS G 456 -35.34 -28.54 -32.92
C LYS G 456 -34.88 -27.96 -31.59
N TRP G 457 -33.77 -28.48 -31.07
CA TRP G 457 -33.22 -27.96 -29.83
C TRP G 457 -32.58 -26.60 -30.06
N GLN G 458 -32.79 -25.69 -29.12
CA GLN G 458 -32.20 -24.36 -29.18
C GLN G 458 -31.77 -23.91 -27.79
N ILE G 459 -30.73 -23.09 -27.75
CA ILE G 459 -30.25 -22.52 -26.49
C ILE G 459 -31.14 -21.34 -26.13
N VAL G 460 -31.74 -21.40 -24.94
CA VAL G 460 -32.47 -20.25 -24.41
C VAL G 460 -31.63 -19.47 -23.41
N HIS G 461 -30.54 -20.04 -22.90
CA HIS G 461 -29.71 -19.39 -21.90
C HIS G 461 -28.43 -20.21 -21.73
N PHE G 462 -27.30 -19.52 -21.56
CA PHE G 462 -26.06 -20.17 -21.20
C PHE G 462 -25.31 -19.30 -20.21
N HIS G 463 -24.34 -19.91 -19.52
CA HIS G 463 -23.60 -19.28 -18.45
C HIS G 463 -22.17 -19.77 -18.49
N ARG G 464 -21.21 -18.87 -18.63
CA ARG G 464 -19.79 -19.21 -18.72
C ARG G 464 -19.01 -18.55 -17.59
N SER G 465 -17.99 -19.27 -17.12
CA SER G 465 -17.09 -18.77 -16.09
C SER G 465 -15.65 -19.08 -16.49
N GLY G 466 -14.75 -18.19 -16.10
CA GLY G 466 -13.34 -18.35 -16.37
C GLY G 466 -12.94 -17.80 -17.73
N ALA G 467 -11.64 -17.54 -17.87
CA ALA G 467 -11.09 -17.03 -19.12
C ALA G 467 -9.70 -17.60 -19.39
N VAL H 340 52.97 -17.24 -2.27
CA VAL H 340 53.24 -17.72 -3.62
C VAL H 340 52.25 -18.80 -4.01
N ARG H 341 51.84 -19.63 -3.05
CA ARG H 341 50.96 -20.76 -3.36
C ARG H 341 49.57 -20.28 -3.76
N LYS H 342 49.12 -19.14 -3.24
CA LYS H 342 47.79 -18.63 -3.57
C LYS H 342 47.76 -17.97 -4.95
N GLN H 343 48.90 -17.44 -5.41
CA GLN H 343 48.95 -16.80 -6.71
C GLN H 343 48.61 -17.78 -7.84
N GLU H 344 48.97 -19.06 -7.67
CA GLU H 344 48.61 -20.07 -8.65
C GLU H 344 47.11 -20.22 -8.75
N ILE H 345 46.43 -20.29 -7.60
CA ILE H 345 44.97 -20.37 -7.58
C ILE H 345 44.35 -19.14 -8.22
N ILE H 346 44.93 -17.97 -7.96
CA ILE H 346 44.45 -16.74 -8.61
C ILE H 346 44.58 -16.87 -10.13
N LYS H 347 45.70 -17.41 -10.59
CA LYS H 347 45.93 -17.57 -12.03
C LYS H 347 44.88 -18.48 -12.65
N VAL H 348 44.73 -19.69 -12.13
CA VAL H 348 43.80 -20.64 -12.74
C VAL H 348 42.36 -20.14 -12.63
N THR H 349 42.03 -19.42 -11.57
CA THR H 349 40.69 -18.88 -11.42
C THR H 349 40.42 -17.80 -12.46
N GLU H 350 41.38 -16.89 -12.67
CA GLU H 350 41.21 -15.85 -13.67
C GLU H 350 41.14 -16.46 -15.07
N GLN H 351 41.89 -17.53 -15.31
CA GLN H 351 41.79 -18.24 -16.59
C GLN H 351 40.39 -18.85 -16.76
N LEU H 352 39.82 -19.37 -15.67
CA LEU H 352 38.47 -19.92 -15.73
C LEU H 352 37.45 -18.84 -16.09
N ILE H 353 37.50 -17.71 -15.39
CA ILE H 353 36.55 -16.62 -15.66
C ILE H 353 36.76 -16.06 -17.06
N GLU H 354 38.01 -16.06 -17.55
CA GLU H 354 38.26 -15.65 -18.91
C GLU H 354 37.63 -16.62 -19.91
N ALA H 355 37.70 -17.92 -19.61
CA ALA H 355 37.09 -18.90 -20.50
C ALA H 355 35.57 -18.75 -20.53
N ILE H 356 34.96 -18.47 -19.37
CA ILE H 356 33.52 -18.26 -19.33
C ILE H 356 33.14 -16.98 -20.06
N SER H 357 33.94 -15.92 -19.90
CA SER H 357 33.61 -14.64 -20.52
C SER H 357 33.76 -14.71 -22.03
N ASN H 358 34.82 -15.35 -22.51
CA ASN H 358 35.04 -15.50 -23.95
C ASN H 358 34.26 -16.66 -24.56
N GLY H 359 33.52 -17.41 -23.75
CA GLY H 359 32.76 -18.53 -24.27
C GLY H 359 33.61 -19.66 -24.81
N ASP H 360 34.84 -19.80 -24.31
CA ASP H 360 35.73 -20.87 -24.74
C ASP H 360 35.42 -22.12 -23.93
N PHE H 361 34.62 -23.01 -24.51
CA PHE H 361 34.17 -24.20 -23.79
C PHE H 361 35.23 -25.28 -23.72
N GLU H 362 36.16 -25.35 -24.68
CA GLU H 362 37.19 -26.38 -24.63
C GLU H 362 38.18 -26.11 -23.49
N SER H 363 38.68 -24.88 -23.39
CA SER H 363 39.50 -24.52 -22.24
C SER H 363 38.73 -24.68 -20.94
N TYR H 364 37.42 -24.44 -20.97
CA TYR H 364 36.61 -24.66 -19.77
C TYR H 364 36.60 -26.13 -19.39
N THR H 365 36.49 -27.03 -20.37
CA THR H 365 36.47 -28.45 -20.08
C THR H 365 37.83 -28.93 -19.56
N LYS H 366 38.92 -28.31 -20.01
CA LYS H 366 40.22 -28.72 -19.50
C LYS H 366 40.39 -28.37 -18.02
N MET H 367 39.84 -27.24 -17.58
CA MET H 367 39.98 -26.80 -16.20
C MET H 367 38.91 -27.35 -15.27
N CYS H 368 38.05 -28.24 -15.75
CA CYS H 368 36.98 -28.83 -14.96
C CYS H 368 37.14 -30.34 -14.91
N ASP H 369 36.92 -30.90 -13.73
CA ASP H 369 36.90 -32.35 -13.59
C ASP H 369 35.67 -32.93 -14.30
N PRO H 370 35.80 -34.08 -14.95
CA PRO H 370 34.63 -34.67 -15.63
C PRO H 370 33.46 -34.94 -14.70
N GLY H 371 33.71 -35.18 -13.42
CA GLY H 371 32.65 -35.44 -12.47
C GLY H 371 32.37 -34.26 -11.57
N MET H 372 32.51 -33.05 -12.11
CA MET H 372 32.31 -31.83 -11.34
C MET H 372 30.83 -31.65 -10.98
N THR H 373 30.58 -31.18 -9.76
CA THR H 373 29.24 -30.84 -9.32
C THR H 373 29.13 -29.33 -9.13
N ALA H 374 27.90 -28.83 -9.27
CA ALA H 374 27.68 -27.39 -9.26
C ALA H 374 26.32 -27.06 -8.67
N PHE H 375 26.31 -26.10 -7.75
CA PHE H 375 25.10 -25.41 -7.34
C PHE H 375 25.11 -24.04 -8.02
N GLU H 376 24.07 -23.74 -8.79
CA GLU H 376 24.02 -22.44 -9.46
C GLU H 376 22.57 -22.02 -9.65
N PRO H 377 22.29 -20.72 -9.73
CA PRO H 377 20.91 -20.27 -9.89
C PRO H 377 20.22 -20.81 -11.13
N GLU H 378 20.99 -21.10 -12.18
CA GLU H 378 20.42 -21.68 -13.39
C GLU H 378 19.96 -23.12 -13.18
N ALA H 379 20.38 -23.77 -12.11
CA ALA H 379 19.98 -25.15 -11.81
C ALA H 379 18.70 -25.22 -10.98
N LEU H 380 18.14 -24.06 -10.58
CA LEU H 380 16.86 -24.01 -9.88
C LEU H 380 16.91 -24.80 -8.58
N GLY H 381 17.95 -24.55 -7.79
CA GLY H 381 18.09 -25.21 -6.51
C GLY H 381 18.50 -26.66 -6.57
N ASN H 382 18.69 -27.22 -7.76
CA ASN H 382 19.13 -28.60 -7.92
C ASN H 382 20.65 -28.66 -8.04
N LEU H 383 21.19 -29.82 -7.71
CA LEU H 383 22.61 -30.11 -7.90
C LEU H 383 22.79 -30.85 -9.21
N VAL H 384 23.58 -30.28 -10.11
CA VAL H 384 23.83 -30.86 -11.42
C VAL H 384 25.28 -31.34 -11.48
N GLU H 385 25.49 -32.46 -12.16
CA GLU H 385 26.81 -33.08 -12.25
C GLU H 385 27.26 -33.11 -13.70
N GLY H 386 28.56 -32.97 -13.90
CA GLY H 386 29.10 -32.97 -15.25
C GLY H 386 29.07 -31.59 -15.88
N LEU H 387 29.66 -31.53 -17.07
CA LEU H 387 29.76 -30.29 -17.83
C LEU H 387 28.68 -30.16 -18.88
N ASP H 388 27.86 -31.19 -19.08
CA ASP H 388 26.82 -31.15 -20.10
C ASP H 388 25.80 -30.05 -19.84
N PHE H 389 25.65 -29.62 -18.59
CA PHE H 389 24.66 -28.59 -18.25
C PHE H 389 25.13 -27.18 -18.58
N HIS H 390 26.45 -26.96 -18.57
CA HIS H 390 27.01 -25.64 -18.87
C HIS H 390 27.27 -25.43 -20.35
N ARG H 391 27.42 -26.52 -21.11
CA ARG H 391 27.61 -26.43 -22.55
C ARG H 391 26.50 -25.62 -23.20
N PHE H 392 25.26 -25.82 -22.75
CA PHE H 392 24.13 -25.09 -23.32
C PHE H 392 24.33 -23.59 -23.20
N TYR H 393 24.85 -23.13 -22.06
CA TYR H 393 25.10 -21.70 -21.90
C TYR H 393 26.29 -21.26 -22.73
N PHE H 394 27.29 -22.12 -22.93
CA PHE H 394 28.41 -21.72 -23.78
C PHE H 394 27.99 -21.54 -25.24
N GLU H 395 27.16 -22.46 -25.75
CA GLU H 395 26.77 -22.39 -27.16
C GLU H 395 25.83 -21.22 -27.40
N ASN H 396 24.66 -21.25 -26.76
CA ASN H 396 23.55 -20.37 -27.16
C ASN H 396 23.75 -18.95 -26.66
N LEU H 397 23.94 -18.78 -25.35
CA LEU H 397 23.98 -17.44 -24.77
C LEU H 397 25.18 -16.65 -25.29
N TRP H 398 26.35 -17.27 -25.35
CA TRP H 398 27.54 -16.60 -25.87
C TRP H 398 27.69 -16.82 -27.38
N SER H 402 28.26 -10.55 -29.35
CA SER H 402 29.52 -9.85 -29.16
C SER H 402 29.30 -8.51 -28.49
N LYS H 403 28.51 -8.51 -27.40
CA LYS H 403 28.25 -7.27 -26.67
C LYS H 403 29.34 -7.05 -25.60
N PRO H 404 29.76 -5.81 -25.42
CA PRO H 404 30.82 -5.52 -24.45
C PRO H 404 30.39 -5.83 -23.03
N VAL H 405 31.23 -6.58 -22.32
CA VAL H 405 30.96 -7.01 -20.96
C VAL H 405 32.26 -6.90 -20.17
N HIS H 406 32.16 -6.40 -18.94
CA HIS H 406 33.31 -6.24 -18.05
C HIS H 406 33.05 -6.97 -16.74
N THR H 407 34.03 -7.77 -16.31
CA THR H 407 33.91 -8.57 -15.09
C THR H 407 34.91 -8.09 -14.05
N THR H 408 34.45 -7.95 -12.81
CA THR H 408 35.24 -7.48 -11.70
C THR H 408 35.21 -8.50 -10.57
N ILE H 409 36.38 -8.79 -9.99
CA ILE H 409 36.51 -9.75 -8.91
C ILE H 409 36.84 -8.99 -7.64
N LEU H 410 35.93 -9.06 -6.67
CA LEU H 410 36.04 -8.32 -5.41
C LEU H 410 36.25 -9.28 -4.25
N ASN H 411 37.23 -8.96 -3.41
CA ASN H 411 37.54 -9.58 -2.13
C ASN H 411 37.68 -11.09 -2.24
N PRO H 412 38.70 -11.60 -2.93
CA PRO H 412 38.92 -13.04 -2.96
C PRO H 412 39.50 -13.53 -1.65
N HIS H 413 39.09 -14.74 -1.26
CA HIS H 413 39.64 -15.43 -0.11
C HIS H 413 40.01 -16.84 -0.52
N ILE H 414 41.23 -17.25 -0.18
CA ILE H 414 41.77 -18.54 -0.59
C ILE H 414 42.10 -19.35 0.66
N HIS H 415 41.62 -20.58 0.71
CA HIS H 415 41.95 -21.55 1.74
C HIS H 415 42.77 -22.65 1.10
N LEU H 416 44.03 -22.78 1.54
CA LEU H 416 44.91 -23.84 1.08
C LEU H 416 44.75 -25.05 1.97
N MET H 417 44.54 -26.21 1.35
CA MET H 417 44.30 -27.46 2.06
C MET H 417 45.27 -28.54 1.56
N GLY H 418 46.55 -28.29 1.77
CA GLY H 418 47.60 -29.16 1.24
C GLY H 418 48.21 -28.60 -0.02
N ASP H 419 48.97 -29.45 -0.70
CA ASP H 419 49.62 -29.09 -1.94
C ASP H 419 48.85 -29.54 -3.17
N GLU H 420 47.65 -30.09 -2.99
CA GLU H 420 46.86 -30.59 -4.11
C GLU H 420 45.41 -30.15 -4.07
N SER H 421 44.98 -29.41 -3.05
CA SER H 421 43.59 -29.01 -2.92
C SER H 421 43.53 -27.58 -2.41
N ALA H 422 42.66 -26.77 -3.02
CA ALA H 422 42.49 -25.38 -2.59
C ALA H 422 41.05 -24.97 -2.84
N CYS H 423 40.65 -23.87 -2.18
CA CYS H 423 39.31 -23.35 -2.32
C CYS H 423 39.37 -21.83 -2.38
N ILE H 424 38.61 -21.22 -3.29
CA ILE H 424 38.59 -19.77 -3.42
C ILE H 424 37.15 -19.29 -3.47
N ALA H 425 36.86 -18.22 -2.73
CA ALA H 425 35.54 -17.62 -2.70
C ALA H 425 35.64 -16.13 -2.96
N TYR H 426 34.77 -15.60 -3.81
CA TYR H 426 34.90 -14.21 -4.24
C TYR H 426 33.56 -13.68 -4.68
N ILE H 427 33.50 -12.34 -4.81
CA ILE H 427 32.33 -11.66 -5.35
C ILE H 427 32.62 -11.27 -6.79
N ARG H 428 31.68 -11.56 -7.68
CA ARG H 428 31.84 -11.30 -9.11
C ARG H 428 30.79 -10.27 -9.54
N ILE H 429 31.27 -9.15 -10.09
CA ILE H 429 30.43 -8.09 -10.63
C ILE H 429 30.52 -8.14 -12.15
N THR H 430 29.39 -7.93 -12.82
CA THR H 430 29.34 -7.99 -14.28
C THR H 430 28.61 -6.75 -14.78
N GLN H 431 29.32 -5.90 -15.51
CA GLN H 431 28.75 -4.76 -16.21
C GLN H 431 28.50 -5.16 -17.66
N TYR H 432 27.27 -4.97 -18.11
CA TYR H 432 26.89 -5.45 -19.45
C TYR H 432 25.88 -4.47 -20.05
N LEU H 433 25.35 -4.84 -21.21
CA LEU H 433 24.31 -4.08 -21.89
C LEU H 433 23.12 -4.99 -22.18
N ASP H 434 21.91 -4.49 -21.91
CA ASP H 434 20.71 -5.26 -22.14
C ASP H 434 20.22 -5.09 -23.58
N ALA H 435 18.96 -5.45 -23.82
CA ALA H 435 18.42 -5.34 -25.17
C ALA H 435 18.27 -3.88 -25.57
N GLY H 436 17.98 -3.02 -24.60
CA GLY H 436 17.86 -1.62 -24.87
C GLY H 436 19.15 -0.86 -24.94
N GLY H 437 20.29 -1.55 -24.80
CA GLY H 437 21.58 -0.89 -24.79
C GLY H 437 21.92 -0.15 -23.52
N ILE H 438 21.06 -0.23 -22.51
CA ILE H 438 21.31 0.48 -21.24
C ILE H 438 22.40 -0.24 -20.48
N PRO H 439 23.36 0.47 -19.87
CA PRO H 439 24.35 -0.19 -19.02
C PRO H 439 23.70 -0.79 -17.78
N ARG H 440 24.09 -2.01 -17.45
CA ARG H 440 23.55 -2.74 -16.33
C ARG H 440 24.68 -3.40 -15.55
N THR H 441 24.37 -3.85 -14.35
CA THR H 441 25.36 -4.48 -13.47
C THR H 441 24.69 -5.57 -12.66
N ALA H 442 25.43 -6.65 -12.40
CA ALA H 442 24.90 -7.81 -11.69
C ALA H 442 25.96 -8.36 -10.75
N GLN H 443 25.53 -8.75 -9.55
CA GLN H 443 26.42 -9.30 -8.55
C GLN H 443 26.19 -10.81 -8.44
N SER H 444 27.24 -11.52 -8.03
CA SER H 444 27.16 -12.98 -7.93
C SER H 444 28.21 -13.46 -6.96
N GLU H 445 27.82 -14.22 -5.95
CA GLU H 445 28.77 -14.79 -5.00
C GLU H 445 29.19 -16.16 -5.51
N GLU H 446 30.51 -16.39 -5.59
CA GLU H 446 31.00 -17.61 -6.23
C GLU H 446 32.04 -18.31 -5.36
N THR H 447 31.96 -19.65 -5.34
CA THR H 447 32.89 -20.52 -4.64
C THR H 447 33.42 -21.55 -5.63
N ARG H 448 34.75 -21.68 -5.71
CA ARG H 448 35.41 -22.64 -6.60
C ARG H 448 36.28 -23.57 -5.77
N VAL H 449 36.11 -24.87 -5.98
CA VAL H 449 36.86 -25.91 -5.27
C VAL H 449 37.82 -26.56 -6.25
N TRP H 450 39.11 -26.24 -6.11
CA TRP H 450 40.15 -26.70 -7.01
C TRP H 450 40.87 -27.91 -6.43
N HIS H 451 41.20 -28.85 -7.31
CA HIS H 451 41.93 -30.06 -6.97
C HIS H 451 43.01 -30.29 -8.00
N ARG H 452 44.25 -30.45 -7.56
CA ARG H 452 45.38 -30.63 -8.46
C ARG H 452 45.49 -32.10 -8.85
N ARG H 453 45.25 -32.39 -10.12
CA ARG H 453 45.37 -33.74 -10.66
C ARG H 453 46.34 -33.72 -11.83
N ASP H 454 47.34 -34.61 -11.78
CA ASP H 454 48.40 -34.68 -12.79
C ASP H 454 49.06 -33.31 -12.97
N GLY H 455 49.32 -32.64 -11.85
CA GLY H 455 49.93 -31.32 -11.90
C GLY H 455 49.07 -30.24 -12.53
N LYS H 456 47.75 -30.44 -12.60
CA LYS H 456 46.85 -29.49 -13.24
C LYS H 456 45.63 -29.30 -12.35
N TRP H 457 45.38 -28.04 -11.96
CA TRP H 457 44.21 -27.74 -11.14
C TRP H 457 42.92 -27.87 -11.94
N GLN H 458 41.91 -28.48 -11.33
CA GLN H 458 40.61 -28.66 -11.96
C GLN H 458 39.51 -28.43 -10.93
N ILE H 459 38.39 -27.91 -11.40
CA ILE H 459 37.23 -27.66 -10.54
C ILE H 459 36.52 -28.98 -10.29
N VAL H 460 36.32 -29.32 -9.02
CA VAL H 460 35.57 -30.53 -8.69
C VAL H 460 34.13 -30.17 -8.33
N HIS H 461 33.93 -28.93 -7.89
CA HIS H 461 32.62 -28.46 -7.47
C HIS H 461 32.66 -26.94 -7.41
N PHE H 462 31.57 -26.29 -7.81
CA PHE H 462 31.46 -24.86 -7.62
C PHE H 462 30.04 -24.47 -7.23
N HIS H 463 29.94 -23.31 -6.61
CA HIS H 463 28.69 -22.82 -6.02
C HIS H 463 28.56 -21.34 -6.30
N ARG H 464 27.54 -20.97 -7.07
CA ARG H 464 27.25 -19.59 -7.42
C ARG H 464 25.88 -19.22 -6.86
N SER H 465 25.75 -17.98 -6.39
CA SER H 465 24.49 -17.48 -5.87
C SER H 465 24.32 -16.02 -6.29
N GLY H 466 23.22 -15.43 -5.86
CA GLY H 466 22.84 -14.12 -6.34
C GLY H 466 22.14 -14.24 -7.67
N ALA H 467 22.00 -13.10 -8.33
CA ALA H 467 21.46 -13.12 -9.69
C ALA H 467 22.41 -13.92 -10.59
N PRO H 468 21.88 -14.67 -11.57
CA PRO H 468 22.70 -15.52 -12.45
C PRO H 468 23.79 -14.75 -13.20
N VAL I 340 38.24 31.76 -1.28
CA VAL I 340 39.02 31.55 -2.49
C VAL I 340 39.27 30.06 -2.71
N ARG I 341 39.70 29.37 -1.65
CA ARG I 341 39.95 27.93 -1.73
C ARG I 341 38.67 27.15 -2.01
N LYS I 342 37.58 27.51 -1.33
CA LYS I 342 36.27 26.91 -1.64
C LYS I 342 35.99 27.01 -3.13
N GLN I 343 36.18 28.20 -3.70
CA GLN I 343 35.97 28.37 -5.14
C GLN I 343 36.88 27.47 -5.95
N GLU I 344 38.12 27.28 -5.50
CA GLU I 344 39.03 26.37 -6.20
C GLU I 344 38.45 24.96 -6.27
N ILE I 345 37.93 24.47 -5.13
CA ILE I 345 37.25 23.18 -5.13
C ILE I 345 36.09 23.16 -6.11
N ILE I 346 35.31 24.25 -6.15
CA ILE I 346 34.21 24.34 -7.09
C ILE I 346 34.71 24.24 -8.52
N LYS I 347 35.87 24.82 -8.80
CA LYS I 347 36.45 24.77 -10.14
C LYS I 347 36.76 23.33 -10.53
N VAL I 348 37.55 22.63 -9.71
CA VAL I 348 37.92 21.27 -10.10
C VAL I 348 36.69 20.36 -10.15
N THR I 349 35.66 20.67 -9.35
CA THR I 349 34.46 19.86 -9.36
C THR I 349 33.66 20.06 -10.64
N GLU I 350 33.49 21.32 -11.06
CA GLU I 350 32.82 21.58 -12.33
C GLU I 350 33.56 20.94 -13.49
N GLN I 351 34.90 21.01 -13.48
CA GLN I 351 35.67 20.31 -14.50
C GLN I 351 35.43 18.80 -14.45
N LEU I 352 35.23 18.25 -13.25
CA LEU I 352 34.92 16.82 -13.14
C LEU I 352 33.58 16.51 -13.80
N ILE I 353 32.54 17.26 -13.45
CA ILE I 353 31.21 17.01 -14.01
C ILE I 353 31.22 17.16 -15.53
N GLU I 354 31.94 18.18 -16.03
CA GLU I 354 32.03 18.35 -17.48
C GLU I 354 32.77 17.19 -18.12
N ALA I 355 33.82 16.68 -17.46
CA ALA I 355 34.55 15.54 -18.01
C ALA I 355 33.69 14.29 -18.07
N ILE I 356 32.87 14.07 -17.04
CA ILE I 356 31.96 12.92 -17.06
C ILE I 356 30.91 13.10 -18.15
N SER I 357 30.37 14.31 -18.29
CA SER I 357 29.32 14.54 -19.27
C SER I 357 29.83 14.38 -20.70
N ASN I 358 31.04 14.86 -20.98
CA ASN I 358 31.60 14.73 -22.32
C ASN I 358 32.09 13.33 -22.62
N GLY I 359 32.07 12.42 -21.66
CA GLY I 359 32.62 11.10 -21.88
C GLY I 359 34.11 11.09 -22.09
N ASP I 360 34.82 12.09 -21.53
CA ASP I 360 36.27 12.20 -21.68
C ASP I 360 36.93 11.48 -20.51
N PHE I 361 37.23 10.20 -20.72
CA PHE I 361 37.90 9.42 -19.69
C PHE I 361 39.34 9.88 -19.47
N GLU I 362 39.95 10.51 -20.48
CA GLU I 362 41.32 11.00 -20.33
C GLU I 362 41.41 12.05 -19.23
N SER I 363 40.57 13.08 -19.30
CA SER I 363 40.58 14.11 -18.26
C SER I 363 40.05 13.57 -16.94
N TYR I 364 39.12 12.61 -17.00
CA TYR I 364 38.63 12.01 -15.77
C TYR I 364 39.73 11.26 -15.03
N THR I 365 40.67 10.67 -15.76
CA THR I 365 41.76 9.95 -15.11
C THR I 365 42.69 10.88 -14.35
N LYS I 366 42.96 12.07 -14.91
CA LYS I 366 43.90 12.99 -14.26
C LYS I 366 43.35 13.50 -12.93
N MET I 367 42.05 13.79 -12.86
CA MET I 367 41.45 14.32 -11.66
C MET I 367 41.16 13.26 -10.61
N CYS I 368 41.43 11.99 -10.89
CA CYS I 368 41.17 10.90 -9.96
C CYS I 368 42.46 10.22 -9.56
N ASP I 369 42.56 9.87 -8.28
CA ASP I 369 43.70 9.11 -7.80
C ASP I 369 43.66 7.70 -8.40
N PRO I 370 44.82 7.13 -8.74
CA PRO I 370 44.82 5.76 -9.28
C PRO I 370 44.16 4.75 -8.36
N GLY I 371 44.23 4.94 -7.04
CA GLY I 371 43.58 4.05 -6.09
C GLY I 371 42.31 4.65 -5.54
N MET I 372 41.49 5.22 -6.42
CA MET I 372 40.29 5.93 -5.99
C MET I 372 39.26 4.95 -5.43
N THR I 373 38.67 5.31 -4.30
CA THR I 373 37.63 4.53 -3.67
C THR I 373 36.26 5.06 -4.10
N ALA I 374 35.29 4.15 -4.22
CA ALA I 374 33.99 4.52 -4.79
C ALA I 374 32.86 3.67 -4.19
N PHE I 375 31.80 4.35 -3.78
CA PHE I 375 30.51 3.75 -3.44
C PHE I 375 29.47 4.32 -4.40
N GLU I 376 28.78 3.45 -5.14
CA GLU I 376 27.80 3.93 -6.09
C GLU I 376 26.79 2.81 -6.34
N PRO I 377 25.56 3.15 -6.75
CA PRO I 377 24.56 2.10 -7.02
C PRO I 377 24.94 1.13 -8.12
N GLU I 378 25.82 1.55 -9.04
CA GLU I 378 26.29 0.63 -10.07
C GLU I 378 27.20 -0.46 -9.50
N ALA I 379 27.68 -0.29 -8.27
CA ALA I 379 28.49 -1.30 -7.60
C ALA I 379 27.67 -2.23 -6.72
N LEU I 380 26.36 -1.99 -6.59
CA LEU I 380 25.44 -2.87 -5.88
C LEU I 380 25.87 -3.09 -4.43
N GLY I 381 26.11 -1.99 -3.74
CA GLY I 381 26.47 -2.04 -2.33
C GLY I 381 27.90 -2.42 -2.04
N ASN I 382 28.73 -2.61 -3.06
CA ASN I 382 30.12 -2.97 -2.88
C ASN I 382 31.02 -1.74 -3.02
N LEU I 383 32.22 -1.85 -2.47
CA LEU I 383 33.22 -0.79 -2.55
C LEU I 383 34.16 -1.08 -3.71
N VAL I 384 34.29 -0.13 -4.62
CA VAL I 384 35.06 -0.31 -5.85
C VAL I 384 36.32 0.55 -5.79
N GLU I 385 37.46 -0.03 -6.14
CA GLU I 385 38.73 0.66 -6.13
C GLU I 385 39.27 0.78 -7.55
N GLY I 386 39.81 1.95 -7.88
CA GLY I 386 40.33 2.16 -9.21
C GLY I 386 39.35 2.84 -10.15
N LEU I 387 39.79 2.97 -11.40
CA LEU I 387 39.00 3.59 -12.44
C LEU I 387 38.54 2.60 -13.50
N ASP I 388 38.92 1.32 -13.36
CA ASP I 388 38.47 0.30 -14.30
C ASP I 388 36.95 0.18 -14.33
N PHE I 389 36.30 0.42 -13.19
CA PHE I 389 34.87 0.18 -13.08
C PHE I 389 34.06 1.24 -13.84
N HIS I 390 34.48 2.50 -13.76
CA HIS I 390 33.77 3.57 -14.44
C HIS I 390 34.12 3.63 -15.93
N ARG I 391 35.20 2.97 -16.32
CA ARG I 391 35.59 2.94 -17.73
C ARG I 391 34.50 2.34 -18.58
N PHE I 392 33.80 1.32 -18.07
CA PHE I 392 32.70 0.70 -18.82
C PHE I 392 31.62 1.71 -19.15
N TYR I 393 31.38 2.67 -18.26
CA TYR I 393 30.38 3.70 -18.54
C TYR I 393 30.93 4.79 -19.42
N PHE I 394 32.24 5.08 -19.33
CA PHE I 394 32.82 6.05 -20.25
C PHE I 394 32.86 5.52 -21.68
N GLU I 395 33.20 4.23 -21.84
CA GLU I 395 33.31 3.66 -23.18
C GLU I 395 31.94 3.51 -23.83
N ASN I 396 31.00 2.90 -23.12
CA ASN I 396 29.73 2.49 -23.74
C ASN I 396 28.73 3.64 -23.79
N LEU I 397 28.15 3.99 -22.63
CA LEU I 397 27.01 4.89 -22.61
C LEU I 397 27.38 6.29 -23.07
N TRP I 398 28.43 6.87 -22.49
CA TRP I 398 28.65 8.30 -22.63
C TRP I 398 29.34 8.68 -23.93
N SER I 399 29.90 7.73 -24.67
CA SER I 399 30.46 8.03 -25.99
C SER I 399 29.33 8.27 -26.99
N SER I 402 24.54 9.57 -27.03
CA SER I 402 24.85 10.91 -26.56
C SER I 402 23.76 11.91 -26.95
N LYS I 403 22.64 11.84 -26.24
CA LYS I 403 21.50 12.73 -26.45
C LYS I 403 21.61 13.94 -25.53
N PRO I 404 20.81 14.98 -25.76
CA PRO I 404 20.88 16.16 -24.88
C PRO I 404 20.64 15.82 -23.42
N VAL I 405 21.53 16.31 -22.57
CA VAL I 405 21.50 16.03 -21.14
C VAL I 405 21.89 17.31 -20.40
N HIS I 406 21.13 17.67 -19.37
CA HIS I 406 21.42 18.87 -18.59
C HIS I 406 21.54 18.50 -17.11
N THR I 407 22.66 18.88 -16.50
CA THR I 407 22.92 18.62 -15.10
C THR I 407 22.67 19.88 -14.29
N THR I 408 22.27 19.68 -13.03
CA THR I 408 21.97 20.79 -12.13
C THR I 408 22.46 20.41 -10.74
N ILE I 409 23.31 21.26 -10.16
CA ILE I 409 23.88 21.02 -8.83
C ILE I 409 23.12 21.88 -7.82
N LEU I 410 22.63 21.24 -6.77
CA LEU I 410 21.81 21.91 -5.76
C LEU I 410 22.44 21.74 -4.39
N ASN I 411 22.47 22.82 -3.63
CA ASN I 411 22.90 22.89 -2.23
C ASN I 411 24.30 22.31 -2.04
N PRO I 412 25.33 22.89 -2.66
CA PRO I 412 26.69 22.40 -2.45
C PRO I 412 27.26 22.88 -1.12
N HIS I 413 27.92 21.97 -0.41
CA HIS I 413 28.60 22.28 0.84
C HIS I 413 30.04 21.79 0.75
N ILE I 414 30.96 22.64 1.22
CA ILE I 414 32.39 22.37 1.15
C ILE I 414 32.98 22.42 2.55
N HIS I 415 33.71 21.37 2.92
CA HIS I 415 34.50 21.31 4.13
C HIS I 415 35.97 21.35 3.77
N LEU I 416 36.66 22.39 4.23
CA LEU I 416 38.10 22.51 4.04
C LEU I 416 38.81 21.94 5.26
N MET I 417 39.72 20.99 5.01
CA MET I 417 40.42 20.27 6.06
C MET I 417 41.92 20.42 5.85
N GLY I 418 42.41 21.64 6.05
CA GLY I 418 43.81 21.93 5.82
C GLY I 418 44.07 22.36 4.39
N ASP I 419 45.34 22.61 4.10
CA ASP I 419 45.71 23.11 2.78
C ASP I 419 45.56 22.04 1.71
N GLU I 420 45.68 20.77 2.07
CA GLU I 420 45.83 19.70 1.10
C GLU I 420 44.62 18.76 1.04
N SER I 421 43.53 19.07 1.73
CA SER I 421 42.40 18.17 1.79
C SER I 421 41.10 18.96 1.80
N ALA I 422 40.08 18.42 1.13
CA ALA I 422 38.75 19.05 1.09
C ALA I 422 37.71 18.00 0.78
N CYS I 423 36.45 18.35 1.02
CA CYS I 423 35.34 17.45 0.76
C CYS I 423 34.11 18.26 0.39
N ILE I 424 33.45 17.89 -0.71
CA ILE I 424 32.28 18.61 -1.19
C ILE I 424 31.12 17.61 -1.30
N ALA I 425 29.93 18.05 -0.87
CA ALA I 425 28.72 17.24 -0.95
C ALA I 425 27.61 18.06 -1.58
N TYR I 426 26.84 17.43 -2.49
CA TYR I 426 25.83 18.18 -3.21
C TYR I 426 24.78 17.22 -3.76
N ILE I 427 23.71 17.80 -4.30
CA ILE I 427 22.64 17.05 -4.95
C ILE I 427 22.77 17.26 -6.45
N ARG I 428 22.88 16.16 -7.19
CA ARG I 428 22.92 16.22 -8.65
C ARG I 428 21.57 15.81 -9.22
N ILE I 429 21.01 16.67 -10.07
CA ILE I 429 19.77 16.38 -10.78
C ILE I 429 20.08 16.37 -12.27
N THR I 430 19.70 15.30 -12.95
CA THR I 430 19.98 15.12 -14.37
C THR I 430 18.67 15.08 -15.14
N GLN I 431 18.54 15.96 -16.13
CA GLN I 431 17.45 15.94 -17.09
C GLN I 431 17.94 15.31 -18.38
N TYR I 432 17.18 14.33 -18.89
CA TYR I 432 17.59 13.56 -20.05
C TYR I 432 16.36 13.11 -20.83
N LEU I 433 16.57 12.21 -21.79
CA LEU I 433 15.51 11.63 -22.60
C LEU I 433 15.75 10.13 -22.71
N ASP I 434 14.69 9.35 -22.56
CA ASP I 434 14.75 7.89 -22.65
C ASP I 434 14.08 7.43 -23.93
N ALA I 435 14.82 6.67 -24.74
CA ALA I 435 14.34 6.16 -26.03
C ALA I 435 13.77 7.30 -26.87
N GLY I 436 12.46 7.34 -27.01
CA GLY I 436 11.80 8.45 -27.65
C GLY I 436 11.19 9.39 -26.63
N GLY I 437 11.99 10.34 -26.13
CA GLY I 437 11.57 11.23 -25.06
C GLY I 437 10.28 12.00 -25.33
N ILE I 438 9.38 12.16 -24.34
CA ILE I 438 9.46 11.70 -22.94
C ILE I 438 10.70 12.21 -22.18
N PRO I 439 10.68 13.46 -21.75
CA PRO I 439 11.78 13.98 -20.93
C PRO I 439 11.70 13.43 -19.52
N ARG I 440 12.85 13.01 -19.00
CA ARG I 440 12.95 12.41 -17.68
C ARG I 440 13.94 13.18 -16.82
N THR I 441 13.86 12.92 -15.51
CA THR I 441 14.72 13.57 -14.54
C THR I 441 15.07 12.57 -13.44
N ALA I 442 16.31 12.66 -12.94
CA ALA I 442 16.79 11.74 -11.91
C ALA I 442 17.60 12.50 -10.88
N GLN I 443 17.50 12.06 -9.63
CA GLN I 443 18.20 12.69 -8.52
C GLN I 443 19.25 11.74 -7.95
N SER I 444 20.37 12.30 -7.51
CA SER I 444 21.39 11.54 -6.82
C SER I 444 22.08 12.47 -5.81
N GLU I 445 22.58 11.88 -4.73
CA GLU I 445 23.27 12.63 -3.70
C GLU I 445 24.74 12.22 -3.73
N GLU I 446 25.63 13.16 -3.99
CA GLU I 446 27.01 12.85 -4.29
C GLU I 446 27.96 13.53 -3.30
N THR I 447 28.99 12.77 -2.91
CA THR I 447 30.06 13.23 -2.03
C THR I 447 31.39 12.97 -2.73
N ARG I 448 32.21 14.01 -2.85
CA ARG I 448 33.56 13.91 -3.41
C ARG I 448 34.58 14.29 -2.35
N VAL I 449 35.66 13.52 -2.25
CA VAL I 449 36.73 13.75 -1.28
C VAL I 449 38.00 14.07 -2.06
N TRP I 450 38.38 15.35 -2.08
CA TRP I 450 39.51 15.83 -2.85
C TRP I 450 40.75 15.97 -1.98
N HIS I 451 41.90 15.74 -2.60
CA HIS I 451 43.19 15.75 -1.91
C HIS I 451 44.23 16.26 -2.89
N ARG I 452 44.93 17.32 -2.52
CA ARG I 452 45.97 17.89 -3.38
C ARG I 452 47.25 17.09 -3.23
N ARG I 453 47.68 16.46 -4.33
CA ARG I 453 48.91 15.68 -4.36
C ARG I 453 49.83 16.27 -5.43
N ASP I 454 50.97 16.80 -5.00
CA ASP I 454 51.96 17.41 -5.90
C ASP I 454 51.33 18.55 -6.69
N GLY I 455 50.63 19.43 -5.97
CA GLY I 455 50.03 20.60 -6.59
C GLY I 455 48.91 20.30 -7.57
N LYS I 456 48.02 19.37 -7.25
CA LYS I 456 46.93 19.00 -8.13
C LYS I 456 45.86 18.28 -7.32
N TRP I 457 44.62 18.75 -7.42
CA TRP I 457 43.52 18.13 -6.69
C TRP I 457 43.13 16.82 -7.35
N GLN I 458 43.05 15.75 -6.56
CA GLN I 458 42.64 14.44 -7.05
C GLN I 458 41.59 13.86 -6.11
N ILE I 459 40.65 13.12 -6.69
CA ILE I 459 39.62 12.44 -5.91
C ILE I 459 40.21 11.18 -5.31
N VAL I 460 40.14 11.05 -3.99
CA VAL I 460 40.58 9.82 -3.33
C VAL I 460 39.42 8.87 -3.05
N HIS I 461 38.19 9.37 -3.01
CA HIS I 461 37.01 8.57 -2.70
C HIS I 461 35.77 9.38 -3.03
N PHE I 462 34.74 8.70 -3.51
CA PHE I 462 33.48 9.39 -3.74
C PHE I 462 32.31 8.44 -3.49
N HIS I 463 31.16 9.05 -3.19
CA HIS I 463 29.97 8.33 -2.75
C HIS I 463 28.76 8.89 -3.47
N ARG I 464 27.92 8.00 -3.98
CA ARG I 464 26.73 8.36 -4.74
C ARG I 464 25.55 7.54 -4.22
N SER I 465 24.36 8.14 -4.29
CA SER I 465 23.14 7.51 -3.79
C SER I 465 21.99 7.74 -4.74
N GLY I 466 21.15 6.72 -4.90
CA GLY I 466 19.91 6.82 -5.65
C GLY I 466 20.04 7.06 -7.14
N ALA I 467 21.03 6.46 -7.78
CA ALA I 467 21.23 6.64 -9.22
C ALA I 467 21.43 5.31 -9.94
N VAL J 340 -11.21 44.25 -11.91
CA VAL J 340 -10.46 44.72 -13.07
C VAL J 340 -8.99 44.29 -12.99
N ARG J 341 -8.41 44.33 -11.80
CA ARG J 341 -7.01 43.93 -11.64
C ARG J 341 -6.83 42.42 -11.75
N LYS J 342 -7.83 41.65 -11.31
CA LYS J 342 -7.74 40.20 -11.41
C LYS J 342 -7.58 39.74 -12.85
N GLN J 343 -8.28 40.40 -13.77
CA GLN J 343 -8.16 40.05 -15.19
C GLN J 343 -6.79 40.35 -15.75
N GLU J 344 -6.03 41.24 -15.10
CA GLU J 344 -4.64 41.47 -15.52
C GLU J 344 -3.78 40.26 -15.18
N ILE J 345 -3.91 39.75 -13.96
CA ILE J 345 -3.19 38.54 -13.57
C ILE J 345 -3.62 37.37 -14.45
N ILE J 346 -4.92 37.25 -14.72
CA ILE J 346 -5.40 36.19 -15.60
C ILE J 346 -4.83 36.35 -16.99
N LYS J 347 -4.71 37.59 -17.47
CA LYS J 347 -4.19 37.83 -18.81
C LYS J 347 -2.73 37.42 -18.91
N VAL J 348 -1.89 37.91 -18.00
CA VAL J 348 -0.48 37.55 -18.04
C VAL J 348 -0.29 36.06 -17.78
N THR J 349 -1.21 35.43 -17.05
CA THR J 349 -1.13 34.00 -16.81
C THR J 349 -1.45 33.20 -18.07
N GLU J 350 -2.50 33.59 -18.80
CA GLU J 350 -2.82 32.93 -20.06
C GLU J 350 -1.70 33.11 -21.07
N GLN J 351 -1.14 34.33 -21.14
CA GLN J 351 0.04 34.55 -21.97
C GLN J 351 1.20 33.65 -21.55
N LEU J 352 1.32 33.39 -20.25
CA LEU J 352 2.37 32.49 -19.76
C LEU J 352 2.14 31.07 -20.26
N ILE J 353 0.92 30.53 -20.03
CA ILE J 353 0.63 29.15 -20.42
C ILE J 353 0.79 28.96 -21.92
N GLU J 354 0.33 29.94 -22.71
CA GLU J 354 0.53 29.83 -24.15
C GLU J 354 2.01 29.94 -24.52
N ALA J 355 2.78 30.77 -23.79
CA ALA J 355 4.21 30.84 -24.05
C ALA J 355 4.90 29.52 -23.74
N ILE J 356 4.35 28.74 -22.82
CA ILE J 356 4.92 27.42 -22.54
C ILE J 356 4.48 26.40 -23.59
N SER J 357 3.22 26.48 -24.02
CA SER J 357 2.70 25.49 -24.96
C SER J 357 3.37 25.61 -26.33
N ASN J 358 3.70 26.83 -26.74
CA ASN J 358 4.37 27.04 -28.03
C ASN J 358 5.86 26.82 -27.96
N GLY J 359 6.44 26.70 -26.77
CA GLY J 359 7.88 26.56 -26.64
C GLY J 359 8.63 27.87 -26.78
N ASP J 360 8.01 28.98 -26.43
CA ASP J 360 8.62 30.30 -26.57
C ASP J 360 9.33 30.65 -25.27
N PHE J 361 10.62 30.31 -25.19
CA PHE J 361 11.41 30.58 -24.00
C PHE J 361 11.74 32.06 -23.86
N GLU J 362 11.65 32.84 -24.94
CA GLU J 362 11.93 34.26 -24.87
C GLU J 362 10.87 35.00 -24.07
N SER J 363 9.62 34.91 -24.52
CA SER J 363 8.52 35.55 -23.78
C SER J 363 8.38 34.97 -22.38
N TYR J 364 8.64 33.67 -22.22
CA TYR J 364 8.61 33.06 -20.90
C TYR J 364 9.68 33.68 -19.99
N THR J 365 10.87 33.95 -20.55
CA THR J 365 11.92 34.58 -19.76
C THR J 365 11.56 36.00 -19.40
N LYS J 366 10.89 36.72 -20.30
CA LYS J 366 10.48 38.08 -20.00
C LYS J 366 9.44 38.13 -18.88
N MET J 367 8.58 37.12 -18.80
CA MET J 367 7.51 37.10 -17.80
C MET J 367 7.94 36.52 -16.46
N CYS J 368 9.20 36.11 -16.32
CA CYS J 368 9.68 35.48 -15.10
C CYS J 368 10.84 36.28 -14.52
N ASP J 369 10.89 36.34 -13.18
CA ASP J 369 12.00 36.99 -12.52
C ASP J 369 13.25 36.11 -12.63
N PRO J 370 14.43 36.72 -12.75
CA PRO J 370 15.66 35.92 -12.81
C PRO J 370 15.89 35.05 -11.59
N GLY J 371 15.42 35.47 -10.41
CA GLY J 371 15.57 34.69 -9.21
C GLY J 371 14.34 33.86 -8.89
N MET J 372 13.59 33.53 -9.93
CA MET J 372 12.36 32.77 -9.76
C MET J 372 12.65 31.40 -9.16
N THR J 373 11.89 31.03 -8.13
CA THR J 373 12.00 29.72 -7.52
C THR J 373 10.81 28.86 -7.90
N ALA J 374 11.01 27.55 -7.87
CA ALA J 374 10.01 26.63 -8.40
C ALA J 374 10.01 25.33 -7.61
N PHE J 375 8.80 24.89 -7.25
CA PHE J 375 8.51 23.53 -6.82
C PHE J 375 7.73 22.84 -7.93
N GLU J 376 8.19 21.67 -8.36
CA GLU J 376 7.47 20.95 -9.41
C GLU J 376 7.91 19.50 -9.41
N PRO J 377 7.08 18.57 -9.91
CA PRO J 377 7.47 17.15 -9.89
C PRO J 377 8.75 16.88 -10.66
N GLU J 378 9.04 17.68 -11.69
CA GLU J 378 10.28 17.52 -12.43
C GLU J 378 11.51 17.83 -11.58
N ALA J 379 11.34 18.59 -10.50
CA ALA J 379 12.45 18.89 -9.60
C ALA J 379 12.64 17.82 -8.53
N LEU J 380 11.74 16.83 -8.46
CA LEU J 380 11.89 15.67 -7.59
C LEU J 380 11.98 16.08 -6.12
N GLY J 381 11.06 16.94 -5.71
CA GLY J 381 11.01 17.37 -4.32
C GLY J 381 11.99 18.45 -3.96
N ASN J 382 12.84 18.88 -4.87
CA ASN J 382 13.79 19.94 -4.60
C ASN J 382 13.23 21.29 -5.07
N LEU J 383 13.85 22.35 -4.58
CA LEU J 383 13.48 23.71 -4.95
C LEU J 383 14.50 24.24 -5.96
N VAL J 384 14.06 24.52 -7.18
CA VAL J 384 14.98 24.97 -8.23
C VAL J 384 14.89 26.48 -8.38
N GLU J 385 16.04 27.11 -8.63
CA GLU J 385 16.12 28.56 -8.75
C GLU J 385 16.51 28.95 -10.16
N GLY J 386 15.96 30.08 -10.62
CA GLY J 386 16.26 30.56 -11.95
C GLY J 386 15.45 29.85 -13.01
N LEU J 387 15.74 30.21 -14.26
CA LEU J 387 15.07 29.63 -15.42
C LEU J 387 15.92 28.58 -16.11
N ASP J 388 17.12 28.30 -15.60
CA ASP J 388 17.99 27.32 -16.24
C ASP J 388 17.38 25.92 -16.21
N PHE J 389 16.59 25.61 -15.18
CA PHE J 389 15.98 24.29 -15.07
C PHE J 389 14.85 24.10 -16.08
N HIS J 390 14.15 25.18 -16.42
CA HIS J 390 13.02 25.10 -17.34
C HIS J 390 13.42 25.21 -18.81
N ARG J 391 14.66 25.61 -19.09
CA ARG J 391 15.11 25.72 -20.47
C ARG J 391 15.14 24.36 -21.15
N PHE J 392 15.56 23.33 -20.40
CA PHE J 392 15.63 21.96 -20.91
C PHE J 392 14.34 21.55 -21.61
N TYR J 393 13.20 22.05 -21.14
CA TYR J 393 11.92 21.63 -21.68
C TYR J 393 11.56 22.41 -22.94
N PHE J 394 11.73 23.73 -22.92
CA PHE J 394 11.49 24.50 -24.14
C PHE J 394 12.37 24.00 -25.28
N GLU J 395 13.62 23.67 -24.98
CA GLU J 395 14.52 23.20 -26.03
C GLU J 395 14.18 21.76 -26.45
N ASN J 396 14.05 20.86 -25.49
CA ASN J 396 13.89 19.45 -25.82
C ASN J 396 12.43 19.10 -26.12
N LEU J 397 11.50 19.58 -25.29
CA LEU J 397 10.08 19.27 -25.49
C LEU J 397 9.48 20.18 -26.56
N PRO J 404 -0.34 18.37 -30.33
CA PRO J 404 -1.78 18.21 -30.10
C PRO J 404 -2.12 18.19 -28.62
N VAL J 405 -2.17 19.37 -28.00
CA VAL J 405 -2.42 19.52 -26.58
C VAL J 405 -3.51 20.56 -26.38
N HIS J 406 -4.46 20.27 -25.48
CA HIS J 406 -5.51 21.20 -25.11
C HIS J 406 -5.50 21.37 -23.59
N THR J 407 -5.31 22.62 -23.16
CA THR J 407 -5.22 22.95 -21.74
C THR J 407 -6.53 23.59 -21.28
N THR J 408 -6.93 23.26 -20.05
CA THR J 408 -8.14 23.79 -19.43
C THR J 408 -7.81 24.23 -18.01
N ILE J 409 -8.33 25.40 -17.63
CA ILE J 409 -8.10 25.96 -16.30
C ILE J 409 -9.41 25.94 -15.54
N LEU J 410 -9.39 25.39 -14.33
CA LEU J 410 -10.58 25.22 -13.52
C LEU J 410 -10.43 25.95 -12.19
N ASN J 411 -11.47 26.72 -11.82
CA ASN J 411 -11.64 27.42 -10.57
C ASN J 411 -10.44 28.27 -10.19
N PRO J 412 -10.14 29.33 -10.95
CA PRO J 412 -9.01 30.20 -10.61
C PRO J 412 -9.36 31.10 -9.43
N HIS J 413 -8.50 31.12 -8.43
CA HIS J 413 -8.62 32.02 -7.28
C HIS J 413 -7.44 32.99 -7.28
N ILE J 414 -7.72 34.25 -6.99
CA ILE J 414 -6.71 35.31 -7.04
C ILE J 414 -6.67 36.02 -5.69
N HIS J 415 -5.48 36.22 -5.17
CA HIS J 415 -5.23 36.96 -3.94
C HIS J 415 -4.41 38.19 -4.30
N LEU J 416 -5.00 39.37 -4.12
CA LEU J 416 -4.30 40.63 -4.31
C LEU J 416 -3.72 41.09 -2.98
N MET J 417 -2.44 41.46 -2.99
CA MET J 417 -1.73 41.89 -1.79
C MET J 417 -1.06 43.24 -2.06
N GLY J 418 -1.89 44.24 -2.33
CA GLY J 418 -1.42 45.55 -2.73
C GLY J 418 -1.58 45.77 -4.21
N ASP J 419 -0.91 46.82 -4.70
CA ASP J 419 -0.94 47.16 -6.12
C ASP J 419 0.32 46.69 -6.85
N GLU J 420 1.11 45.80 -6.23
CA GLU J 420 2.32 45.31 -6.86
C GLU J 420 2.58 43.84 -6.54
N SER J 421 1.60 43.11 -6.02
CA SER J 421 1.79 41.72 -5.64
C SER J 421 0.47 40.99 -5.75
N ALA J 422 0.51 39.79 -6.35
CA ALA J 422 -0.69 38.97 -6.49
C ALA J 422 -0.28 37.51 -6.49
N CYS J 423 -1.28 36.64 -6.33
CA CYS J 423 -1.04 35.20 -6.29
C CYS J 423 -2.27 34.48 -6.80
N ILE J 424 -2.11 33.67 -7.85
CA ILE J 424 -3.23 32.98 -8.48
C ILE J 424 -3.02 31.48 -8.33
N ALA J 425 -4.09 30.76 -7.99
CA ALA J 425 -4.08 29.31 -7.86
C ALA J 425 -5.19 28.72 -8.70
N TYR J 426 -4.92 27.60 -9.37
CA TYR J 426 -5.92 27.03 -10.27
C TYR J 426 -5.62 25.55 -10.49
N ILE J 427 -6.62 24.87 -11.06
CA ILE J 427 -6.47 23.49 -11.54
C ILE J 427 -6.16 23.55 -13.02
N ARG J 428 -5.20 22.73 -13.46
CA ARG J 428 -4.79 22.66 -14.86
C ARG J 428 -5.01 21.25 -15.37
N ILE J 429 -6.03 21.08 -16.23
CA ILE J 429 -6.27 19.82 -16.93
C ILE J 429 -5.61 19.89 -18.29
N THR J 430 -5.00 18.78 -18.71
CA THR J 430 -4.28 18.72 -19.98
C THR J 430 -4.74 17.48 -20.73
N GLN J 431 -5.34 17.69 -21.90
CA GLN J 431 -5.74 16.62 -22.80
C GLN J 431 -4.71 16.52 -23.91
N TYR J 432 -4.11 15.34 -24.05
CA TYR J 432 -3.01 15.15 -24.99
C TYR J 432 -3.12 13.75 -25.60
N LEU J 433 -2.11 13.39 -26.38
CA LEU J 433 -2.04 12.07 -27.01
C LEU J 433 -0.67 11.47 -26.70
N ASP J 434 -0.66 10.22 -26.26
CA ASP J 434 0.59 9.52 -26.07
C ASP J 434 1.10 8.99 -27.41
N ALA J 435 2.32 8.44 -27.39
CA ALA J 435 2.86 7.80 -28.59
C ALA J 435 1.98 6.63 -29.02
N GLY J 436 1.27 6.01 -28.07
CA GLY J 436 0.29 5.02 -28.44
C GLY J 436 -0.89 5.59 -29.20
N GLY J 437 -1.04 6.91 -29.20
CA GLY J 437 -2.07 7.56 -29.97
C GLY J 437 -3.37 7.82 -29.23
N ILE J 438 -3.57 7.18 -28.07
CA ILE J 438 -4.81 7.28 -27.29
C ILE J 438 -4.86 8.64 -26.59
N PRO J 439 -6.02 9.27 -26.51
CA PRO J 439 -6.13 10.52 -25.75
C PRO J 439 -6.00 10.24 -24.25
N ARG J 440 -5.11 10.99 -23.60
CA ARG J 440 -4.92 10.90 -22.16
C ARG J 440 -5.18 12.26 -21.54
N THR J 441 -5.58 12.25 -20.27
CA THR J 441 -5.85 13.47 -19.53
C THR J 441 -5.01 13.48 -18.24
N ALA J 442 -4.53 14.66 -17.87
CA ALA J 442 -3.70 14.80 -16.68
C ALA J 442 -4.13 16.05 -15.90
N GLN J 443 -4.00 15.98 -14.59
CA GLN J 443 -4.36 17.09 -13.71
C GLN J 443 -3.13 17.58 -12.96
N SER J 444 -3.02 18.88 -12.79
CA SER J 444 -1.94 19.46 -12.00
C SER J 444 -2.44 20.75 -11.35
N GLU J 445 -2.29 20.84 -10.04
CA GLU J 445 -2.66 22.03 -9.29
C GLU J 445 -1.50 23.01 -9.33
N GLU J 446 -1.77 24.24 -9.76
CA GLU J 446 -0.72 25.22 -9.97
C GLU J 446 -0.93 26.48 -9.14
N THR J 447 0.17 27.02 -8.63
CA THR J 447 0.19 28.26 -7.85
C THR J 447 1.27 29.17 -8.43
N ARG J 448 0.87 30.37 -8.87
CA ARG J 448 1.78 31.36 -9.42
C ARG J 448 1.78 32.59 -8.52
N VAL J 449 2.98 33.12 -8.27
CA VAL J 449 3.16 34.30 -7.43
C VAL J 449 3.73 35.41 -8.30
N TRP J 450 2.91 36.41 -8.60
CA TRP J 450 3.26 37.50 -9.50
C TRP J 450 3.62 38.75 -8.69
N HIS J 451 4.60 39.48 -9.18
CA HIS J 451 5.06 40.71 -8.54
C HIS J 451 5.31 41.76 -9.62
N ARG J 452 4.73 42.93 -9.45
CA ARG J 452 4.90 44.02 -10.40
C ARG J 452 6.22 44.73 -10.12
N ARG J 453 7.11 44.72 -11.10
CA ARG J 453 8.42 45.37 -10.99
C ARG J 453 8.61 46.26 -12.20
N ASP J 454 8.80 47.55 -11.95
CA ASP J 454 8.95 48.55 -13.02
C ASP J 454 7.75 48.54 -13.96
N GLY J 455 6.56 48.35 -13.40
CA GLY J 455 5.35 48.36 -14.20
C GLY J 455 5.11 47.12 -15.02
N LYS J 456 5.56 45.96 -14.56
CA LYS J 456 5.36 44.72 -15.29
C LYS J 456 5.31 43.57 -14.31
N TRP J 457 4.29 42.73 -14.45
CA TRP J 457 4.16 41.56 -13.59
C TRP J 457 5.16 40.48 -14.01
N GLN J 458 5.80 39.87 -13.02
CA GLN J 458 6.74 38.78 -13.26
C GLN J 458 6.58 37.72 -12.17
N ILE J 459 6.81 36.46 -12.56
CA ILE J 459 6.72 35.35 -11.62
C ILE J 459 7.97 35.34 -10.74
N VAL J 460 7.76 35.32 -9.43
CA VAL J 460 8.91 35.24 -8.52
C VAL J 460 9.06 33.81 -8.02
N HIS J 461 7.94 33.07 -7.99
CA HIS J 461 7.93 31.71 -7.48
C HIS J 461 6.69 31.01 -7.98
N PHE J 462 6.80 29.70 -8.21
CA PHE J 462 5.64 28.94 -8.62
C PHE J 462 5.73 27.52 -8.07
N HIS J 463 4.56 26.92 -7.86
CA HIS J 463 4.44 25.63 -7.18
C HIS J 463 3.40 24.80 -7.92
N ARG J 464 3.83 23.66 -8.47
CA ARG J 464 2.96 22.76 -9.19
C ARG J 464 3.00 21.38 -8.53
N SER J 465 1.86 20.70 -8.56
CA SER J 465 1.73 19.37 -7.98
C SER J 465 0.94 18.46 -8.91
N GLY J 466 1.33 17.20 -8.96
CA GLY J 466 0.57 16.22 -9.72
C GLY J 466 1.25 15.69 -10.96
N ALA J 467 0.88 16.24 -12.12
CA ALA J 467 1.36 15.73 -13.40
C ALA J 467 2.82 16.07 -13.61
N PRO J 468 3.70 15.08 -13.80
CA PRO J 468 5.12 15.31 -14.07
C PRO J 468 5.43 15.34 -15.56
N VAL K 340 16.97 -56.21 -13.03
CA VAL K 340 16.75 -57.00 -14.23
C VAL K 340 16.04 -56.16 -15.29
N ARG K 341 14.88 -55.62 -14.93
CA ARG K 341 14.04 -54.88 -15.87
C ARG K 341 14.17 -53.37 -15.72
N LYS K 342 15.00 -52.88 -14.80
CA LYS K 342 15.15 -51.44 -14.65
C LYS K 342 15.69 -50.82 -15.93
N GLN K 343 16.74 -51.42 -16.50
CA GLN K 343 17.21 -50.99 -17.81
C GLN K 343 16.12 -51.18 -18.87
N GLU K 344 15.31 -52.23 -18.72
CA GLU K 344 14.22 -52.45 -19.67
C GLU K 344 13.18 -51.35 -19.59
N ILE K 345 12.98 -50.77 -18.40
CA ILE K 345 12.09 -49.61 -18.29
C ILE K 345 12.76 -48.37 -18.87
N ILE K 346 14.05 -48.20 -18.59
CA ILE K 346 14.78 -47.04 -19.13
C ILE K 346 14.77 -47.03 -20.64
N LYS K 347 14.75 -48.21 -21.27
CA LYS K 347 14.73 -48.28 -22.73
C LYS K 347 13.45 -47.66 -23.29
N VAL K 348 12.29 -48.13 -22.82
CA VAL K 348 11.04 -47.60 -23.36
C VAL K 348 10.82 -46.15 -22.91
N THR K 349 11.37 -45.77 -21.77
CA THR K 349 11.33 -44.37 -21.37
C THR K 349 12.10 -43.50 -22.36
N GLU K 350 13.31 -43.94 -22.73
CA GLU K 350 14.11 -43.21 -23.70
C GLU K 350 13.43 -43.16 -25.06
N GLN K 351 12.78 -44.26 -25.46
CA GLN K 351 12.04 -44.26 -26.71
C GLN K 351 10.87 -43.27 -26.65
N LEU K 352 10.25 -43.14 -25.48
CA LEU K 352 9.22 -42.13 -25.29
C LEU K 352 9.78 -40.72 -25.49
N ILE K 353 10.91 -40.43 -24.84
CA ILE K 353 11.54 -39.12 -24.99
C ILE K 353 11.88 -38.85 -26.45
N GLU K 354 12.35 -39.87 -27.16
CA GLU K 354 12.68 -39.68 -28.57
C GLU K 354 11.44 -39.42 -29.40
N ALA K 355 10.32 -40.10 -29.09
CA ALA K 355 9.09 -39.86 -29.82
C ALA K 355 8.59 -38.43 -29.59
N ILE K 356 8.79 -37.91 -28.38
CA ILE K 356 8.40 -36.53 -28.12
C ILE K 356 9.33 -35.55 -28.85
N SER K 357 10.64 -35.83 -28.82
CA SER K 357 11.60 -34.92 -29.42
C SER K 357 11.44 -34.84 -30.93
N ASN K 358 11.19 -35.99 -31.58
CA ASN K 358 11.01 -36.01 -33.02
C ASN K 358 9.61 -35.56 -33.45
N GLY K 359 8.71 -35.33 -32.49
CA GLY K 359 7.34 -35.00 -32.84
C GLY K 359 6.57 -36.15 -33.47
N ASP K 360 7.06 -37.37 -33.33
CA ASP K 360 6.42 -38.55 -33.93
C ASP K 360 5.25 -38.97 -33.05
N PHE K 361 4.04 -38.59 -33.46
CA PHE K 361 2.84 -38.92 -32.69
C PHE K 361 2.42 -40.37 -32.84
N GLU K 362 2.82 -41.03 -33.93
CA GLU K 362 2.46 -42.43 -34.12
C GLU K 362 3.18 -43.33 -33.11
N SER K 363 4.49 -43.14 -32.96
CA SER K 363 5.25 -43.90 -31.98
C SER K 363 4.73 -43.62 -30.57
N TYR K 364 4.36 -42.37 -30.29
CA TYR K 364 3.77 -42.04 -28.99
C TYR K 364 2.45 -42.77 -28.80
N THR K 365 1.66 -42.91 -29.87
CA THR K 365 0.42 -43.65 -29.78
C THR K 365 0.67 -45.13 -29.49
N LYS K 366 1.71 -45.70 -30.10
CA LYS K 366 2.02 -47.11 -29.85
C LYS K 366 2.43 -47.35 -28.40
N MET K 367 3.07 -46.38 -27.75
CA MET K 367 3.58 -46.54 -26.40
C MET K 367 2.61 -46.13 -25.31
N CYS K 368 1.39 -45.71 -25.67
CA CYS K 368 0.42 -45.24 -24.70
C CYS K 368 -0.86 -46.07 -24.80
N ASP K 369 -1.45 -46.36 -23.66
CA ASP K 369 -2.74 -47.04 -23.62
C ASP K 369 -3.82 -46.13 -24.18
N PRO K 370 -4.79 -46.68 -24.94
CA PRO K 370 -5.86 -45.83 -25.48
C PRO K 370 -6.60 -45.03 -24.42
N GLY K 371 -6.72 -45.55 -23.20
CA GLY K 371 -7.38 -44.83 -22.13
C GLY K 371 -6.40 -44.27 -21.12
N MET K 372 -5.38 -43.59 -21.59
CA MET K 372 -4.36 -43.03 -20.72
C MET K 372 -4.85 -41.73 -20.10
N THR K 373 -4.63 -41.56 -18.81
CA THR K 373 -5.00 -40.36 -18.08
C THR K 373 -3.76 -39.55 -17.76
N ALA K 374 -3.94 -38.23 -17.63
CA ALA K 374 -2.80 -37.32 -17.46
C ALA K 374 -3.20 -36.12 -16.61
N PHE K 375 -2.43 -35.88 -15.54
CA PHE K 375 -2.38 -34.61 -14.83
C PHE K 375 -1.16 -33.84 -15.33
N GLU K 376 -1.37 -32.57 -15.68
CA GLU K 376 -0.27 -31.74 -16.15
C GLU K 376 -0.69 -30.28 -16.05
N PRO K 377 0.27 -29.36 -15.94
CA PRO K 377 -0.10 -27.93 -15.86
C PRO K 377 -0.94 -27.44 -17.02
N GLU K 378 -0.73 -28.01 -18.21
CA GLU K 378 -1.56 -27.64 -19.35
C GLU K 378 -3.00 -28.11 -19.22
N ALA K 379 -3.27 -29.04 -18.31
CA ALA K 379 -4.64 -29.49 -18.05
C ALA K 379 -5.38 -28.61 -17.06
N LEU K 380 -4.68 -27.64 -16.45
CA LEU K 380 -5.29 -26.67 -15.55
C LEU K 380 -5.99 -27.35 -14.37
N GLY K 381 -5.32 -28.36 -13.80
CA GLY K 381 -5.85 -29.08 -12.67
C GLY K 381 -6.91 -30.12 -13.00
N ASN K 382 -7.26 -30.28 -14.27
CA ASN K 382 -8.27 -31.24 -14.67
C ASN K 382 -7.63 -32.56 -15.07
N LEU K 383 -8.39 -33.64 -14.86
CA LEU K 383 -7.94 -34.99 -15.23
C LEU K 383 -8.39 -35.25 -16.66
N VAL K 384 -7.45 -35.21 -17.59
CA VAL K 384 -7.74 -35.41 -19.01
C VAL K 384 -7.35 -36.82 -19.40
N GLU K 385 -8.22 -37.49 -20.15
CA GLU K 385 -8.02 -38.87 -20.54
C GLU K 385 -7.67 -38.95 -22.02
N GLY K 386 -6.89 -39.97 -22.36
CA GLY K 386 -6.57 -40.25 -23.75
C GLY K 386 -5.43 -39.39 -24.27
N LEU K 387 -5.02 -39.71 -25.49
CA LEU K 387 -3.98 -38.97 -26.19
C LEU K 387 -4.54 -37.80 -26.98
N ASP K 388 -5.85 -37.57 -26.93
CA ASP K 388 -6.45 -36.47 -27.68
C ASP K 388 -5.93 -35.12 -27.21
N PHE K 389 -5.52 -35.02 -25.94
CA PHE K 389 -5.05 -33.75 -25.42
C PHE K 389 -3.60 -33.48 -25.85
N HIS K 390 -2.75 -34.50 -25.82
CA HIS K 390 -1.36 -34.34 -26.22
C HIS K 390 -1.21 -34.16 -27.72
N ARG K 391 -2.21 -34.57 -28.50
CA ARG K 391 -2.15 -34.44 -29.95
C ARG K 391 -1.83 -33.01 -30.37
N PHE K 392 -2.48 -32.03 -29.74
CA PHE K 392 -2.29 -30.63 -30.09
C PHE K 392 -0.82 -30.22 -30.00
N TYR K 393 -0.04 -30.88 -29.16
CA TYR K 393 1.38 -30.53 -29.03
C TYR K 393 2.25 -31.28 -30.02
N PHE K 394 1.84 -32.47 -30.45
CA PHE K 394 2.60 -33.19 -31.46
C PHE K 394 2.39 -32.65 -32.86
N GLU K 395 1.39 -31.79 -33.06
CA GLU K 395 1.09 -31.22 -34.37
C GLU K 395 1.42 -29.74 -34.44
N ASN K 396 2.05 -29.18 -33.40
CA ASN K 396 2.40 -27.77 -33.42
C ASN K 396 3.76 -27.50 -32.77
N LEU K 397 4.58 -28.51 -32.56
CA LEU K 397 5.89 -28.32 -31.96
C LEU K 397 6.96 -29.09 -32.72
N PRO K 404 15.92 -24.87 -30.03
CA PRO K 404 17.14 -25.30 -29.35
C PRO K 404 16.95 -25.47 -27.85
N VAL K 405 16.85 -26.72 -27.40
CA VAL K 405 16.62 -27.03 -25.99
C VAL K 405 17.58 -28.13 -25.55
N HIS K 406 17.70 -28.28 -24.23
CA HIS K 406 18.50 -29.34 -23.63
C HIS K 406 17.81 -29.85 -22.38
N THR K 407 17.67 -31.16 -22.27
CA THR K 407 16.92 -31.78 -21.17
C THR K 407 17.86 -32.57 -20.28
N THR K 408 17.61 -32.51 -18.97
CA THR K 408 18.42 -33.20 -17.98
C THR K 408 17.48 -33.92 -17.02
N ILE K 409 17.80 -35.18 -16.73
CA ILE K 409 17.00 -36.01 -15.83
C ILE K 409 17.79 -36.19 -14.53
N LEU K 410 17.19 -35.78 -13.41
CA LEU K 410 17.83 -35.82 -12.12
C LEU K 410 17.05 -36.73 -11.18
N ASN K 411 17.78 -37.53 -10.41
CA ASN K 411 17.29 -38.39 -9.34
C ASN K 411 16.19 -39.33 -9.82
N PRO K 412 16.49 -40.23 -10.75
CA PRO K 412 15.47 -41.17 -11.21
C PRO K 412 15.25 -42.27 -10.20
N HIS K 413 13.98 -42.56 -9.93
CA HIS K 413 13.60 -43.65 -9.04
C HIS K 413 12.62 -44.56 -9.76
N ILE K 414 12.90 -45.85 -9.73
CA ILE K 414 12.08 -46.86 -10.41
C ILE K 414 11.49 -47.78 -9.35
N HIS K 415 10.19 -48.02 -9.46
CA HIS K 415 9.45 -48.93 -8.58
C HIS K 415 8.95 -50.10 -9.42
N LEU K 416 9.54 -51.27 -9.20
CA LEU K 416 9.12 -52.49 -9.87
C LEU K 416 8.00 -53.13 -9.05
N MET K 417 6.85 -53.34 -9.67
CA MET K 417 5.66 -53.87 -9.01
C MET K 417 5.26 -55.17 -9.69
N GLY K 418 6.11 -56.18 -9.56
CA GLY K 418 5.83 -57.48 -10.15
C GLY K 418 6.40 -57.65 -11.53
N ASP K 419 5.78 -58.51 -12.34
CA ASP K 419 6.23 -58.81 -13.70
C ASP K 419 5.36 -58.15 -14.76
N GLU K 420 4.56 -57.15 -14.38
CA GLU K 420 3.68 -56.51 -15.34
C GLU K 420 3.37 -55.06 -14.99
N SER K 421 4.05 -54.46 -14.01
CA SER K 421 3.76 -53.09 -13.61
C SER K 421 5.04 -52.44 -13.10
N ALA K 422 5.25 -51.19 -13.51
CA ALA K 422 6.39 -50.41 -13.04
C ALA K 422 5.97 -48.95 -12.94
N CYS K 423 6.77 -48.16 -12.23
CA CYS K 423 6.47 -46.74 -12.06
C CYS K 423 7.76 -45.97 -11.85
N ILE K 424 8.02 -44.99 -12.71
CA ILE K 424 9.27 -44.23 -12.67
C ILE K 424 8.94 -42.78 -12.36
N ALA K 425 9.75 -42.17 -11.49
CA ALA K 425 9.60 -40.77 -11.13
C ALA K 425 10.96 -40.07 -11.21
N TYR K 426 10.97 -38.87 -11.76
CA TYR K 426 12.24 -38.15 -11.90
C TYR K 426 11.97 -36.65 -12.01
N ILE K 427 13.04 -35.87 -11.85
CA ILE K 427 12.99 -34.43 -12.02
C ILE K 427 13.56 -34.09 -13.38
N ARG K 428 12.81 -33.30 -14.17
CA ARG K 428 13.21 -32.92 -15.51
C ARG K 428 13.53 -31.45 -15.55
N ILE K 429 14.77 -31.09 -15.85
CA ILE K 429 15.20 -29.71 -16.01
C ILE K 429 15.43 -29.43 -17.48
N THR K 430 14.77 -28.40 -17.99
CA THR K 430 14.84 -28.04 -19.41
C THR K 430 15.46 -26.66 -19.56
N GLN K 431 16.56 -26.59 -20.30
CA GLN K 431 17.19 -25.33 -20.67
C GLN K 431 16.76 -24.96 -22.09
N TYR K 432 16.32 -23.72 -22.27
CA TYR K 432 15.78 -23.28 -23.56
C TYR K 432 16.10 -21.81 -23.75
N LEU K 433 15.77 -21.31 -24.93
CA LEU K 433 15.92 -19.90 -25.27
C LEU K 433 14.54 -19.29 -25.45
N ASP K 434 14.24 -18.24 -24.69
CA ASP K 434 12.94 -17.59 -24.74
C ASP K 434 12.83 -16.73 -26.02
N ALA K 435 11.66 -16.10 -26.22
CA ALA K 435 11.48 -15.16 -27.32
C ALA K 435 12.49 -14.02 -27.28
N GLY K 436 12.84 -13.53 -26.08
CA GLY K 436 13.96 -12.58 -25.97
C GLY K 436 15.32 -13.14 -26.39
N GLY K 437 15.42 -14.40 -26.81
CA GLY K 437 16.76 -14.99 -27.03
C GLY K 437 17.63 -15.16 -25.79
N ILE K 438 17.00 -15.11 -24.61
CA ILE K 438 17.70 -15.18 -23.32
C ILE K 438 17.63 -16.62 -22.82
N PRO K 439 18.72 -17.15 -22.26
CA PRO K 439 18.66 -18.51 -21.68
C PRO K 439 17.72 -18.54 -20.48
N ARG K 440 16.82 -19.51 -20.50
CA ARG K 440 15.89 -19.75 -19.40
C ARG K 440 15.93 -21.23 -19.06
N THR K 441 15.53 -21.54 -17.83
CA THR K 441 15.50 -22.92 -17.36
C THR K 441 14.20 -23.17 -16.61
N ALA K 442 13.65 -24.37 -16.75
CA ALA K 442 12.38 -24.71 -16.14
C ALA K 442 12.46 -26.11 -15.55
N GLN K 443 11.90 -26.28 -14.35
CA GLN K 443 11.90 -27.55 -13.64
C GLN K 443 10.52 -28.17 -13.66
N SER K 444 10.47 -29.49 -13.79
CA SER K 444 9.24 -30.26 -13.70
C SER K 444 9.51 -31.52 -12.91
N GLU K 445 8.46 -32.05 -12.28
CA GLU K 445 8.52 -33.31 -11.57
C GLU K 445 7.56 -34.27 -12.25
N GLU K 446 8.10 -35.36 -12.79
CA GLU K 446 7.33 -36.24 -13.66
C GLU K 446 7.24 -37.64 -13.06
N THR K 447 6.05 -38.23 -13.22
CA THR K 447 5.76 -39.58 -12.77
C THR K 447 5.07 -40.33 -13.90
N ARG K 448 5.67 -41.43 -14.35
CA ARG K 448 5.13 -42.29 -15.40
C ARG K 448 4.78 -43.65 -14.80
N VAL K 449 3.60 -44.16 -15.17
CA VAL K 449 3.10 -45.44 -14.70
C VAL K 449 3.02 -46.38 -15.89
N TRP K 450 3.85 -47.42 -15.89
CA TRP K 450 3.98 -48.34 -17.01
C TRP K 450 3.30 -49.67 -16.69
N HIS K 451 2.57 -50.20 -17.68
CA HIS K 451 1.91 -51.48 -17.58
C HIS K 451 2.31 -52.35 -18.76
N ARG K 452 2.54 -53.63 -18.49
CA ARG K 452 2.95 -54.58 -19.52
C ARG K 452 1.73 -55.34 -20.02
N ARG K 453 1.50 -55.28 -21.33
CA ARG K 453 0.40 -56.00 -21.96
C ARG K 453 0.88 -56.54 -23.29
N ASP K 454 0.80 -57.86 -23.46
CA ASP K 454 1.24 -58.54 -24.68
C ASP K 454 2.73 -58.29 -24.95
N GLY K 455 3.51 -58.22 -23.88
CA GLY K 455 4.96 -58.08 -24.01
C GLY K 455 5.41 -56.71 -24.46
N LYS K 456 4.74 -55.65 -24.01
CA LYS K 456 5.16 -54.30 -24.31
C LYS K 456 4.75 -53.39 -23.17
N TRP K 457 5.59 -52.40 -22.88
CA TRP K 457 5.31 -51.43 -21.83
C TRP K 457 4.52 -50.26 -22.43
N GLN K 458 3.46 -49.86 -21.72
CA GLN K 458 2.63 -48.74 -22.15
C GLN K 458 2.34 -47.82 -20.98
N ILE K 459 2.24 -46.53 -21.26
CA ILE K 459 1.91 -45.54 -20.26
C ILE K 459 0.41 -45.61 -19.99
N VAL K 460 0.05 -45.91 -18.73
CA VAL K 460 -1.36 -45.94 -18.35
C VAL K 460 -1.75 -44.67 -17.58
N HIS K 461 -0.79 -43.93 -17.06
CA HIS K 461 -1.06 -42.68 -16.35
C HIS K 461 0.20 -41.82 -16.37
N PHE K 462 -0.02 -40.51 -16.43
CA PHE K 462 1.06 -39.54 -16.49
C PHE K 462 0.74 -38.38 -15.57
N HIS K 463 1.74 -37.87 -14.85
CA HIS K 463 1.55 -36.81 -13.87
C HIS K 463 2.76 -35.90 -13.88
N ARG K 464 2.55 -34.62 -14.23
CA ARG K 464 3.62 -33.64 -14.30
C ARG K 464 3.26 -32.42 -13.48
N SER K 465 4.29 -31.79 -12.91
CA SER K 465 4.14 -30.55 -12.17
C SER K 465 5.50 -29.88 -12.04
N GLY K 466 5.55 -28.55 -12.13
CA GLY K 466 4.39 -27.74 -12.38
C GLY K 466 4.64 -26.68 -13.43
N ALA K 467 5.61 -26.94 -14.31
CA ALA K 467 5.95 -26.05 -15.41
C ALA K 467 5.59 -26.69 -16.75
N PRO K 468 5.06 -25.91 -17.70
CA PRO K 468 4.68 -26.42 -19.02
C PRO K 468 5.88 -26.88 -19.84
N VAL L 340 -44.96 6.93 -24.56
CA VAL L 340 -44.79 7.56 -25.87
C VAL L 340 -43.64 8.56 -25.85
N ARG L 341 -43.64 9.49 -24.89
CA ARG L 341 -42.57 10.47 -24.81
C ARG L 341 -41.27 9.89 -24.25
N LYS L 342 -41.20 8.58 -24.06
CA LYS L 342 -39.95 7.96 -23.67
C LYS L 342 -39.08 7.69 -24.88
N GLN L 343 -39.68 7.28 -26.01
CA GLN L 343 -38.93 7.04 -27.22
C GLN L 343 -38.45 8.33 -27.89
N GLU L 344 -38.90 9.49 -27.42
CA GLU L 344 -38.31 10.74 -27.88
C GLU L 344 -37.01 11.03 -27.14
N ILE L 345 -36.99 10.79 -25.83
CA ILE L 345 -35.73 10.81 -25.09
C ILE L 345 -34.78 9.77 -25.65
N ILE L 346 -35.29 8.59 -25.95
CA ILE L 346 -34.48 7.55 -26.57
C ILE L 346 -34.01 7.98 -27.95
N LYS L 347 -34.84 8.74 -28.67
CA LYS L 347 -34.48 9.17 -30.02
C LYS L 347 -33.35 10.18 -30.00
N VAL L 348 -33.49 11.22 -29.18
CA VAL L 348 -32.42 12.23 -29.09
C VAL L 348 -31.18 11.62 -28.45
N THR L 349 -31.35 10.60 -27.61
CA THR L 349 -30.18 9.93 -27.03
C THR L 349 -29.46 9.09 -28.08
N GLU L 350 -30.21 8.44 -28.97
CA GLU L 350 -29.58 7.67 -30.04
C GLU L 350 -28.90 8.58 -31.06
N GLN L 351 -29.52 9.72 -31.36
CA GLN L 351 -28.85 10.71 -32.20
C GLN L 351 -27.61 11.25 -31.52
N LEU L 352 -27.63 11.34 -30.18
CA LEU L 352 -26.45 11.79 -29.44
C LEU L 352 -25.31 10.77 -29.54
N ILE L 353 -25.60 9.51 -29.22
CA ILE L 353 -24.57 8.47 -29.25
C ILE L 353 -24.05 8.28 -30.67
N GLU L 354 -24.93 8.32 -31.66
CA GLU L 354 -24.50 8.20 -33.04
C GLU L 354 -23.64 9.40 -33.45
N ALA L 355 -24.00 10.59 -32.95
CA ALA L 355 -23.18 11.77 -33.22
C ALA L 355 -21.80 11.64 -32.59
N ILE L 356 -21.70 10.95 -31.45
CA ILE L 356 -20.41 10.72 -30.82
C ILE L 356 -19.59 9.70 -31.61
N SER L 357 -20.25 8.63 -32.07
CA SER L 357 -19.52 7.58 -32.79
C SER L 357 -19.03 8.06 -34.15
N ASN L 358 -19.78 8.94 -34.81
CA ASN L 358 -19.36 9.48 -36.09
C ASN L 358 -18.40 10.65 -35.94
N GLY L 359 -18.11 11.08 -34.72
CA GLY L 359 -17.26 12.24 -34.51
C GLY L 359 -17.84 13.53 -35.04
N ASP L 360 -19.16 13.68 -35.00
CA ASP L 360 -19.83 14.86 -35.54
C ASP L 360 -19.99 15.87 -34.41
N PHE L 361 -18.99 16.73 -34.25
CA PHE L 361 -19.06 17.80 -33.26
C PHE L 361 -20.17 18.79 -33.58
N GLU L 362 -20.48 18.96 -34.87
CA GLU L 362 -21.49 19.92 -35.29
C GLU L 362 -22.86 19.59 -34.71
N SER L 363 -23.28 18.33 -34.81
CA SER L 363 -24.57 17.93 -34.26
C SER L 363 -24.54 17.91 -32.73
N TYR L 364 -23.45 17.38 -32.16
CA TYR L 364 -23.31 17.32 -30.71
C TYR L 364 -23.51 18.69 -30.07
N THR L 365 -22.88 19.72 -30.64
CA THR L 365 -23.07 21.07 -30.13
C THR L 365 -24.54 21.47 -30.14
N LYS L 366 -25.26 21.09 -31.18
CA LYS L 366 -26.69 21.40 -31.25
C LYS L 366 -27.46 20.67 -30.15
N MET L 367 -27.06 19.43 -29.84
CA MET L 367 -27.77 18.65 -28.84
C MET L 367 -27.41 19.06 -27.42
N CYS L 368 -26.34 19.81 -27.21
CA CYS L 368 -25.93 20.21 -25.87
C CYS L 368 -26.18 21.69 -25.64
N ASP L 369 -26.66 22.03 -24.45
CA ASP L 369 -26.70 23.42 -24.02
C ASP L 369 -25.28 23.96 -23.94
N PRO L 370 -25.08 25.24 -24.28
CA PRO L 370 -23.73 25.81 -24.17
C PRO L 370 -23.12 25.70 -22.78
N GLY L 371 -23.93 25.79 -21.73
CA GLY L 371 -23.44 25.70 -20.37
C GLY L 371 -23.69 24.35 -19.73
N MET L 372 -23.47 23.29 -20.50
CA MET L 372 -23.66 21.94 -20.03
C MET L 372 -22.54 21.52 -19.10
N THR L 373 -22.90 20.90 -17.98
CA THR L 373 -21.91 20.41 -17.02
C THR L 373 -21.79 18.89 -17.11
N ALA L 374 -20.63 18.39 -16.74
CA ALA L 374 -20.31 16.99 -16.96
C ALA L 374 -19.38 16.45 -15.87
N PHE L 375 -19.71 15.25 -15.39
CA PHE L 375 -18.80 14.43 -14.60
C PHE L 375 -18.44 13.20 -15.43
N GLU L 376 -17.16 12.89 -15.51
CA GLU L 376 -16.72 11.75 -16.31
C GLU L 376 -15.29 11.41 -15.91
N PRO L 377 -14.85 10.16 -16.14
CA PRO L 377 -13.46 9.81 -15.81
C PRO L 377 -12.44 10.67 -16.51
N GLU L 378 -12.72 11.09 -17.74
CA GLU L 378 -11.78 11.95 -18.46
C GLU L 378 -11.60 13.29 -17.77
N ALA L 379 -12.55 13.70 -16.93
CA ALA L 379 -12.44 14.95 -16.19
C ALA L 379 -11.66 14.80 -14.90
N LEU L 380 -11.27 13.59 -14.52
CA LEU L 380 -10.44 13.33 -13.34
C LEU L 380 -11.09 13.89 -12.07
N GLY L 381 -12.38 13.61 -11.90
CA GLY L 381 -13.11 14.02 -10.73
C GLY L 381 -13.55 15.47 -10.70
N ASN L 382 -13.13 16.27 -11.67
CA ASN L 382 -13.53 17.67 -11.70
C ASN L 382 -14.81 17.84 -12.52
N LEU L 383 -15.53 18.92 -12.25
CA LEU L 383 -16.73 19.27 -12.99
C LEU L 383 -16.34 20.18 -14.14
N VAL L 384 -16.59 19.75 -15.37
CA VAL L 384 -16.25 20.51 -16.56
C VAL L 384 -17.54 21.08 -17.14
N GLU L 385 -17.51 22.36 -17.50
CA GLU L 385 -18.66 23.06 -18.04
C GLU L 385 -18.42 23.42 -19.49
N GLY L 386 -19.47 23.37 -20.30
CA GLY L 386 -19.36 23.66 -21.70
C GLY L 386 -18.97 22.44 -22.52
N LEU L 387 -18.61 22.70 -23.77
CA LEU L 387 -18.22 21.65 -24.70
C LEU L 387 -16.77 21.76 -25.15
N ASP L 388 -16.04 22.79 -24.71
CA ASP L 388 -14.62 22.89 -25.05
C ASP L 388 -13.84 21.68 -24.54
N PHE L 389 -14.29 21.07 -23.45
CA PHE L 389 -13.59 19.90 -22.92
C PHE L 389 -13.89 18.66 -23.76
N HIS L 390 -15.12 18.55 -24.29
CA HIS L 390 -15.49 17.40 -25.09
C HIS L 390 -15.04 17.50 -26.53
N ARG L 391 -14.61 18.68 -26.97
CA ARG L 391 -14.14 18.84 -28.34
C ARG L 391 -12.95 17.95 -28.64
N PHE L 392 -11.99 17.90 -27.71
CA PHE L 392 -10.75 17.15 -27.92
C PHE L 392 -11.00 15.69 -28.26
N TYR L 393 -12.10 15.12 -27.75
CA TYR L 393 -12.41 13.71 -27.94
C TYR L 393 -13.20 13.45 -29.21
N PHE L 394 -13.32 14.43 -30.09
CA PHE L 394 -13.96 14.22 -31.39
C PHE L 394 -12.95 14.11 -32.53
N GLU L 395 -11.75 14.66 -32.38
CA GLU L 395 -10.73 14.50 -33.39
C GLU L 395 -10.23 13.07 -33.48
N ASN L 396 -10.39 12.29 -32.41
CA ASN L 396 -9.93 10.91 -32.39
C ASN L 396 -11.00 9.97 -31.86
N LYS L 403 -10.76 -0.32 -35.19
CA LYS L 403 -11.68 0.69 -35.71
C LYS L 403 -13.17 0.35 -35.49
N PRO L 404 -13.60 -0.90 -35.76
CA PRO L 404 -15.01 -1.24 -35.52
C PRO L 404 -15.27 -1.47 -34.03
N VAL L 405 -16.31 -0.80 -33.52
CA VAL L 405 -16.75 -0.96 -32.14
C VAL L 405 -18.24 -1.29 -32.15
N HIS L 406 -18.69 -1.87 -31.05
CA HIS L 406 -20.09 -2.26 -30.90
C HIS L 406 -20.59 -1.81 -29.53
N THR L 407 -21.68 -1.05 -29.52
CA THR L 407 -22.24 -0.49 -28.30
C THR L 407 -23.57 -1.17 -27.97
N THR L 408 -23.74 -1.53 -26.71
CA THR L 408 -24.96 -2.19 -26.23
C THR L 408 -25.44 -1.45 -24.98
N ILE L 409 -26.69 -1.00 -25.01
CA ILE L 409 -27.28 -0.28 -23.90
C ILE L 409 -28.17 -1.22 -23.10
N LEU L 410 -27.93 -1.29 -21.80
CA LEU L 410 -28.58 -2.23 -20.90
C LEU L 410 -29.37 -1.49 -19.83
N ASN L 411 -30.56 -2.01 -19.57
CA ASN L 411 -31.45 -1.54 -18.51
C ASN L 411 -31.68 -0.02 -18.52
N PRO L 412 -32.16 0.54 -19.62
CA PRO L 412 -32.42 1.98 -19.65
C PRO L 412 -33.64 2.31 -18.79
N HIS L 413 -33.47 3.28 -17.90
CA HIS L 413 -34.53 3.78 -17.04
C HIS L 413 -34.72 5.26 -17.32
N ILE L 414 -35.98 5.68 -17.53
CA ILE L 414 -36.31 7.05 -17.88
C ILE L 414 -37.19 7.64 -16.80
N HIS L 415 -36.80 8.79 -16.27
CA HIS L 415 -37.60 9.56 -15.33
C HIS L 415 -38.15 10.78 -16.04
N LEU L 416 -39.46 10.87 -16.13
CA LEU L 416 -40.13 12.01 -16.74
C LEU L 416 -40.51 13.00 -15.65
N MET L 417 -40.12 14.27 -15.83
CA MET L 417 -40.35 15.33 -14.86
C MET L 417 -41.09 16.47 -15.56
N GLY L 418 -42.41 16.33 -15.68
CA GLY L 418 -43.21 17.34 -16.35
C GLY L 418 -43.31 17.11 -17.84
N ASP L 419 -43.26 18.19 -18.61
CA ASP L 419 -43.37 18.10 -20.06
C ASP L 419 -42.22 18.82 -20.77
N GLU L 420 -41.22 19.31 -20.03
CA GLU L 420 -40.09 19.98 -20.64
C GLU L 420 -38.76 19.55 -20.04
N SER L 421 -38.72 18.43 -19.32
CA SER L 421 -37.50 17.97 -18.67
C SER L 421 -37.61 16.48 -18.41
N ALA L 422 -36.51 15.76 -18.64
CA ALA L 422 -36.46 14.33 -18.39
C ALA L 422 -35.03 13.94 -18.03
N CYS L 423 -34.86 12.69 -17.63
CA CYS L 423 -33.53 12.20 -17.26
C CYS L 423 -33.47 10.70 -17.49
N ILE L 424 -32.50 10.25 -18.29
CA ILE L 424 -32.37 8.85 -18.66
C ILE L 424 -31.04 8.32 -18.13
N ALA L 425 -31.08 7.16 -17.47
CA ALA L 425 -29.89 6.51 -16.95
C ALA L 425 -29.81 5.10 -17.51
N TYR L 426 -28.59 4.67 -17.87
CA TYR L 426 -28.43 3.39 -18.52
C TYR L 426 -27.00 2.88 -18.34
N ILE L 427 -26.82 1.60 -18.65
CA ILE L 427 -25.48 0.99 -18.65
C ILE L 427 -25.03 0.82 -20.09
N ARG L 428 -23.82 1.28 -20.40
CA ARG L 428 -23.29 1.22 -21.75
C ARG L 428 -22.11 0.26 -21.79
N ILE L 429 -22.26 -0.83 -22.53
CA ILE L 429 -21.19 -1.80 -22.78
C ILE L 429 -20.61 -1.51 -24.15
N THR L 430 -19.29 -1.56 -24.26
CA THR L 430 -18.60 -1.28 -25.53
C THR L 430 -17.57 -2.37 -25.81
N GLN L 431 -17.75 -3.05 -26.94
CA GLN L 431 -16.78 -4.02 -27.43
C GLN L 431 -15.93 -3.37 -28.50
N TYR L 432 -14.62 -3.54 -28.40
CA TYR L 432 -13.67 -2.89 -29.30
C TYR L 432 -12.47 -3.81 -29.49
N LEU L 433 -11.41 -3.26 -30.09
CA LEU L 433 -10.16 -3.98 -30.33
C LEU L 433 -9.00 -3.11 -29.90
N ASP L 434 -8.02 -3.70 -29.24
CA ASP L 434 -6.86 -2.98 -28.72
C ASP L 434 -5.66 -3.30 -29.61
N ALA L 435 -5.13 -2.27 -30.29
CA ALA L 435 -3.93 -2.31 -31.12
C ALA L 435 -3.47 -3.69 -31.57
N GLY L 436 -3.13 -4.56 -30.62
CA GLY L 436 -2.85 -5.96 -30.92
C GLY L 436 -4.05 -6.69 -31.51
N GLY L 437 -5.25 -6.12 -31.41
CA GLY L 437 -6.43 -6.68 -32.05
C GLY L 437 -7.23 -7.66 -31.24
N ILE L 438 -6.96 -7.81 -29.96
CA ILE L 438 -7.75 -8.71 -29.11
C ILE L 438 -9.08 -8.04 -28.79
N PRO L 439 -10.21 -8.75 -28.85
CA PRO L 439 -11.49 -8.12 -28.50
C PRO L 439 -11.54 -7.77 -27.01
N ARG L 440 -12.00 -6.56 -26.73
CA ARG L 440 -12.14 -6.10 -25.36
C ARG L 440 -13.55 -5.57 -25.15
N THR L 441 -13.92 -5.43 -23.88
CA THR L 441 -15.24 -4.95 -23.50
C THR L 441 -15.11 -4.06 -22.28
N ALA L 442 -15.85 -2.95 -22.27
CA ALA L 442 -15.80 -1.97 -21.18
C ALA L 442 -17.22 -1.61 -20.77
N GLN L 443 -17.39 -1.35 -19.47
CA GLN L 443 -18.68 -1.00 -18.90
C GLN L 443 -18.67 0.45 -18.44
N SER L 444 -19.80 1.13 -18.63
CA SER L 444 -19.95 2.51 -18.21
C SER L 444 -21.36 2.69 -17.65
N GLU L 445 -21.47 3.60 -16.69
CA GLU L 445 -22.76 3.94 -16.08
C GLU L 445 -23.05 5.40 -16.42
N GLU L 446 -24.03 5.63 -17.29
CA GLU L 446 -24.26 6.96 -17.83
C GLU L 446 -25.62 7.50 -17.40
N THR L 447 -25.65 8.80 -17.11
CA THR L 447 -26.85 9.53 -16.75
C THR L 447 -26.91 10.81 -17.58
N ARG L 448 -27.96 10.95 -18.39
CA ARG L 448 -28.19 12.12 -19.21
C ARG L 448 -29.39 12.89 -18.68
N VAL L 449 -29.27 14.22 -18.64
CA VAL L 449 -30.34 15.10 -18.14
C VAL L 449 -30.78 15.99 -19.29
N TRP L 450 -31.97 15.72 -19.81
CA TRP L 450 -32.53 16.42 -20.96
C TRP L 450 -33.50 17.51 -20.50
N HIS L 451 -33.53 18.61 -21.27
CA HIS L 451 -34.42 19.72 -21.00
C HIS L 451 -34.84 20.33 -22.34
N ARG L 452 -36.12 20.65 -22.45
CA ARG L 452 -36.69 21.20 -23.70
C ARG L 452 -36.72 22.71 -23.60
N ARG L 453 -35.85 23.38 -24.37
CA ARG L 453 -35.84 24.83 -24.47
C ARG L 453 -35.90 25.20 -25.95
N ASP L 454 -36.75 26.19 -26.27
CA ASP L 454 -36.98 26.62 -27.65
C ASP L 454 -37.44 25.46 -28.53
N GLY L 455 -38.18 24.53 -27.95
CA GLY L 455 -38.70 23.38 -28.68
C GLY L 455 -37.63 22.42 -29.16
N LYS L 456 -36.73 22.02 -28.25
CA LYS L 456 -35.68 21.09 -28.60
C LYS L 456 -35.07 20.52 -27.32
N TRP L 457 -34.96 19.19 -27.27
CA TRP L 457 -34.31 18.54 -26.14
C TRP L 457 -32.81 18.79 -26.18
N GLN L 458 -32.22 19.06 -25.02
CA GLN L 458 -30.80 19.33 -24.92
C GLN L 458 -30.27 18.81 -23.59
N ILE L 459 -29.01 18.36 -23.62
CA ILE L 459 -28.34 17.90 -22.41
C ILE L 459 -27.89 19.11 -21.61
N VAL L 460 -28.26 19.15 -20.33
CA VAL L 460 -27.83 20.26 -19.49
C VAL L 460 -26.67 19.81 -18.60
N HIS L 461 -26.62 18.51 -18.33
CA HIS L 461 -25.60 17.92 -17.46
C HIS L 461 -25.61 16.42 -17.65
N PHE L 462 -24.43 15.80 -17.66
CA PHE L 462 -24.36 14.36 -17.77
C PHE L 462 -23.24 13.82 -16.90
N HIS L 463 -23.46 12.59 -16.41
CA HIS L 463 -22.62 11.96 -15.39
C HIS L 463 -22.29 10.55 -15.85
N ARG L 464 -21.00 10.22 -15.84
CA ARG L 464 -20.50 8.94 -16.34
C ARG L 464 -19.55 8.31 -15.32
N SER L 465 -19.62 6.98 -15.22
CA SER L 465 -18.75 6.22 -14.33
C SER L 465 -18.14 5.06 -15.10
N GLY L 466 -16.93 4.67 -14.71
CA GLY L 466 -16.27 3.53 -15.32
C GLY L 466 -15.14 3.90 -16.25
N ALA L 467 -15.30 3.56 -17.54
CA ALA L 467 -14.27 3.81 -18.53
C ALA L 467 -14.26 5.27 -18.94
N THR M 2 -30.19 46.28 17.63
CA THR M 2 -31.34 47.13 17.34
C THR M 2 -31.76 47.80 18.62
N ARG M 3 -32.03 46.99 19.63
CA ARG M 3 -32.54 47.52 20.86
C ARG M 3 -31.44 48.10 21.80
N PHE M 4 -30.23 47.54 21.70
CA PHE M 4 -29.10 47.99 22.50
C PHE M 4 -28.59 49.33 22.02
N THR M 5 -29.05 49.72 20.84
CA THR M 5 -28.69 51.01 20.29
C THR M 5 -29.38 52.11 21.06
N GLU M 6 -30.65 51.90 21.37
CA GLU M 6 -31.48 52.92 22.01
C GLU M 6 -31.29 53.06 23.53
N GLU M 7 -31.33 51.93 24.23
CA GLU M 7 -31.37 51.93 25.68
C GLU M 7 -30.01 52.24 26.33
N TYR M 8 -28.94 51.84 25.67
CA TYR M 8 -27.62 51.83 26.29
C TYR M 8 -26.65 52.87 25.76
N GLN M 9 -25.76 53.36 26.63
CA GLN M 9 -24.63 54.16 26.16
C GLN M 9 -23.30 53.45 26.40
N LEU M 10 -22.39 53.62 25.44
CA LEU M 10 -21.12 52.91 25.41
C LEU M 10 -19.92 53.77 25.86
N PHE M 11 -18.98 53.12 26.53
CA PHE M 11 -17.81 53.76 27.10
C PHE M 11 -16.60 52.85 26.88
N GLU M 12 -15.54 53.10 27.64
CA GLU M 12 -14.23 52.46 27.44
C GLU M 12 -14.25 50.95 27.32
N GLU M 13 -13.29 50.43 26.55
CA GLU M 13 -13.03 49.00 26.48
C GLU M 13 -12.50 48.44 27.80
N LEU M 14 -12.93 47.22 28.11
CA LEU M 14 -12.42 46.44 29.23
C LEU M 14 -11.36 45.43 28.74
N GLY M 15 -11.73 44.61 27.76
CA GLY M 15 -10.82 43.61 27.20
C GLY M 15 -11.06 43.35 25.72
N LYS M 16 -10.33 42.39 25.15
CA LYS M 16 -10.45 42.10 23.72
C LYS M 16 -10.24 40.62 23.35
N GLY M 17 -10.82 40.22 22.23
CA GLY M 17 -10.68 38.85 21.72
C GLY M 17 -11.36 38.61 20.39
N SER M 20 -14.00 40.21 18.69
CA SER M 20 -14.93 40.78 19.66
C SER M 20 -14.22 41.71 20.65
N VAL M 21 -15.00 42.55 21.32
CA VAL M 21 -14.48 43.46 22.34
C VAL M 21 -15.44 43.67 23.52
N VAL M 22 -14.90 43.62 24.74
CA VAL M 22 -15.66 43.95 25.94
C VAL M 22 -15.63 45.45 26.11
N ARG M 23 -16.76 46.03 26.50
CA ARG M 23 -16.80 47.47 26.79
C ARG M 23 -17.80 47.78 27.89
N ARG M 24 -17.46 48.75 28.73
CA ARG M 24 -18.40 49.22 29.74
C ARG M 24 -19.50 50.03 29.09
N CYS M 25 -20.71 49.86 29.59
CA CYS M 25 -21.81 50.71 29.18
C CYS M 25 -22.67 50.98 30.40
N VAL M 26 -23.71 51.79 30.20
CA VAL M 26 -24.69 52.02 31.25
C VAL M 26 -26.07 52.10 30.59
N LYS M 27 -27.04 51.44 31.19
CA LYS M 27 -28.41 51.53 30.71
C LYS M 27 -28.95 52.92 31.03
N VAL M 28 -29.52 53.59 30.03
CA VAL M 28 -30.05 54.93 30.23
C VAL M 28 -31.36 54.88 31.02
N LEU M 29 -32.21 53.94 30.63
CA LEU M 29 -33.60 53.93 31.09
C LEU M 29 -33.74 53.66 32.60
N ALA M 30 -33.15 52.57 33.09
CA ALA M 30 -32.93 52.44 34.53
C ALA M 30 -31.42 52.47 34.69
N GLY M 31 -30.91 53.59 35.20
CA GLY M 31 -29.48 53.84 35.10
C GLY M 31 -28.70 52.81 35.89
N GLN M 32 -27.93 52.01 35.17
CA GLN M 32 -27.03 51.06 35.80
C GLN M 32 -25.92 50.68 34.85
N GLU M 33 -24.75 50.41 35.39
CA GLU M 33 -23.62 49.97 34.57
C GLU M 33 -23.71 48.48 34.25
N TYR M 34 -23.16 48.09 33.09
CA TYR M 34 -22.95 46.68 32.77
C TYR M 34 -21.67 46.55 31.93
N ALA M 35 -21.35 45.34 31.49
CA ALA M 35 -20.25 45.13 30.55
C ALA M 35 -20.75 44.37 29.32
N ALA M 36 -20.49 44.92 28.14
CA ALA M 36 -21.06 44.40 26.91
C ALA M 36 -20.05 43.69 26.02
N MET M 37 -20.32 42.42 25.72
CA MET M 37 -19.52 41.69 24.75
C MET M 37 -19.98 42.12 23.37
N ILE M 38 -19.06 42.67 22.59
CA ILE M 38 -19.42 43.03 21.23
C ILE M 38 -18.87 41.97 20.32
N ILE M 39 -19.77 41.14 19.85
CA ILE M 39 -19.37 40.02 19.03
C ILE M 39 -19.69 40.40 17.61
N ASN M 40 -18.65 40.67 16.84
CA ASN M 40 -18.85 41.14 15.48
C ASN M 40 -19.60 40.09 14.69
N THR M 41 -20.38 40.52 13.71
CA THR M 41 -21.14 39.54 12.94
C THR M 41 -20.25 38.55 12.21
N LYS M 42 -18.95 38.77 12.23
CA LYS M 42 -18.03 37.81 11.64
C LYS M 42 -17.47 36.96 12.76
N LYS M 43 -17.90 35.70 12.87
CA LYS M 43 -17.40 34.89 13.98
C LYS M 43 -16.62 33.67 13.53
N LEU M 44 -17.26 32.52 13.34
CA LEU M 44 -16.84 31.56 12.33
C LEU M 44 -18.18 31.01 11.89
N SER M 45 -18.75 31.52 10.79
CA SER M 45 -19.99 30.91 10.30
C SER M 45 -20.69 30.20 11.47
N ALA M 46 -20.86 28.89 11.31
CA ALA M 46 -21.55 28.06 12.32
C ALA M 46 -20.86 27.71 13.66
N ARG M 47 -19.65 27.15 13.67
CA ARG M 47 -19.06 26.71 14.94
C ARG M 47 -19.10 27.77 16.01
N ASP M 48 -19.03 29.02 15.56
CA ASP M 48 -19.11 30.15 16.46
C ASP M 48 -20.52 30.42 16.94
N HIS M 49 -21.46 30.55 16.01
CA HIS M 49 -22.82 30.88 16.39
C HIS M 49 -23.33 29.87 17.42
N GLN M 50 -22.89 28.63 17.27
CA GLN M 50 -23.29 27.58 18.20
C GLN M 50 -22.81 27.90 19.61
N LYS M 51 -21.57 28.36 19.73
CA LYS M 51 -20.96 28.70 21.02
C LYS M 51 -21.51 30.01 21.61
N LEU M 52 -22.04 30.86 20.75
CA LEU M 52 -22.74 32.06 21.15
C LEU M 52 -23.91 31.68 22.04
N GLU M 53 -24.89 31.01 21.43
CA GLU M 53 -26.13 30.63 22.09
C GLU M 53 -25.87 29.72 23.28
N ARG M 54 -24.82 28.92 23.20
CA ARG M 54 -24.47 28.10 24.33
C ARG M 54 -24.00 28.98 25.48
N GLU M 55 -23.05 29.87 25.21
CA GLU M 55 -22.54 30.73 26.26
C GLU M 55 -23.67 31.57 26.86
N ALA M 56 -24.52 32.13 26.00
CA ALA M 56 -25.62 32.99 26.43
C ALA M 56 -26.68 32.25 27.25
N ARG M 57 -26.92 31.00 26.89
CA ARG M 57 -27.87 30.14 27.57
C ARG M 57 -27.33 29.78 28.96
N ILE M 58 -26.12 29.26 28.98
CA ILE M 58 -25.45 28.87 30.22
C ILE M 58 -25.48 30.02 31.23
N CYS M 59 -25.20 31.23 30.76
CA CYS M 59 -25.12 32.40 31.62
C CYS M 59 -26.48 32.94 32.04
N ARG M 60 -27.51 32.57 31.30
CA ARG M 60 -28.87 32.91 31.68
C ARG M 60 -29.25 31.99 32.82
N LEU M 61 -28.70 30.78 32.77
CA LEU M 61 -28.91 29.78 33.79
C LEU M 61 -28.03 29.96 35.01
N LEU M 62 -26.83 30.47 34.82
CA LEU M 62 -25.94 30.52 35.97
C LEU M 62 -26.16 31.82 36.68
N LYS M 63 -26.84 31.75 37.81
CA LYS M 63 -26.92 32.92 38.67
C LYS M 63 -26.40 32.51 40.05
N HIS M 64 -25.17 32.92 40.31
CA HIS M 64 -24.48 32.65 41.56
C HIS M 64 -23.97 34.00 41.97
N PRO M 65 -23.87 34.23 43.29
CA PRO M 65 -23.33 35.48 43.80
C PRO M 65 -21.87 35.67 43.40
N ASN M 66 -21.17 34.55 43.18
CA ASN M 66 -19.77 34.56 42.76
C ASN M 66 -19.57 34.46 41.24
N ILE M 67 -20.67 34.45 40.47
CA ILE M 67 -20.56 34.43 39.01
C ILE M 67 -21.34 35.56 38.34
N VAL M 68 -20.66 36.24 37.42
CA VAL M 68 -21.28 37.32 36.68
C VAL M 68 -22.57 36.80 36.06
N ARG M 69 -23.66 37.54 36.27
CA ARG M 69 -24.93 37.13 35.70
C ARG M 69 -25.29 38.00 34.53
N LEU M 70 -25.88 37.38 33.52
CA LEU M 70 -26.21 38.09 32.31
C LEU M 70 -27.52 38.87 32.53
N HIS M 71 -27.93 39.68 31.57
CA HIS M 71 -29.16 40.47 31.71
C HIS M 71 -30.02 40.28 30.46
N ASP M 72 -29.53 40.71 29.31
CA ASP M 72 -30.10 40.25 28.04
C ASP M 72 -29.03 40.02 26.96
N SER M 73 -29.45 39.47 25.83
CA SER M 73 -28.56 39.35 24.67
C SER M 73 -29.24 39.88 23.41
N ILE M 74 -28.73 41.01 22.92
CA ILE M 74 -29.42 41.71 21.85
C ILE M 74 -28.76 41.52 20.50
N SER M 75 -29.56 41.27 19.47
CA SER M 75 -28.99 41.14 18.15
C SER M 75 -29.27 42.36 17.26
N GLU M 76 -28.18 43.03 16.87
CA GLU M 76 -28.26 44.17 15.96
C GLU M 76 -27.84 43.76 14.56
N GLU M 77 -27.84 44.72 13.65
CA GLU M 77 -27.52 44.44 12.25
C GLU M 77 -26.15 43.80 12.03
N GLY M 78 -25.09 44.58 12.25
CA GLY M 78 -23.75 44.12 11.97
C GLY M 78 -23.04 43.67 13.21
N HIS M 79 -23.79 43.52 14.29
CA HIS M 79 -23.20 43.12 15.56
C HIS M 79 -24.16 42.36 16.42
N HIS M 80 -23.61 41.64 17.39
CA HIS M 80 -24.41 41.10 18.47
C HIS M 80 -23.84 41.55 19.82
N TYR M 81 -24.72 41.72 20.80
CA TYR M 81 -24.32 42.20 22.12
C TYR M 81 -24.76 41.24 23.21
N LEU M 82 -23.85 40.94 24.14
CA LEU M 82 -24.18 40.13 25.30
C LEU M 82 -23.89 40.91 26.56
N ILE M 83 -24.93 41.22 27.33
CA ILE M 83 -24.69 42.03 28.52
C ILE M 83 -24.87 41.24 29.80
N PHE M 84 -23.73 40.90 30.38
CA PHE M 84 -23.66 40.24 31.66
C PHE M 84 -23.32 41.35 32.64
N ASP M 85 -22.97 40.94 33.85
CA ASP M 85 -22.60 41.87 34.92
C ASP M 85 -21.20 42.51 34.75
N LEU M 86 -21.11 43.81 35.03
CA LEU M 86 -19.87 44.58 34.93
C LEU M 86 -18.91 44.43 36.11
N VAL M 87 -17.62 44.69 35.91
CA VAL M 87 -16.67 44.81 37.02
C VAL M 87 -15.47 45.69 36.70
N THR M 88 -14.92 46.37 37.72
CA THR M 88 -13.51 46.75 37.62
C THR M 88 -12.73 46.28 38.86
N GLY M 89 -12.15 45.07 38.76
CA GLY M 89 -11.33 44.51 39.82
C GLY M 89 -9.86 44.16 39.58
N GLY M 90 -9.41 44.21 38.34
CA GLY M 90 -8.13 43.61 37.99
C GLY M 90 -8.24 42.09 38.10
N GLU M 91 -7.19 41.38 37.69
CA GLU M 91 -7.14 39.93 37.83
C GLU M 91 -6.81 39.56 39.27
N LEU M 92 -7.16 38.34 39.67
CA LEU M 92 -6.86 37.89 41.03
C LEU M 92 -5.37 37.60 41.26
N PHE M 93 -4.79 36.77 40.39
CA PHE M 93 -3.36 36.45 40.48
C PHE M 93 -2.54 37.73 40.38
N GLU M 94 -3.18 38.80 39.90
CA GLU M 94 -2.55 40.10 39.90
C GLU M 94 -2.73 40.86 41.23
N ASP M 95 -3.90 40.74 41.83
CA ASP M 95 -4.15 41.43 43.10
C ASP M 95 -3.33 40.81 44.23
N ILE M 96 -3.31 39.49 44.27
CA ILE M 96 -2.61 38.74 45.29
C ILE M 96 -1.16 39.17 45.43
N VAL M 97 -0.45 39.33 44.32
CA VAL M 97 0.95 39.77 44.40
C VAL M 97 1.05 41.14 45.07
N ALA M 98 0.04 41.99 44.86
CA ALA M 98 0.02 43.32 45.44
C ALA M 98 -0.22 43.26 46.95
N ARG M 99 -0.70 42.11 47.42
CA ARG M 99 -0.97 41.94 48.84
C ARG M 99 0.31 41.99 49.62
N GLU M 100 0.27 42.63 50.78
CA GLU M 100 1.41 42.58 51.68
C GLU M 100 1.33 41.43 52.70
N TYR M 101 0.17 40.79 52.89
CA TYR M 101 0.16 39.57 53.70
C TYR M 101 -0.59 38.43 53.01
N TYR M 102 0.19 37.46 52.52
CA TYR M 102 -0.38 36.29 51.84
C TYR M 102 -0.05 35.02 52.60
N SER M 103 -1.08 34.26 52.92
CA SER M 103 -0.92 33.15 53.83
C SER M 103 -1.75 31.98 53.36
N GLU M 104 -1.62 30.86 54.04
CA GLU M 104 -2.45 29.72 53.70
C GLU M 104 -3.90 30.14 53.85
N ALA M 105 -4.14 31.12 54.72
CA ALA M 105 -5.50 31.51 55.07
C ALA M 105 -6.16 32.44 54.05
N ASP M 106 -5.35 33.12 53.26
CA ASP M 106 -5.87 33.91 52.16
C ASP M 106 -6.14 33.00 50.97
N ALA M 107 -5.32 31.98 50.82
CA ALA M 107 -5.48 31.03 49.73
C ALA M 107 -6.70 30.15 49.94
N SER M 108 -7.02 29.84 51.20
CA SER M 108 -8.19 29.03 51.52
C SER M 108 -9.45 29.86 51.34
N HIS M 109 -9.30 31.16 51.48
CA HIS M 109 -10.41 32.07 51.30
C HIS M 109 -10.75 32.17 49.83
N CYS M 110 -9.77 31.92 48.98
CA CYS M 110 -9.96 31.95 47.53
C CYS M 110 -10.60 30.66 47.04
N ILE M 111 -9.92 29.53 47.24
CA ILE M 111 -10.41 28.24 46.78
C ILE M 111 -11.82 27.94 47.29
N GLN M 112 -12.19 28.58 48.41
CA GLN M 112 -13.55 28.40 48.93
C GLN M 112 -14.57 29.06 48.00
N GLN M 113 -14.39 30.34 47.68
CA GLN M 113 -15.32 31.07 46.80
C GLN M 113 -15.34 30.40 45.44
N ILE M 114 -14.16 30.01 44.99
CA ILE M 114 -14.01 29.29 43.74
C ILE M 114 -14.91 28.06 43.75
N LEU M 115 -14.65 27.16 44.67
CA LEU M 115 -15.43 25.93 44.77
C LEU M 115 -16.91 26.24 44.92
N GLU M 116 -17.23 27.47 45.33
CA GLU M 116 -18.62 27.88 45.53
C GLU M 116 -19.33 28.12 44.19
N ALA M 117 -18.64 28.77 43.27
CA ALA M 117 -19.19 29.01 41.95
C ALA M 117 -19.30 27.68 41.21
N VAL M 118 -18.24 26.87 41.34
CA VAL M 118 -18.18 25.58 40.68
C VAL M 118 -19.31 24.66 41.11
N LEU M 119 -19.46 24.48 42.41
CA LEU M 119 -20.48 23.59 42.95
C LEU M 119 -21.86 23.98 42.45
N HIS M 120 -22.14 25.29 42.49
CA HIS M 120 -23.43 25.76 42.04
C HIS M 120 -23.77 25.15 40.69
N CYS M 121 -22.95 25.45 39.68
CA CYS M 121 -23.20 24.98 38.33
C CYS M 121 -23.15 23.46 38.18
N HIS M 122 -22.20 22.79 38.83
CA HIS M 122 -22.16 21.33 38.81
C HIS M 122 -23.51 20.75 39.23
N GLN M 123 -24.21 21.49 40.08
CA GLN M 123 -25.57 21.14 40.49
C GLN M 123 -26.54 21.48 39.37
N MET M 124 -26.15 22.41 38.50
CA MET M 124 -27.00 22.87 37.40
C MET M 124 -26.76 22.11 36.10
N GLY M 125 -25.95 21.06 36.15
CA GLY M 125 -25.71 20.23 34.99
C GLY M 125 -24.91 20.96 33.93
N VAL M 126 -23.85 21.64 34.36
CA VAL M 126 -22.97 22.39 33.48
C VAL M 126 -21.50 22.34 33.97
N VAL M 127 -20.57 22.15 33.03
CA VAL M 127 -19.13 22.07 33.34
C VAL M 127 -18.34 23.14 32.60
N HIS M 128 -17.48 23.87 33.31
CA HIS M 128 -16.77 24.99 32.71
C HIS M 128 -15.63 24.61 31.75
N ARG M 129 -14.85 23.60 32.13
CA ARG M 129 -13.79 22.99 31.31
C ARG M 129 -12.58 23.86 31.05
N ASN M 130 -12.74 25.17 31.24
CA ASN M 130 -11.61 26.06 31.10
C ASN M 130 -11.47 26.79 32.41
N LEU M 131 -10.61 26.29 33.29
CA LEU M 131 -10.47 26.93 34.59
C LEU M 131 -9.02 27.30 34.67
N LYS M 132 -8.77 28.56 35.01
CA LYS M 132 -7.44 29.06 34.90
C LYS M 132 -7.38 30.47 35.43
N PRO M 133 -6.17 30.91 35.81
CA PRO M 133 -5.96 32.23 36.41
C PRO M 133 -6.66 33.31 35.59
N GLU M 134 -6.48 33.29 34.28
CA GLU M 134 -7.09 34.28 33.43
C GLU M 134 -8.57 34.40 33.77
N ASN M 135 -9.25 33.25 33.80
CA ASN M 135 -10.69 33.14 34.04
C ASN M 135 -11.14 33.47 35.46
N LEU M 136 -10.17 33.75 36.34
CA LEU M 136 -10.47 34.09 37.73
C LEU M 136 -10.24 35.57 38.00
N LEU M 137 -11.30 36.30 38.33
CA LEU M 137 -11.20 37.75 38.49
C LEU M 137 -11.80 38.31 39.79
N LEU M 138 -11.52 39.58 40.09
CA LEU M 138 -11.99 40.21 41.32
C LEU M 138 -13.06 41.28 41.08
N ALA M 139 -14.20 41.11 41.74
CA ALA M 139 -15.37 41.94 41.50
C ALA M 139 -14.91 43.38 41.39
N SER M 140 -14.42 43.91 42.50
CA SER M 140 -13.88 45.24 42.51
C SER M 140 -12.50 45.22 43.13
N LYS M 141 -11.88 46.39 43.21
CA LYS M 141 -10.65 46.55 43.96
C LYS M 141 -11.06 46.95 45.37
N LEU M 142 -12.35 47.17 45.56
CA LEU M 142 -12.88 47.53 46.88
C LEU M 142 -12.67 46.37 47.85
N LYS M 143 -12.44 46.69 49.11
CA LYS M 143 -12.15 45.68 50.13
C LYS M 143 -13.21 44.58 50.16
N GLY M 144 -12.74 43.34 50.30
CA GLY M 144 -13.64 42.20 50.42
C GLY M 144 -14.34 41.86 49.12
N ALA M 145 -13.83 42.40 48.01
CA ALA M 145 -14.39 42.08 46.71
C ALA M 145 -14.34 40.58 46.52
N ALA M 146 -15.30 40.04 45.76
CA ALA M 146 -15.45 38.60 45.62
C ALA M 146 -14.75 38.07 44.40
N VAL M 147 -14.24 36.87 44.51
CA VAL M 147 -13.77 36.15 43.35
C VAL M 147 -14.99 35.72 42.54
N LYS M 148 -14.92 35.91 41.23
CA LYS M 148 -16.01 35.51 40.36
C LYS M 148 -15.48 34.66 39.22
N LEU M 149 -16.11 33.50 39.02
CA LEU M 149 -15.74 32.61 37.91
C LEU M 149 -16.14 33.22 36.58
N ALA M 150 -15.27 33.08 35.58
CA ALA M 150 -15.50 33.67 34.27
C ALA M 150 -16.05 32.59 33.35
N ASP M 151 -17.33 32.74 33.02
CA ASP M 151 -18.00 31.73 32.24
C ASP M 151 -17.66 31.85 30.77
N PHE M 152 -16.97 30.84 30.25
CA PHE M 152 -16.74 30.69 28.83
C PHE M 152 -16.98 29.19 28.64
N GLY M 153 -17.50 28.72 27.49
CA GLY M 153 -17.13 29.18 26.17
C GLY M 153 -16.23 28.09 25.59
N LEU M 154 -15.61 27.30 26.48
CA LEU M 154 -15.57 25.86 26.28
C LEU M 154 -16.29 25.48 27.55
N ALA M 155 -17.59 25.22 27.41
CA ALA M 155 -18.51 25.05 28.51
C ALA M 155 -19.43 23.99 27.96
N ILE M 156 -20.39 23.50 28.73
CA ILE M 156 -21.14 22.33 28.26
C ILE M 156 -22.28 21.99 29.21
N GLU M 157 -23.26 21.23 28.74
CA GLU M 157 -24.32 20.76 29.64
C GLU M 157 -24.38 19.23 29.75
N VAL M 158 -23.96 18.71 30.89
CA VAL M 158 -24.00 17.28 31.13
C VAL M 158 -25.39 16.82 31.57
N GLU M 159 -25.68 15.54 31.40
CA GLU M 159 -26.95 14.99 31.90
C GLU M 159 -26.76 14.31 33.25
N GLY M 160 -27.32 14.92 34.29
CA GLY M 160 -27.14 14.40 35.63
C GLY M 160 -25.65 14.20 35.81
N GLU M 161 -25.28 12.98 36.19
CA GLU M 161 -23.87 12.64 36.36
C GLU M 161 -23.23 11.88 35.20
N GLN M 162 -23.99 11.68 34.11
CA GLN M 162 -23.50 10.92 32.94
C GLN M 162 -22.24 11.50 32.29
N GLN M 163 -21.23 10.65 32.13
CA GLN M 163 -19.95 11.03 31.54
C GLN M 163 -19.94 10.73 30.05
N ALA M 164 -19.35 11.62 29.26
CA ALA M 164 -19.34 11.50 27.80
C ALA M 164 -18.02 12.00 27.22
N TRP M 165 -17.89 11.97 25.89
CA TRP M 165 -16.76 12.65 25.25
C TRP M 165 -17.19 13.96 24.59
N PHE M 166 -16.83 15.06 25.24
CA PHE M 166 -17.25 16.40 24.84
C PHE M 166 -16.16 17.10 24.00
N GLY M 167 -15.13 16.34 23.66
CA GLY M 167 -14.13 16.81 22.73
C GLY M 167 -13.06 17.55 23.48
N PHE M 168 -12.00 17.91 22.76
CA PHE M 168 -10.71 18.22 23.37
C PHE M 168 -10.54 19.73 23.46
N ALA M 169 -10.60 20.23 24.68
CA ALA M 169 -10.71 21.66 24.91
C ALA M 169 -10.04 22.05 26.22
N GLY M 170 -9.72 23.34 26.37
CA GLY M 170 -9.06 23.82 27.57
C GLY M 170 -7.59 24.07 27.32
N THR M 171 -6.88 24.46 28.38
CA THR M 171 -5.46 24.81 28.30
C THR M 171 -4.53 23.70 28.72
N PRO M 172 -3.49 23.42 27.93
CA PRO M 172 -2.62 22.26 28.16
C PRO M 172 -2.26 22.02 29.63
N GLY M 173 -1.95 23.07 30.37
CA GLY M 173 -1.61 22.94 31.78
C GLY M 173 -2.81 22.65 32.64
N TYR M 174 -3.95 23.17 32.23
CA TYR M 174 -5.19 23.04 32.98
C TYR M 174 -6.05 21.82 32.56
N LEU M 175 -5.47 20.96 31.72
CA LEU M 175 -6.16 19.76 31.24
C LEU M 175 -6.01 18.52 32.13
N SER M 176 -7.14 17.95 32.53
CA SER M 176 -7.18 16.67 33.24
C SER M 176 -6.69 15.51 32.38
N PRO M 177 -6.25 14.41 33.01
CA PRO M 177 -5.79 13.22 32.30
C PRO M 177 -6.94 12.50 31.58
N GLU M 178 -8.12 12.43 32.20
CA GLU M 178 -9.20 11.70 31.55
C GLU M 178 -9.45 12.29 30.16
N VAL M 179 -9.24 13.60 30.03
CA VAL M 179 -9.35 14.27 28.73
C VAL M 179 -8.14 14.06 27.84
N LEU M 180 -6.94 13.97 28.43
CA LEU M 180 -5.75 13.69 27.64
C LEU M 180 -5.69 12.23 27.19
N ARG M 181 -6.33 11.35 27.95
CA ARG M 181 -6.39 9.92 27.63
C ARG M 181 -7.42 9.68 26.54
N LYS M 182 -8.17 10.73 26.22
CA LYS M 182 -9.30 10.64 25.31
C LYS M 182 -10.33 9.63 25.81
N ASP M 183 -10.73 9.82 27.07
CA ASP M 183 -11.76 8.99 27.69
C ASP M 183 -12.95 9.90 27.99
N PRO M 184 -14.15 9.32 28.13
CA PRO M 184 -15.30 10.15 28.50
C PRO M 184 -15.03 10.94 29.78
N TYR M 185 -15.64 12.10 29.92
CA TYR M 185 -15.45 12.89 31.14
C TYR M 185 -16.70 13.67 31.55
N GLY M 186 -16.54 14.58 32.51
CA GLY M 186 -17.67 15.24 33.12
C GLY M 186 -17.19 16.26 34.12
N LYS M 187 -18.05 16.56 35.07
CA LYS M 187 -17.74 17.54 36.11
C LYS M 187 -16.31 17.46 36.69
N PRO M 188 -15.79 16.24 36.92
CA PRO M 188 -14.44 16.03 37.46
C PRO M 188 -13.32 16.84 36.79
N VAL M 189 -13.37 16.97 35.47
CA VAL M 189 -12.32 17.69 34.75
C VAL M 189 -12.23 19.13 35.21
N ASP M 190 -13.26 19.58 35.93
CA ASP M 190 -13.22 20.87 36.58
C ASP M 190 -12.49 20.83 37.91
N LEU M 191 -12.69 19.75 38.66
CA LEU M 191 -12.02 19.63 39.95
C LEU M 191 -10.51 19.54 39.79
N TRP M 192 -10.06 18.88 38.72
CA TRP M 192 -8.63 18.71 38.48
C TRP M 192 -7.96 20.04 38.23
N ALA M 193 -8.68 20.95 37.58
CA ALA M 193 -8.15 22.29 37.36
C ALA M 193 -7.90 22.99 38.70
N CYS M 194 -8.91 23.00 39.56
CA CYS M 194 -8.80 23.64 40.87
C CYS M 194 -7.54 23.19 41.60
N GLY M 195 -7.25 21.90 41.46
CA GLY M 195 -6.11 21.29 42.11
C GLY M 195 -4.79 21.81 41.57
N VAL M 196 -4.73 22.05 40.27
CA VAL M 196 -3.56 22.65 39.64
C VAL M 196 -3.54 24.14 39.96
N ILE M 197 -4.72 24.65 40.28
CA ILE M 197 -4.89 26.05 40.68
C ILE M 197 -4.49 26.29 42.14
N LEU M 198 -4.94 25.43 43.04
CA LEU M 198 -4.57 25.57 44.45
C LEU M 198 -3.06 25.56 44.61
N TYR M 199 -2.42 24.60 43.96
CA TYR M 199 -0.99 24.39 44.01
C TYR M 199 -0.21 25.64 43.57
N ILE M 200 -0.76 26.38 42.62
CA ILE M 200 -0.17 27.66 42.25
C ILE M 200 -0.61 28.72 43.25
N LEU M 201 -1.77 28.51 43.84
CA LEU M 201 -2.32 29.41 44.85
C LEU M 201 -1.58 29.29 46.19
N LEU M 202 -0.61 28.37 46.29
CA LEU M 202 0.28 28.31 47.45
C LEU M 202 1.72 28.70 47.10
N VAL M 203 2.40 27.83 46.36
CA VAL M 203 3.81 28.04 46.07
C VAL M 203 4.08 29.01 44.92
N GLY M 204 3.06 29.29 44.11
CA GLY M 204 3.20 30.29 43.05
C GLY M 204 3.98 29.80 41.85
N TYR M 205 3.98 28.48 41.65
CA TYR M 205 4.43 27.88 40.40
C TYR M 205 3.54 26.66 40.15
N PRO M 206 3.41 26.25 38.87
CA PRO M 206 2.50 25.15 38.53
C PRO M 206 3.08 23.76 38.81
N PRO M 207 2.19 22.78 39.07
CA PRO M 207 2.55 21.38 39.35
C PRO M 207 3.11 20.67 38.14
N PHE M 208 2.54 20.95 36.98
CA PHE M 208 3.06 20.35 35.76
C PHE M 208 3.54 21.42 34.79
N TRP M 209 4.61 21.10 34.08
CA TRP M 209 4.98 21.86 32.91
C TRP M 209 6.26 21.32 32.30
N ASP M 210 6.38 21.52 31.00
CA ASP M 210 7.54 21.10 30.24
C ASP M 210 7.45 21.95 28.99
N GLU M 211 8.56 22.16 28.30
CA GLU M 211 8.48 22.94 27.07
C GLU M 211 7.93 22.09 25.93
N ASP M 212 8.37 20.83 25.89
CA ASP M 212 7.78 19.87 24.99
C ASP M 212 6.38 19.61 25.55
N GLN M 213 5.36 19.90 24.76
CA GLN M 213 4.01 19.79 25.28
C GLN M 213 3.59 18.32 25.30
N HIS M 214 4.28 17.50 24.52
CA HIS M 214 4.05 16.07 24.54
C HIS M 214 4.41 15.54 25.92
N ARG M 215 5.44 16.14 26.50
CA ARG M 215 5.94 15.73 27.80
C ARG M 215 5.08 16.28 28.93
N LEU M 216 4.67 17.54 28.81
CA LEU M 216 3.78 18.14 29.81
C LEU M 216 2.55 17.29 30.00
N TYR M 217 2.06 16.74 28.89
CA TYR M 217 0.84 15.96 28.87
C TYR M 217 1.04 14.61 29.52
N GLN M 218 2.27 14.13 29.46
CA GLN M 218 2.62 12.83 29.99
C GLN M 218 2.62 12.90 31.50
N GLN M 219 3.24 13.97 31.99
CA GLN M 219 3.17 14.29 33.40
C GLN M 219 1.70 14.42 33.80
N ILE M 220 0.93 15.18 33.04
CA ILE M 220 -0.48 15.41 33.40
C ILE M 220 -1.31 14.13 33.33
N LYS M 221 -0.90 13.19 32.47
CA LYS M 221 -1.49 11.86 32.41
C LYS M 221 -0.95 10.90 33.46
N ALA M 222 0.26 11.19 33.95
CA ALA M 222 0.93 10.33 34.94
C ALA M 222 0.77 10.84 36.37
N GLY M 223 0.11 11.98 36.52
CA GLY M 223 0.03 12.65 37.80
C GLY M 223 1.38 12.88 38.44
N ALA M 224 2.33 13.42 37.68
CA ALA M 224 3.66 13.59 38.25
C ALA M 224 3.85 15.02 38.76
N TYR M 225 3.73 15.13 40.07
CA TYR M 225 3.89 16.37 40.79
C TYR M 225 4.43 15.92 42.12
N ASP M 226 5.08 16.82 42.82
CA ASP M 226 5.68 16.45 44.07
C ASP M 226 5.77 17.75 44.83
N PHE M 227 6.07 17.65 46.11
CA PHE M 227 6.10 18.83 46.94
C PHE M 227 7.54 19.05 47.35
N PRO M 228 8.29 19.72 46.45
CA PRO M 228 9.72 19.99 46.57
C PRO M 228 10.01 20.85 47.79
N SER M 229 10.96 20.43 48.61
CA SER M 229 11.36 21.18 49.78
C SER M 229 12.28 22.30 49.30
N PRO M 230 12.46 23.36 50.09
CA PRO M 230 11.89 23.84 51.36
C PRO M 230 10.48 24.43 51.28
N GLU M 231 10.11 24.98 50.14
CA GLU M 231 8.91 25.83 50.08
C GLU M 231 7.64 25.14 50.54
N TRP M 232 7.60 23.82 50.39
CA TRP M 232 6.42 23.05 50.74
C TRP M 232 6.50 22.55 52.18
N ASP M 233 7.63 22.81 52.82
CA ASP M 233 7.86 22.33 54.18
C ASP M 233 7.05 23.13 55.17
N THR M 234 6.80 24.39 54.83
CA THR M 234 6.08 25.29 55.72
C THR M 234 4.57 25.18 55.45
N VAL M 235 4.19 24.24 54.58
CA VAL M 235 2.78 24.08 54.20
C VAL M 235 2.05 23.00 54.99
N THR M 236 0.91 23.36 55.57
CA THR M 236 0.12 22.41 56.36
C THR M 236 -0.13 21.13 55.56
N PRO M 237 -0.05 19.98 56.23
CA PRO M 237 -0.32 18.71 55.55
C PRO M 237 -1.77 18.58 55.09
N GLU M 238 -2.65 19.42 55.63
CA GLU M 238 -4.03 19.47 55.16
C GLU M 238 -4.07 20.08 53.76
N ALA M 239 -3.37 21.20 53.60
CA ALA M 239 -3.22 21.80 52.30
C ALA M 239 -2.85 20.68 51.34
N LYS M 240 -1.69 20.07 51.58
CA LYS M 240 -1.22 19.01 50.71
C LYS M 240 -2.21 17.87 50.56
N ASP M 241 -3.11 17.70 51.53
CA ASP M 241 -4.11 16.64 51.43
C ASP M 241 -5.16 16.95 50.37
N LEU M 242 -5.75 18.13 50.44
CA LEU M 242 -6.77 18.49 49.45
C LEU M 242 -6.15 18.28 48.08
N ILE M 243 -4.97 18.88 47.91
CA ILE M 243 -4.26 18.85 46.64
C ILE M 243 -4.15 17.45 46.06
N ASN M 244 -4.00 16.44 46.93
CA ASN M 244 -3.92 15.06 46.47
C ASN M 244 -5.29 14.51 46.11
N LYS M 245 -6.33 15.09 46.70
CA LYS M 245 -7.70 14.63 46.46
C LYS M 245 -8.25 15.15 45.13
N MET M 246 -7.85 16.35 44.74
CA MET M 246 -8.26 16.94 43.47
C MET M 246 -7.43 16.39 42.32
N LEU M 247 -6.15 16.19 42.61
CA LEU M 247 -5.12 15.85 41.64
C LEU M 247 -5.09 14.34 41.40
N THR M 248 -6.15 13.68 41.86
CA THR M 248 -6.41 12.27 41.61
C THR M 248 -6.66 11.94 40.12
N ILE M 249 -5.87 11.01 39.61
CA ILE M 249 -5.90 10.58 38.21
C ILE M 249 -7.26 9.99 37.79
N ASN M 250 -7.81 9.11 38.62
CA ASN M 250 -9.11 8.51 38.33
C ASN M 250 -10.26 9.43 38.72
N PRO M 251 -11.03 9.92 37.74
CA PRO M 251 -12.10 10.88 38.01
C PRO M 251 -13.19 10.34 38.94
N SER M 252 -13.40 9.03 38.93
CA SER M 252 -14.43 8.43 39.76
C SER M 252 -14.01 8.43 41.22
N LYS M 253 -12.70 8.43 41.43
CA LYS M 253 -12.15 8.51 42.77
C LYS M 253 -11.90 9.96 43.17
N ARG M 254 -11.95 10.87 42.19
CA ARG M 254 -11.65 12.28 42.41
C ARG M 254 -12.67 12.96 43.32
N ILE M 255 -12.18 13.71 44.30
CA ILE M 255 -13.03 14.44 45.23
C ILE M 255 -14.01 15.32 44.47
N THR M 256 -15.29 15.24 44.82
CA THR M 256 -16.28 16.07 44.14
C THR M 256 -16.12 17.49 44.64
N ALA M 257 -16.86 18.43 44.04
CA ALA M 257 -16.78 19.81 44.48
C ALA M 257 -17.51 19.95 45.80
N ALA M 258 -18.57 19.17 45.97
CA ALA M 258 -19.33 19.20 47.21
C ALA M 258 -18.47 18.72 48.37
N GLU M 259 -17.67 17.70 48.11
CA GLU M 259 -16.78 17.14 49.12
C GLU M 259 -15.65 18.10 49.49
N ALA M 260 -15.21 18.90 48.52
CA ALA M 260 -14.06 19.78 48.72
C ALA M 260 -14.37 21.00 49.56
N LEU M 261 -15.66 21.31 49.67
CA LEU M 261 -16.10 22.43 50.50
C LEU M 261 -16.19 22.02 51.96
N LYS M 262 -16.71 20.82 52.18
CA LYS M 262 -16.87 20.28 53.53
C LYS M 262 -15.52 20.04 54.18
N HIS M 263 -14.63 19.32 53.51
CA HIS M 263 -13.27 19.22 54.03
C HIS M 263 -12.75 20.63 53.92
N PRO M 264 -12.56 21.29 55.08
CA PRO M 264 -12.01 22.63 55.17
C PRO M 264 -10.53 22.73 55.53
N TRP M 265 -9.56 22.34 54.70
CA TRP M 265 -8.22 22.82 54.99
C TRP M 265 -8.35 24.30 54.69
N ILE M 266 -9.53 24.66 54.17
CA ILE M 266 -9.86 26.04 53.82
C ILE M 266 -10.70 26.74 54.88
N SER M 267 -11.88 26.20 55.16
CA SER M 267 -12.79 26.81 56.12
C SER M 267 -12.27 26.71 57.57
N HIS M 268 -11.80 25.52 57.96
CA HIS M 268 -11.22 25.30 59.30
C HIS M 268 -9.75 25.66 59.48
N ARG M 269 -8.97 25.66 58.41
CA ARG M 269 -7.61 26.16 58.50
C ARG M 269 -7.61 27.67 58.36
N SER M 270 -8.70 28.19 57.77
CA SER M 270 -9.06 29.59 57.92
C SER M 270 -9.13 29.78 59.43
N THR M 271 -9.77 28.79 60.06
CA THR M 271 -9.80 28.68 61.50
C THR M 271 -8.44 28.16 62.02
N VAL M 272 -7.92 27.07 61.48
CA VAL M 272 -6.63 26.53 61.96
C VAL M 272 -5.25 26.59 61.21
N ALA M 273 -5.10 27.17 60.01
CA ALA M 273 -3.81 27.02 59.25
C ALA M 273 -2.65 28.05 59.35
N SER M 274 -1.60 27.84 58.55
CA SER M 274 -0.42 28.73 58.57
C SER M 274 -0.64 30.07 57.88
N CYS M 275 -0.42 31.16 58.60
CA CYS M 275 -0.52 32.50 58.03
C CYS M 275 0.82 33.14 57.64
N MET M 276 1.95 32.47 57.88
CA MET M 276 3.23 33.14 57.63
C MET M 276 3.28 33.69 56.20
N HIS M 277 3.51 35.00 56.10
CA HIS M 277 3.43 35.66 54.81
C HIS M 277 4.59 35.10 54.02
N ARG M 278 4.29 34.47 52.89
CA ARG M 278 5.37 33.86 52.14
C ARG M 278 5.66 34.83 51.02
N GLN M 279 6.76 35.56 51.14
CA GLN M 279 7.04 36.65 50.22
C GLN M 279 7.66 36.09 48.96
N GLU M 280 8.50 35.08 49.14
CA GLU M 280 9.14 34.43 48.01
C GLU M 280 8.11 33.82 47.07
N THR M 281 7.16 33.06 47.62
CA THR M 281 6.11 32.47 46.77
C THR M 281 5.42 33.55 45.97
N VAL M 282 5.08 34.64 46.64
CA VAL M 282 4.33 35.71 46.01
C VAL M 282 5.13 36.26 44.84
N ASP M 283 6.42 36.44 45.04
CA ASP M 283 7.29 36.94 43.97
C ASP M 283 7.30 36.01 42.76
N CYS M 284 7.63 34.75 42.97
CA CYS M 284 7.62 33.75 41.90
C CYS M 284 6.31 33.84 41.14
N LEU M 285 5.22 33.86 41.90
CA LEU M 285 3.88 33.98 41.35
C LEU M 285 3.81 35.10 40.33
N LYS M 286 4.06 36.32 40.79
CA LYS M 286 4.04 37.50 39.93
C LYS M 286 4.83 37.28 38.64
N LYS M 287 6.04 36.71 38.78
CA LYS M 287 6.89 36.43 37.62
C LYS M 287 6.20 35.49 36.63
N PHE M 288 5.73 34.35 37.13
CA PHE M 288 4.99 33.40 36.32
C PHE M 288 3.89 34.11 35.54
N ASN M 289 3.11 34.93 36.25
CA ASN M 289 2.02 35.69 35.64
C ASN M 289 2.45 36.46 34.41
N ALA M 290 3.46 37.31 34.58
CA ALA M 290 3.97 38.09 33.46
C ALA M 290 4.36 37.18 32.30
N ARG M 291 5.05 36.09 32.63
CA ARG M 291 5.48 35.13 31.62
C ARG M 291 4.30 34.59 30.81
N ARG M 292 3.30 34.04 31.51
CA ARG M 292 2.12 33.47 30.86
C ARG M 292 1.33 34.50 30.06
N LYS M 293 1.36 35.76 30.50
CA LYS M 293 0.69 36.82 29.77
C LYS M 293 1.38 37.00 28.41
N LEU M 294 2.71 37.05 28.43
CA LEU M 294 3.50 37.22 27.22
C LEU M 294 3.63 35.91 26.43
N LYS M 295 3.80 34.80 27.15
CA LYS M 295 3.98 33.49 26.52
C LYS M 295 2.66 32.87 26.07
N GLY M 296 1.59 33.09 26.83
CA GLY M 296 0.30 32.52 26.55
C GLY M 296 -0.36 33.24 25.38
#